data_2DNH
#
_entry.id   2DNH
#
_entity_poly.entity_id   1
_entity_poly.type   'polypeptide(L)'
_entity_poly.pdbx_seq_one_letter_code
;GSSGSSGSESRGGRDRKLFVGMLNKQQSEEDVLRLFQPFGVIDECTVLRGPDGSSKGCAFVKFSSHTEAQAAIHALHGSQ
TMPGASSSLVVKFADTDKESGPSSG
;
_entity_poly.pdbx_strand_id   A
#
# COMPACT_ATOMS: atom_id res chain seq x y z
N GLY A 1 26.50 -10.31 -12.97
CA GLY A 1 25.23 -9.90 -12.43
C GLY A 1 25.24 -8.44 -11.99
N SER A 2 25.70 -7.56 -12.86
CA SER A 2 25.77 -6.13 -12.55
C SER A 2 24.54 -5.69 -11.76
N SER A 3 24.74 -5.42 -10.48
CA SER A 3 23.65 -4.99 -9.61
C SER A 3 23.26 -3.54 -9.91
N GLY A 4 21.96 -3.27 -9.89
CA GLY A 4 21.48 -1.93 -10.16
C GLY A 4 21.74 -1.49 -11.59
N SER A 5 21.32 -0.27 -11.92
CA SER A 5 21.52 0.27 -13.27
C SER A 5 21.24 1.77 -13.30
N SER A 6 21.45 2.38 -14.45
CA SER A 6 21.22 3.81 -14.62
C SER A 6 20.85 4.14 -16.06
N GLY A 7 19.95 5.11 -16.23
CA GLY A 7 19.53 5.50 -17.56
C GLY A 7 18.64 6.74 -17.54
N SER A 8 18.11 7.10 -18.71
CA SER A 8 17.25 8.26 -18.82
C SER A 8 16.05 8.15 -17.90
N GLU A 9 15.55 9.29 -17.43
CA GLU A 9 14.40 9.32 -16.53
C GLU A 9 13.46 10.46 -16.89
N SER A 10 12.30 10.11 -17.44
CA SER A 10 11.31 11.12 -17.83
C SER A 10 10.75 11.83 -16.61
N ARG A 11 10.05 12.94 -16.85
CA ARG A 11 9.47 13.72 -15.77
C ARG A 11 8.17 13.09 -15.28
N GLY A 12 8.05 12.91 -13.97
CA GLY A 12 6.84 12.32 -13.41
C GLY A 12 6.81 12.42 -11.90
N GLY A 13 7.96 12.21 -11.26
CA GLY A 13 8.03 12.27 -9.81
C GLY A 13 8.01 10.90 -9.16
N ARG A 14 8.28 10.86 -7.86
CA ARG A 14 8.29 9.60 -7.13
C ARG A 14 7.19 9.58 -6.07
N ASP A 15 6.27 8.63 -6.22
CA ASP A 15 5.16 8.50 -5.29
C ASP A 15 5.53 7.56 -4.14
N ARG A 16 5.81 8.13 -2.97
CA ARG A 16 6.18 7.36 -1.80
C ARG A 16 4.94 6.95 -1.00
N LYS A 17 3.83 6.78 -1.70
CA LYS A 17 2.58 6.39 -1.06
C LYS A 17 2.16 4.99 -1.48
N LEU A 18 1.34 4.34 -0.65
CA LEU A 18 0.87 2.99 -0.93
C LEU A 18 -0.64 2.90 -0.77
N PHE A 19 -1.25 1.96 -1.48
CA PHE A 19 -2.69 1.76 -1.42
C PHE A 19 -3.04 0.39 -0.84
N VAL A 20 -3.55 0.38 0.38
CA VAL A 20 -3.92 -0.87 1.04
C VAL A 20 -5.41 -1.12 0.95
N GLY A 21 -5.79 -2.39 0.83
CA GLY A 21 -7.19 -2.74 0.72
C GLY A 21 -7.54 -3.97 1.55
N MET A 22 -8.76 -4.47 1.37
CA MET A 22 -9.22 -5.65 2.11
C MET A 22 -9.03 -5.44 3.62
N LEU A 23 -9.56 -4.34 4.12
CA LEU A 23 -9.46 -4.03 5.54
C LEU A 23 -10.83 -3.97 6.19
N ASN A 24 -10.87 -4.19 7.50
CA ASN A 24 -12.13 -4.17 8.24
C ASN A 24 -12.38 -2.79 8.84
N LYS A 25 -13.54 -2.62 9.46
CA LYS A 25 -13.91 -1.35 10.08
C LYS A 25 -13.51 -1.33 11.55
N GLN A 26 -12.63 -2.24 11.93
CA GLN A 26 -12.17 -2.33 13.31
C GLN A 26 -10.73 -1.84 13.43
N GLN A 27 -10.05 -1.71 12.30
CA GLN A 27 -8.67 -1.26 12.28
C GLN A 27 -8.59 0.26 12.16
N SER A 28 -7.52 0.84 12.68
CA SER A 28 -7.32 2.28 12.64
C SER A 28 -5.92 2.63 12.16
N GLU A 29 -5.71 3.90 11.81
CA GLU A 29 -4.42 4.36 11.34
C GLU A 29 -3.30 3.84 12.22
N GLU A 30 -3.47 3.96 13.53
CA GLU A 30 -2.47 3.49 14.49
C GLU A 30 -2.13 2.03 14.25
N ASP A 31 -3.16 1.18 14.22
CA ASP A 31 -2.97 -0.25 14.02
C ASP A 31 -1.97 -0.49 12.89
N VAL A 32 -2.33 -0.08 11.68
CA VAL A 32 -1.45 -0.28 10.53
C VAL A 32 -0.08 0.31 10.78
N LEU A 33 -0.02 1.63 10.97
CA LEU A 33 1.25 2.31 11.22
C LEU A 33 2.10 1.52 12.21
N ARG A 34 1.45 0.91 13.19
CA ARG A 34 2.15 0.11 14.20
C ARG A 34 2.72 -1.16 13.59
N LEU A 35 1.95 -1.79 12.71
CA LEU A 35 2.39 -3.02 12.06
C LEU A 35 3.24 -2.72 10.83
N PHE A 36 3.29 -1.43 10.46
CA PHE A 36 4.07 -1.01 9.31
C PHE A 36 5.41 -0.43 9.74
N GLN A 37 5.40 0.29 10.85
CA GLN A 37 6.62 0.90 11.37
C GLN A 37 7.77 -0.10 11.38
N PRO A 38 7.51 -1.31 11.88
CA PRO A 38 8.50 -2.38 11.96
C PRO A 38 9.26 -2.56 10.64
N PHE A 39 8.70 -2.02 9.56
CA PHE A 39 9.33 -2.12 8.26
C PHE A 39 10.02 -0.82 7.88
N GLY A 40 9.45 0.30 8.30
CA GLY A 40 10.02 1.60 7.99
C GLY A 40 9.28 2.73 8.67
N VAL A 41 9.93 3.89 8.77
CA VAL A 41 9.33 5.06 9.39
C VAL A 41 8.30 5.70 8.47
N ILE A 42 7.03 5.37 8.69
CA ILE A 42 5.95 5.92 7.87
C ILE A 42 5.80 7.42 8.09
N ASP A 43 5.61 8.16 6.99
CA ASP A 43 5.46 9.60 7.06
C ASP A 43 4.03 9.98 7.43
N GLU A 44 3.07 9.60 6.59
CA GLU A 44 1.67 9.90 6.83
C GLU A 44 0.79 8.70 6.47
N CYS A 45 -0.27 8.49 7.24
CA CYS A 45 -1.19 7.39 6.99
C CYS A 45 -2.63 7.86 7.09
N THR A 46 -3.45 7.41 6.13
CA THR A 46 -4.86 7.79 6.09
C THR A 46 -5.73 6.61 5.72
N VAL A 47 -7.01 6.68 6.09
CA VAL A 47 -7.96 5.61 5.79
C VAL A 47 -9.13 6.12 4.95
N LEU A 48 -9.42 5.41 3.86
CA LEU A 48 -10.51 5.79 2.98
C LEU A 48 -11.87 5.52 3.62
N ARG A 49 -12.85 6.34 3.29
CA ARG A 49 -14.19 6.18 3.85
C ARG A 49 -15.24 6.65 2.84
N GLY A 50 -16.50 6.29 3.10
CA GLY A 50 -17.58 6.68 2.21
C GLY A 50 -18.36 7.86 2.74
N PRO A 51 -19.58 8.06 2.20
CA PRO A 51 -20.45 9.17 2.60
C PRO A 51 -21.13 8.92 3.95
N ASP A 52 -21.76 7.75 4.08
CA ASP A 52 -22.44 7.39 5.31
C ASP A 52 -21.46 7.36 6.49
N GLY A 53 -20.26 6.85 6.24
CA GLY A 53 -19.25 6.76 7.29
C GLY A 53 -18.79 5.34 7.53
N SER A 54 -18.63 4.58 6.46
CA SER A 54 -18.18 3.20 6.56
C SER A 54 -16.90 2.97 5.76
N SER A 55 -15.84 2.59 6.47
CA SER A 55 -14.54 2.35 5.83
C SER A 55 -14.71 1.43 4.63
N LYS A 56 -14.03 1.78 3.54
CA LYS A 56 -14.08 0.98 2.31
C LYS A 56 -13.08 -0.17 2.37
N GLY A 57 -12.51 -0.41 3.55
CA GLY A 57 -11.55 -1.48 3.71
C GLY A 57 -10.23 -1.18 3.04
N CYS A 58 -9.96 0.11 2.82
CA CYS A 58 -8.72 0.53 2.18
C CYS A 58 -8.13 1.73 2.89
N ALA A 59 -6.83 1.96 2.69
CA ALA A 59 -6.14 3.08 3.31
C ALA A 59 -4.87 3.44 2.54
N PHE A 60 -4.38 4.65 2.77
CA PHE A 60 -3.17 5.12 2.10
C PHE A 60 -2.02 5.27 3.09
N VAL A 61 -0.92 4.56 2.83
CA VAL A 61 0.24 4.62 3.70
C VAL A 61 1.47 5.12 2.95
N LYS A 62 2.06 6.20 3.45
CA LYS A 62 3.24 6.79 2.83
C LYS A 62 4.48 6.60 3.70
N PHE A 63 5.56 6.12 3.10
CA PHE A 63 6.80 5.91 3.83
C PHE A 63 7.80 7.03 3.56
N SER A 64 8.86 7.09 4.37
CA SER A 64 9.87 8.11 4.23
C SER A 64 10.64 7.94 2.92
N SER A 65 10.86 6.69 2.53
CA SER A 65 11.58 6.37 1.31
C SER A 65 10.85 5.31 0.50
N HIS A 66 11.26 5.15 -0.76
CA HIS A 66 10.64 4.16 -1.64
C HIS A 66 10.93 2.74 -1.15
N THR A 67 12.21 2.43 -0.99
CA THR A 67 12.62 1.11 -0.54
C THR A 67 11.75 0.62 0.62
N GLU A 68 11.65 1.45 1.66
CA GLU A 68 10.84 1.11 2.83
C GLU A 68 9.44 0.64 2.41
N ALA A 69 8.82 1.41 1.52
CA ALA A 69 7.48 1.08 1.04
C ALA A 69 7.47 -0.29 0.36
N GLN A 70 8.37 -0.47 -0.60
CA GLN A 70 8.46 -1.72 -1.33
C GLN A 70 8.41 -2.91 -0.38
N ALA A 71 9.14 -2.81 0.73
CA ALA A 71 9.18 -3.87 1.72
C ALA A 71 7.80 -4.09 2.35
N ALA A 72 7.31 -3.08 3.05
CA ALA A 72 6.00 -3.16 3.69
C ALA A 72 4.99 -3.88 2.80
N ILE A 73 5.08 -3.65 1.50
CA ILE A 73 4.19 -4.28 0.54
C ILE A 73 4.36 -5.79 0.54
N HIS A 74 5.47 -6.25 -0.04
CA HIS A 74 5.77 -7.68 -0.11
C HIS A 74 5.79 -8.30 1.28
N ALA A 75 5.83 -7.45 2.30
CA ALA A 75 5.86 -7.92 3.68
C ALA A 75 4.44 -8.15 4.20
N LEU A 76 3.53 -7.26 3.84
CA LEU A 76 2.14 -7.36 4.28
C LEU A 76 1.20 -7.50 3.09
N HIS A 77 1.75 -7.95 1.96
CA HIS A 77 0.96 -8.12 0.75
C HIS A 77 0.21 -9.44 0.76
N GLY A 78 -1.10 -9.38 0.60
CA GLY A 78 -1.91 -10.59 0.60
C GLY A 78 -1.39 -11.64 1.55
N SER A 79 -0.78 -11.19 2.65
CA SER A 79 -0.23 -12.10 3.65
C SER A 79 -1.18 -12.26 4.83
N GLN A 80 -1.86 -11.17 5.17
CA GLN A 80 -2.79 -11.18 6.29
C GLN A 80 -4.24 -11.31 5.80
N THR A 81 -5.13 -11.72 6.69
CA THR A 81 -6.53 -11.89 6.34
C THR A 81 -7.44 -11.28 7.40
N MET A 82 -7.57 -9.96 7.39
CA MET A 82 -8.41 -9.26 8.35
C MET A 82 -9.70 -10.03 8.60
N PRO A 83 -10.11 -10.07 9.88
CA PRO A 83 -11.33 -10.78 10.28
C PRO A 83 -12.53 -10.41 9.41
N GLY A 84 -13.42 -11.37 9.21
CA GLY A 84 -14.60 -11.13 8.39
C GLY A 84 -14.32 -11.30 6.91
N ALA A 85 -13.11 -10.95 6.49
CA ALA A 85 -12.72 -11.07 5.09
C ALA A 85 -12.04 -12.40 4.83
N SER A 86 -12.44 -13.06 3.74
CA SER A 86 -11.85 -14.35 3.37
C SER A 86 -10.66 -14.17 2.46
N SER A 87 -10.45 -12.93 2.01
CA SER A 87 -9.33 -12.62 1.12
C SER A 87 -8.18 -12.00 1.90
N SER A 88 -6.98 -12.03 1.31
CA SER A 88 -5.80 -11.48 1.94
C SER A 88 -5.70 -9.98 1.68
N LEU A 89 -4.94 -9.28 2.53
CA LEU A 89 -4.77 -7.85 2.40
C LEU A 89 -4.18 -7.50 1.03
N VAL A 90 -4.66 -6.39 0.45
CA VAL A 90 -4.18 -5.95 -0.85
C VAL A 90 -3.36 -4.67 -0.72
N VAL A 91 -2.05 -4.80 -0.85
CA VAL A 91 -1.15 -3.66 -0.74
C VAL A 91 -0.42 -3.42 -2.07
N LYS A 92 -0.61 -2.23 -2.64
CA LYS A 92 0.03 -1.88 -3.89
C LYS A 92 0.11 -0.36 -4.06
N PHE A 93 1.13 0.10 -4.76
CA PHE A 93 1.32 1.53 -5.00
C PHE A 93 0.02 2.18 -5.46
N ALA A 94 -0.17 3.44 -5.08
CA ALA A 94 -1.37 4.17 -5.46
C ALA A 94 -1.39 4.47 -6.96
N ASP A 95 -0.21 4.75 -7.51
CA ASP A 95 -0.08 5.06 -8.93
C ASP A 95 0.86 4.08 -9.61
N THR A 96 0.37 2.88 -9.90
CA THR A 96 1.18 1.85 -10.55
C THR A 96 1.69 2.33 -11.90
N ASP A 97 0.81 2.40 -12.88
CA ASP A 97 1.16 2.84 -14.22
C ASP A 97 0.39 4.09 -14.61
N LYS A 98 0.33 5.06 -13.70
CA LYS A 98 -0.38 6.30 -13.94
C LYS A 98 0.57 7.50 -13.90
N GLU A 99 1.18 7.79 -15.04
CA GLU A 99 2.12 8.91 -15.13
C GLU A 99 1.55 10.02 -16.02
N SER A 100 1.20 11.14 -15.40
CA SER A 100 0.65 12.27 -16.13
C SER A 100 1.75 13.07 -16.83
N GLY A 101 1.96 12.77 -18.11
CA GLY A 101 2.98 13.46 -18.87
C GLY A 101 3.18 12.87 -20.25
N PRO A 102 3.53 13.71 -21.23
CA PRO A 102 3.76 13.29 -22.60
C PRO A 102 5.11 12.60 -22.79
N SER A 103 5.11 11.46 -23.47
CA SER A 103 6.34 10.71 -23.72
C SER A 103 7.16 11.35 -24.82
N SER A 104 6.50 11.72 -25.91
CA SER A 104 7.16 12.34 -27.05
C SER A 104 7.02 13.85 -26.99
N GLY A 105 5.79 14.33 -27.02
CA GLY A 105 5.53 15.77 -26.97
C GLY A 105 5.47 16.38 -28.35
N GLY A 1 9.37 -20.05 -5.41
CA GLY A 1 10.56 -19.56 -4.73
C GLY A 1 11.46 -18.74 -5.64
N SER A 2 12.62 -18.37 -5.14
CA SER A 2 13.58 -17.59 -5.92
C SER A 2 12.97 -16.23 -6.31
N SER A 3 12.28 -15.62 -5.36
CA SER A 3 11.64 -14.32 -5.61
C SER A 3 12.69 -13.21 -5.65
N GLY A 4 12.74 -12.51 -6.77
CA GLY A 4 13.71 -11.43 -6.93
C GLY A 4 14.06 -11.18 -8.38
N SER A 5 13.90 -9.93 -8.81
CA SER A 5 14.21 -9.55 -10.18
C SER A 5 14.40 -8.04 -10.31
N SER A 6 15.20 -7.63 -11.29
CA SER A 6 15.47 -6.21 -11.51
C SER A 6 15.06 -5.80 -12.92
N GLY A 7 14.48 -4.62 -13.05
CA GLY A 7 14.06 -4.12 -14.34
C GLY A 7 14.55 -2.72 -14.62
N SER A 8 14.19 -2.19 -15.79
CA SER A 8 14.62 -0.85 -16.18
C SER A 8 13.65 0.21 -15.66
N GLU A 9 13.88 0.67 -14.43
CA GLU A 9 13.03 1.68 -13.82
C GLU A 9 13.77 3.00 -13.68
N SER A 10 13.71 3.82 -14.72
CA SER A 10 14.37 5.11 -14.73
C SER A 10 13.84 6.00 -13.60
N ARG A 11 14.73 6.46 -12.74
CA ARG A 11 14.34 7.32 -11.62
C ARG A 11 13.65 8.58 -12.12
N GLY A 12 12.39 8.74 -11.73
CA GLY A 12 11.62 9.90 -12.15
C GLY A 12 10.44 10.18 -11.24
N GLY A 13 10.69 10.24 -9.94
CA GLY A 13 9.63 10.49 -9.00
C GLY A 13 9.43 9.35 -8.03
N ARG A 14 9.53 9.64 -6.73
CA ARG A 14 9.36 8.62 -5.70
C ARG A 14 8.10 8.89 -4.87
N ASP A 15 6.94 8.69 -5.50
CA ASP A 15 5.66 8.90 -4.82
C ASP A 15 5.76 8.52 -3.35
N ARG A 16 6.39 7.39 -3.08
CA ARG A 16 6.54 6.91 -1.71
C ARG A 16 5.18 6.71 -1.04
N LYS A 17 4.18 6.39 -1.85
CA LYS A 17 2.83 6.17 -1.34
C LYS A 17 2.39 4.72 -1.54
N LEU A 18 1.49 4.26 -0.69
CA LEU A 18 0.99 2.89 -0.78
C LEU A 18 -0.53 2.84 -0.62
N PHE A 19 -1.16 1.88 -1.29
CA PHE A 19 -2.61 1.73 -1.22
C PHE A 19 -2.99 0.39 -0.63
N VAL A 20 -3.55 0.41 0.57
CA VAL A 20 -3.96 -0.80 1.26
C VAL A 20 -5.44 -1.09 1.03
N GLY A 21 -5.77 -2.36 0.81
CA GLY A 21 -7.15 -2.74 0.58
C GLY A 21 -7.53 -3.99 1.34
N MET A 22 -8.80 -4.39 1.21
CA MET A 22 -9.29 -5.59 1.88
C MET A 22 -9.21 -5.43 3.40
N LEU A 23 -9.63 -4.27 3.88
CA LEU A 23 -9.59 -3.99 5.32
C LEU A 23 -10.99 -4.12 5.93
N ASN A 24 -11.04 -4.43 7.22
CA ASN A 24 -12.31 -4.57 7.93
C ASN A 24 -12.54 -3.40 8.88
N LYS A 25 -13.77 -3.32 9.41
CA LYS A 25 -14.12 -2.25 10.33
C LYS A 25 -13.58 -2.53 11.73
N GLN A 26 -12.32 -2.94 11.79
CA GLN A 26 -11.68 -3.25 13.06
C GLN A 26 -10.30 -2.59 13.16
N GLN A 27 -9.62 -2.49 12.03
CA GLN A 27 -8.30 -1.87 11.98
C GLN A 27 -8.40 -0.37 11.80
N SER A 28 -7.46 0.37 12.38
CA SER A 28 -7.45 1.82 12.28
C SER A 28 -6.10 2.32 11.77
N GLU A 29 -5.96 3.64 11.69
CA GLU A 29 -4.72 4.25 11.21
C GLU A 29 -3.54 3.82 12.08
N GLU A 30 -3.73 3.88 13.40
CA GLU A 30 -2.68 3.51 14.33
C GLU A 30 -2.21 2.08 14.09
N ASP A 31 -3.15 1.15 14.06
CA ASP A 31 -2.85 -0.25 13.83
C ASP A 31 -1.81 -0.41 12.72
N VAL A 32 -2.21 -0.06 11.50
CA VAL A 32 -1.31 -0.15 10.35
C VAL A 32 0.04 0.46 10.65
N LEU A 33 0.05 1.77 10.91
CA LEU A 33 1.29 2.48 11.21
C LEU A 33 2.14 1.69 12.20
N ARG A 34 1.50 1.09 13.18
CA ARG A 34 2.20 0.29 14.19
C ARG A 34 2.76 -0.99 13.58
N LEU A 35 1.98 -1.61 12.71
CA LEU A 35 2.40 -2.84 12.05
C LEU A 35 3.24 -2.54 10.82
N PHE A 36 3.30 -1.27 10.44
CA PHE A 36 4.07 -0.85 9.28
C PHE A 36 5.42 -0.27 9.71
N GLN A 37 5.42 0.43 10.84
CA GLN A 37 6.63 1.04 11.35
C GLN A 37 7.79 0.05 11.34
N PRO A 38 7.53 -1.16 11.83
CA PRO A 38 8.54 -2.23 11.89
C PRO A 38 9.28 -2.38 10.56
N PHE A 39 8.72 -1.84 9.49
CA PHE A 39 9.33 -1.93 8.17
C PHE A 39 10.04 -0.62 7.83
N GLY A 40 9.36 0.50 8.06
CA GLY A 40 9.94 1.80 7.77
C GLY A 40 9.25 2.93 8.50
N VAL A 41 9.92 4.07 8.62
CA VAL A 41 9.37 5.22 9.30
C VAL A 41 8.33 5.93 8.44
N ILE A 42 7.06 5.59 8.65
CA ILE A 42 5.97 6.19 7.90
C ILE A 42 5.88 7.69 8.15
N ASP A 43 5.56 8.45 7.12
CA ASP A 43 5.43 9.89 7.22
C ASP A 43 4.00 10.29 7.58
N GLU A 44 3.05 9.86 6.76
CA GLU A 44 1.64 10.17 6.99
C GLU A 44 0.76 9.01 6.56
N CYS A 45 -0.28 8.74 7.35
CA CYS A 45 -1.21 7.66 7.06
C CYS A 45 -2.66 8.14 7.16
N THR A 46 -3.52 7.63 6.29
CA THR A 46 -4.93 8.00 6.28
C THR A 46 -5.79 6.87 5.74
N VAL A 47 -6.97 6.71 6.33
CA VAL A 47 -7.89 5.67 5.90
C VAL A 47 -9.14 6.26 5.26
N LEU A 48 -9.54 5.70 4.12
CA LEU A 48 -10.71 6.18 3.41
C LEU A 48 -11.99 5.70 4.08
N ARG A 49 -13.03 6.55 4.07
CA ARG A 49 -14.30 6.21 4.69
C ARG A 49 -15.46 6.53 3.75
N GLY A 50 -16.67 6.16 4.16
CA GLY A 50 -17.84 6.41 3.34
C GLY A 50 -18.63 7.61 3.81
N PRO A 51 -19.91 7.68 3.42
CA PRO A 51 -20.81 8.78 3.80
C PRO A 51 -21.30 8.66 5.24
N ASP A 52 -21.20 7.45 5.78
CA ASP A 52 -21.63 7.20 7.16
C ASP A 52 -20.51 6.58 7.99
N GLY A 53 -19.28 6.96 7.68
CA GLY A 53 -18.13 6.44 8.40
C GLY A 53 -17.70 5.08 7.88
N SER A 54 -18.68 4.24 7.55
CA SER A 54 -18.40 2.90 7.05
C SER A 54 -17.14 2.90 6.19
N SER A 55 -16.03 2.42 6.76
CA SER A 55 -14.76 2.36 6.05
C SER A 55 -14.90 1.59 4.74
N LYS A 56 -14.26 2.08 3.70
CA LYS A 56 -14.32 1.44 2.38
C LYS A 56 -13.29 0.31 2.29
N GLY A 57 -12.75 -0.08 3.45
CA GLY A 57 -11.77 -1.16 3.48
C GLY A 57 -10.52 -0.81 2.69
N CYS A 58 -10.16 0.46 2.67
CA CYS A 58 -8.98 0.91 1.95
C CYS A 58 -8.33 2.11 2.65
N ALA A 59 -7.04 2.28 2.44
CA ALA A 59 -6.30 3.38 3.05
C ALA A 59 -5.01 3.67 2.29
N PHE A 60 -4.29 4.70 2.72
CA PHE A 60 -3.04 5.09 2.08
C PHE A 60 -1.93 5.25 3.11
N VAL A 61 -0.73 4.82 2.74
CA VAL A 61 0.42 4.91 3.63
C VAL A 61 1.64 5.45 2.90
N LYS A 62 2.27 6.47 3.46
CA LYS A 62 3.45 7.08 2.86
C LYS A 62 4.69 6.82 3.71
N PHE A 63 5.77 6.41 3.05
CA PHE A 63 7.03 6.13 3.75
C PHE A 63 8.07 7.20 3.45
N SER A 64 9.13 7.22 4.26
CA SER A 64 10.20 8.21 4.09
C SER A 64 10.99 7.92 2.81
N SER A 65 11.01 6.66 2.40
CA SER A 65 11.73 6.26 1.20
C SER A 65 10.98 5.16 0.45
N HIS A 66 11.29 5.01 -0.82
CA HIS A 66 10.64 3.99 -1.65
C HIS A 66 10.91 2.59 -1.09
N THR A 67 12.18 2.24 -0.97
CA THR A 67 12.57 0.93 -0.45
C THR A 67 11.65 0.50 0.70
N GLU A 68 11.61 1.30 1.75
CA GLU A 68 10.78 1.00 2.90
C GLU A 68 9.42 0.46 2.47
N ALA A 69 8.75 1.20 1.60
CA ALA A 69 7.44 0.80 1.10
C ALA A 69 7.51 -0.56 0.42
N GLN A 70 8.37 -0.69 -0.58
CA GLN A 70 8.52 -1.96 -1.30
C GLN A 70 8.42 -3.13 -0.35
N ALA A 71 9.12 -3.05 0.78
CA ALA A 71 9.11 -4.11 1.77
C ALA A 71 7.73 -4.26 2.40
N ALA A 72 7.30 -3.25 3.15
CA ALA A 72 6.01 -3.27 3.80
C ALA A 72 4.94 -3.91 2.90
N ILE A 73 5.16 -3.81 1.59
CA ILE A 73 4.23 -4.38 0.63
C ILE A 73 4.35 -5.90 0.58
N HIS A 74 5.45 -6.38 0.01
CA HIS A 74 5.70 -7.82 -0.10
C HIS A 74 5.72 -8.47 1.28
N ALA A 75 5.77 -7.65 2.32
CA ALA A 75 5.80 -8.14 3.69
C ALA A 75 4.39 -8.29 4.25
N LEU A 76 3.49 -7.43 3.79
CA LEU A 76 2.10 -7.47 4.25
C LEU A 76 1.14 -7.56 3.06
N HIS A 77 1.65 -8.02 1.93
CA HIS A 77 0.84 -8.17 0.73
C HIS A 77 0.06 -9.48 0.74
N GLY A 78 -1.27 -9.38 0.60
CA GLY A 78 -2.10 -10.56 0.60
C GLY A 78 -1.58 -11.64 1.54
N SER A 79 -0.94 -11.22 2.63
CA SER A 79 -0.39 -12.15 3.60
C SER A 79 -1.32 -12.29 4.81
N GLN A 80 -1.95 -11.18 5.19
CA GLN A 80 -2.87 -11.17 6.33
C GLN A 80 -4.32 -11.24 5.86
N THR A 81 -5.17 -11.84 6.68
CA THR A 81 -6.59 -11.97 6.35
C THR A 81 -7.46 -11.33 7.43
N MET A 82 -7.60 -10.02 7.37
CA MET A 82 -8.40 -9.28 8.33
C MET A 82 -9.69 -10.05 8.65
N PRO A 83 -10.09 -10.02 9.94
CA PRO A 83 -11.31 -10.71 10.39
C PRO A 83 -12.51 -10.41 9.51
N GLY A 84 -13.41 -11.37 9.38
CA GLY A 84 -14.59 -11.19 8.56
C GLY A 84 -14.32 -11.40 7.08
N ALA A 85 -13.23 -10.82 6.60
CA ALA A 85 -12.84 -10.95 5.20
C ALA A 85 -12.23 -12.30 4.92
N SER A 86 -12.59 -12.91 3.79
CA SER A 86 -12.07 -14.20 3.41
C SER A 86 -10.81 -14.06 2.55
N SER A 87 -10.55 -12.84 2.11
CA SER A 87 -9.39 -12.57 1.26
C SER A 87 -8.25 -11.97 2.10
N SER A 88 -7.09 -11.81 1.47
CA SER A 88 -5.93 -11.25 2.15
C SER A 88 -5.75 -9.78 1.80
N LEU A 89 -5.17 -9.03 2.74
CA LEU A 89 -4.94 -7.60 2.54
C LEU A 89 -4.32 -7.33 1.18
N VAL A 90 -4.65 -6.18 0.60
CA VAL A 90 -4.12 -5.80 -0.70
C VAL A 90 -3.26 -4.55 -0.61
N VAL A 91 -1.95 -4.71 -0.66
CA VAL A 91 -1.03 -3.59 -0.58
C VAL A 91 -0.31 -3.38 -1.91
N LYS A 92 -0.45 -2.17 -2.47
CA LYS A 92 0.18 -1.84 -3.73
C LYS A 92 0.26 -0.32 -3.92
N PHE A 93 1.28 0.13 -4.64
CA PHE A 93 1.47 1.55 -4.89
C PHE A 93 0.17 2.19 -5.41
N ALA A 94 -0.14 3.37 -4.90
CA ALA A 94 -1.35 4.08 -5.31
C ALA A 94 -1.36 4.32 -6.81
N ASP A 95 -2.55 4.41 -7.39
CA ASP A 95 -2.69 4.65 -8.83
C ASP A 95 -1.65 5.65 -9.32
N THR A 96 -1.11 5.40 -10.51
CA THR A 96 -0.11 6.26 -11.10
C THR A 96 0.01 6.03 -12.59
N ASP A 97 0.07 7.13 -13.35
CA ASP A 97 0.19 7.05 -14.80
C ASP A 97 0.52 8.42 -15.40
N LYS A 98 1.66 8.49 -16.08
CA LYS A 98 2.10 9.74 -16.69
C LYS A 98 1.31 10.03 -17.96
N GLU A 99 0.87 11.27 -18.12
CA GLU A 99 0.10 11.68 -19.29
C GLU A 99 0.88 12.68 -20.14
N SER A 100 1.37 13.74 -19.51
CA SER A 100 2.13 14.77 -20.20
C SER A 100 3.10 14.14 -21.19
N GLY A 101 3.51 14.93 -22.18
CA GLY A 101 4.45 14.44 -23.18
C GLY A 101 4.93 15.54 -24.11
N PRO A 102 5.57 15.14 -25.22
CA PRO A 102 6.09 16.08 -26.21
C PRO A 102 5.00 16.66 -27.10
N SER A 103 4.09 15.80 -27.55
CA SER A 103 2.99 16.24 -28.40
C SER A 103 1.65 16.05 -27.70
N SER A 104 0.91 17.14 -27.56
CA SER A 104 -0.40 17.10 -26.91
C SER A 104 -1.36 16.22 -27.68
N GLY A 105 -1.78 15.13 -27.05
CA GLY A 105 -2.72 14.21 -27.69
C GLY A 105 -3.92 13.90 -26.82
N GLY A 1 1.12 -25.10 -3.49
CA GLY A 1 1.67 -23.75 -3.43
C GLY A 1 1.81 -23.14 -4.81
N SER A 2 3.04 -22.79 -5.18
CA SER A 2 3.29 -22.17 -6.47
C SER A 2 2.24 -21.11 -6.79
N SER A 3 1.90 -20.31 -5.80
CA SER A 3 0.91 -19.26 -5.97
C SER A 3 1.20 -18.43 -7.21
N GLY A 4 2.46 -18.01 -7.35
CA GLY A 4 2.85 -17.22 -8.49
C GLY A 4 4.21 -16.56 -8.32
N SER A 5 5.03 -16.61 -9.36
CA SER A 5 6.36 -16.01 -9.30
C SER A 5 6.75 -15.42 -10.66
N SER A 6 6.93 -14.10 -10.69
CA SER A 6 7.29 -13.41 -11.91
C SER A 6 8.81 -13.25 -12.02
N GLY A 7 9.41 -12.75 -10.95
CA GLY A 7 10.86 -12.56 -10.94
C GLY A 7 11.32 -11.61 -12.02
N SER A 8 10.86 -10.37 -11.97
CA SER A 8 11.23 -9.37 -12.96
C SER A 8 11.76 -8.11 -12.28
N GLU A 9 13.09 -8.03 -12.17
CA GLU A 9 13.72 -6.87 -11.53
C GLU A 9 13.35 -5.58 -12.26
N SER A 10 12.87 -4.60 -11.50
CA SER A 10 12.47 -3.32 -12.07
C SER A 10 12.23 -2.29 -10.98
N ARG A 11 12.60 -1.04 -11.25
CA ARG A 11 12.42 0.03 -10.29
C ARG A 11 11.17 0.85 -10.61
N GLY A 12 10.99 1.17 -11.89
CA GLY A 12 9.84 1.95 -12.31
C GLY A 12 9.91 3.39 -11.83
N GLY A 13 8.75 3.98 -11.60
CA GLY A 13 8.70 5.36 -11.14
C GLY A 13 9.00 5.49 -9.66
N ARG A 14 9.16 6.73 -9.20
CA ARG A 14 9.46 6.99 -7.80
C ARG A 14 8.22 7.45 -7.04
N ASP A 15 7.75 6.62 -6.11
CA ASP A 15 6.57 6.95 -5.32
C ASP A 15 6.62 6.28 -3.95
N ARG A 16 6.57 7.08 -2.90
CA ARG A 16 6.62 6.56 -1.54
C ARG A 16 5.21 6.43 -0.95
N LYS A 17 4.23 6.26 -1.84
CA LYS A 17 2.84 6.13 -1.42
C LYS A 17 2.33 4.71 -1.69
N LEU A 18 1.59 4.17 -0.73
CA LEU A 18 1.03 2.82 -0.87
C LEU A 18 -0.49 2.84 -0.70
N PHE A 19 -1.15 1.83 -1.26
CA PHE A 19 -2.60 1.73 -1.17
C PHE A 19 -3.01 0.37 -0.63
N VAL A 20 -3.58 0.36 0.58
CA VAL A 20 -4.03 -0.89 1.21
C VAL A 20 -5.52 -1.11 0.99
N GLY A 21 -5.91 -2.37 0.89
CA GLY A 21 -7.31 -2.70 0.69
C GLY A 21 -7.74 -3.93 1.46
N MET A 22 -8.95 -4.40 1.21
CA MET A 22 -9.48 -5.58 1.88
C MET A 22 -9.41 -5.41 3.39
N LEU A 23 -9.68 -4.20 3.87
CA LEU A 23 -9.65 -3.91 5.30
C LEU A 23 -11.04 -4.03 5.91
N ASN A 24 -11.09 -4.18 7.23
CA ASN A 24 -12.36 -4.31 7.94
C ASN A 24 -12.75 -2.99 8.60
N LYS A 25 -13.84 -3.00 9.35
CA LYS A 25 -14.32 -1.81 10.03
C LYS A 25 -13.92 -1.82 11.50
N GLN A 26 -12.74 -2.37 11.79
CA GLN A 26 -12.25 -2.44 13.15
C GLN A 26 -10.82 -1.89 13.25
N GLN A 27 -10.06 -2.04 12.17
CA GLN A 27 -8.69 -1.56 12.13
C GLN A 27 -8.65 -0.05 11.92
N SER A 28 -7.66 0.60 12.52
CA SER A 28 -7.51 2.05 12.40
C SER A 28 -6.16 2.40 11.76
N GLU A 29 -5.88 3.70 11.69
CA GLU A 29 -4.63 4.17 11.11
C GLU A 29 -3.45 3.81 12.00
N GLU A 30 -3.69 3.77 13.31
CA GLU A 30 -2.64 3.43 14.27
C GLU A 30 -2.17 2.00 14.08
N ASP A 31 -3.11 1.07 13.99
CA ASP A 31 -2.80 -0.34 13.80
C ASP A 31 -1.78 -0.53 12.67
N VAL A 32 -2.21 -0.25 11.45
CA VAL A 32 -1.33 -0.39 10.29
C VAL A 32 0.01 0.29 10.53
N LEU A 33 -0.04 1.57 10.90
CA LEU A 33 1.17 2.34 11.17
C LEU A 33 2.09 1.60 12.14
N ARG A 34 1.49 0.98 13.15
CA ARG A 34 2.24 0.24 14.15
C ARG A 34 2.84 -1.03 13.55
N LEU A 35 2.06 -1.69 12.70
CA LEU A 35 2.50 -2.92 12.05
C LEU A 35 3.34 -2.62 10.81
N PHE A 36 3.32 -1.36 10.39
CA PHE A 36 4.08 -0.93 9.21
C PHE A 36 5.40 -0.29 9.62
N GLN A 37 5.39 0.44 10.73
CA GLN A 37 6.59 1.10 11.22
C GLN A 37 7.78 0.15 11.21
N PRO A 38 7.56 -1.07 11.73
CA PRO A 38 8.61 -2.10 11.79
C PRO A 38 9.35 -2.26 10.46
N PHE A 39 8.74 -1.74 9.40
CA PHE A 39 9.34 -1.84 8.07
C PHE A 39 10.04 -0.53 7.69
N GLY A 40 9.46 0.58 8.13
CA GLY A 40 10.04 1.89 7.84
C GLY A 40 9.38 3.01 8.61
N VAL A 41 10.03 4.16 8.66
CA VAL A 41 9.50 5.31 9.36
C VAL A 41 8.37 5.97 8.58
N ILE A 42 7.14 5.54 8.84
CA ILE A 42 5.98 6.09 8.16
C ILE A 42 5.87 7.59 8.40
N ASP A 43 5.63 8.35 7.33
CA ASP A 43 5.49 9.79 7.42
C ASP A 43 4.06 10.18 7.77
N GLU A 44 3.11 9.71 6.97
CA GLU A 44 1.71 10.01 7.20
C GLU A 44 0.83 8.84 6.76
N CYS A 45 -0.24 8.60 7.51
CA CYS A 45 -1.16 7.52 7.20
C CYS A 45 -2.61 7.98 7.30
N THR A 46 -3.39 7.70 6.26
CA THR A 46 -4.79 8.09 6.21
C THR A 46 -5.66 6.99 5.62
N VAL A 47 -6.88 6.86 6.14
CA VAL A 47 -7.80 5.84 5.67
C VAL A 47 -8.96 6.47 4.90
N LEU A 48 -9.53 5.71 3.97
CA LEU A 48 -10.64 6.20 3.17
C LEU A 48 -11.97 5.90 3.85
N ARG A 49 -12.92 6.83 3.75
CA ARG A 49 -14.23 6.68 4.36
C ARG A 49 -15.28 7.49 3.61
N GLY A 50 -16.54 7.06 3.71
CA GLY A 50 -17.61 7.76 3.03
C GLY A 50 -18.11 8.96 3.81
N PRO A 51 -19.31 9.43 3.46
CA PRO A 51 -19.92 10.59 4.14
C PRO A 51 -20.52 10.23 5.49
N ASP A 52 -21.25 9.12 5.54
CA ASP A 52 -21.87 8.67 6.78
C ASP A 52 -20.81 8.37 7.84
N GLY A 53 -19.73 7.72 7.43
CA GLY A 53 -18.66 7.39 8.35
C GLY A 53 -18.33 5.91 8.34
N SER A 54 -18.29 5.32 7.16
CA SER A 54 -17.99 3.89 7.02
C SER A 54 -16.63 3.69 6.36
N SER A 55 -15.94 2.63 6.77
CA SER A 55 -14.63 2.32 6.22
C SER A 55 -14.74 1.63 4.87
N LYS A 56 -14.10 2.21 3.86
CA LYS A 56 -14.12 1.65 2.51
C LYS A 56 -13.18 0.47 2.39
N GLY A 57 -12.64 0.03 3.52
CA GLY A 57 -11.72 -1.10 3.52
C GLY A 57 -10.44 -0.80 2.76
N CYS A 58 -10.09 0.47 2.66
CA CYS A 58 -8.88 0.89 1.96
C CYS A 58 -8.26 2.10 2.63
N ALA A 59 -6.96 2.30 2.38
CA ALA A 59 -6.24 3.43 2.96
C ALA A 59 -4.93 3.68 2.22
N PHE A 60 -4.24 4.74 2.61
CA PHE A 60 -2.96 5.09 1.99
C PHE A 60 -1.86 5.22 3.02
N VAL A 61 -0.69 4.69 2.70
CA VAL A 61 0.45 4.74 3.62
C VAL A 61 1.68 5.32 2.92
N LYS A 62 2.28 6.34 3.54
CA LYS A 62 3.47 6.97 2.99
C LYS A 62 4.70 6.69 3.84
N PHE A 63 5.79 6.31 3.21
CA PHE A 63 7.03 6.01 3.91
C PHE A 63 8.09 7.08 3.64
N SER A 64 9.05 7.20 4.56
CA SER A 64 10.11 8.19 4.42
C SER A 64 10.86 7.99 3.11
N SER A 65 10.89 6.76 2.63
CA SER A 65 11.58 6.44 1.39
C SER A 65 10.79 5.42 0.57
N HIS A 66 11.30 5.09 -0.61
CA HIS A 66 10.64 4.13 -1.48
C HIS A 66 10.89 2.70 -0.99
N THR A 67 12.16 2.32 -0.91
CA THR A 67 12.52 0.97 -0.46
C THR A 67 11.63 0.52 0.69
N GLU A 68 11.57 1.33 1.74
CA GLU A 68 10.75 1.02 2.91
C GLU A 68 9.38 0.52 2.48
N ALA A 69 8.73 1.25 1.59
CA ALA A 69 7.40 0.88 1.11
C ALA A 69 7.43 -0.47 0.40
N GLN A 70 8.28 -0.58 -0.62
CA GLN A 70 8.41 -1.83 -1.37
C GLN A 70 8.32 -3.03 -0.44
N ALA A 71 9.05 -2.97 0.67
CA ALA A 71 9.06 -4.05 1.64
C ALA A 71 7.68 -4.23 2.28
N ALA A 72 7.22 -3.20 2.98
CA ALA A 72 5.92 -3.24 3.64
C ALA A 72 4.88 -3.90 2.76
N ILE A 73 5.08 -3.82 1.44
CA ILE A 73 4.15 -4.42 0.49
C ILE A 73 4.34 -5.94 0.41
N HIS A 74 5.51 -6.35 -0.06
CA HIS A 74 5.82 -7.78 -0.18
C HIS A 74 5.87 -8.44 1.19
N ALA A 75 5.79 -7.63 2.24
CA ALA A 75 5.82 -8.14 3.60
C ALA A 75 4.41 -8.24 4.18
N LEU A 76 3.51 -7.43 3.65
CA LEU A 76 2.12 -7.42 4.12
C LEU A 76 1.14 -7.47 2.94
N HIS A 77 1.59 -8.05 1.84
CA HIS A 77 0.76 -8.17 0.64
C HIS A 77 0.02 -9.50 0.62
N GLY A 78 -1.31 -9.44 0.56
CA GLY A 78 -2.11 -10.65 0.54
C GLY A 78 -1.53 -11.74 1.42
N SER A 79 -0.86 -11.34 2.49
CA SER A 79 -0.26 -12.30 3.41
C SER A 79 -1.15 -12.51 4.63
N GLN A 80 -1.79 -11.44 5.08
CA GLN A 80 -2.67 -11.52 6.25
C GLN A 80 -4.14 -11.58 5.82
N THR A 81 -5.01 -11.96 6.75
CA THR A 81 -6.43 -12.07 6.47
C THR A 81 -7.26 -11.43 7.58
N MET A 82 -7.47 -10.13 7.49
CA MET A 82 -8.25 -9.41 8.48
C MET A 82 -9.52 -10.16 8.84
N PRO A 83 -9.87 -10.16 10.13
CA PRO A 83 -11.07 -10.86 10.63
C PRO A 83 -12.31 -10.54 9.81
N GLY A 84 -13.10 -11.56 9.53
CA GLY A 84 -14.31 -11.37 8.74
C GLY A 84 -14.07 -11.57 7.26
N ALA A 85 -13.03 -10.93 6.73
CA ALA A 85 -12.70 -11.03 5.32
C ALA A 85 -12.04 -12.37 5.01
N SER A 86 -12.52 -13.03 3.97
CA SER A 86 -11.99 -14.33 3.56
C SER A 86 -10.79 -14.16 2.63
N SER A 87 -10.55 -12.92 2.22
CA SER A 87 -9.44 -12.61 1.33
C SER A 87 -8.24 -12.07 2.10
N SER A 88 -7.11 -11.93 1.41
CA SER A 88 -5.89 -11.43 2.04
C SER A 88 -5.69 -9.95 1.72
N LEU A 89 -5.18 -9.21 2.70
CA LEU A 89 -4.94 -7.78 2.53
C LEU A 89 -4.38 -7.48 1.14
N VAL A 90 -4.65 -6.29 0.64
CA VAL A 90 -4.18 -5.88 -0.68
C VAL A 90 -3.33 -4.61 -0.59
N VAL A 91 -2.01 -4.77 -0.69
CA VAL A 91 -1.10 -3.64 -0.63
C VAL A 91 -0.40 -3.41 -1.96
N LYS A 92 -0.58 -2.23 -2.53
CA LYS A 92 0.02 -1.88 -3.81
C LYS A 92 0.15 -0.37 -3.96
N PHE A 93 1.14 0.06 -4.74
CA PHE A 93 1.38 1.48 -4.97
C PHE A 93 0.09 2.18 -5.41
N ALA A 94 -0.13 3.38 -4.89
CA ALA A 94 -1.32 4.15 -5.23
C ALA A 94 -1.28 4.60 -6.68
N ASP A 95 -0.12 5.06 -7.12
CA ASP A 95 0.06 5.54 -8.49
C ASP A 95 1.52 5.46 -8.90
N THR A 96 1.77 5.54 -10.22
CA THR A 96 3.12 5.48 -10.74
C THR A 96 3.18 6.00 -12.17
N ASP A 97 4.39 6.19 -12.69
CA ASP A 97 4.58 6.67 -14.05
C ASP A 97 5.44 5.70 -14.86
N LYS A 98 4.82 4.63 -15.33
CA LYS A 98 5.53 3.63 -16.13
C LYS A 98 6.18 4.26 -17.34
N GLU A 99 7.48 4.02 -17.52
CA GLU A 99 8.22 4.57 -18.65
C GLU A 99 8.59 3.46 -19.64
N SER A 100 8.01 3.54 -20.84
CA SER A 100 8.28 2.54 -21.87
C SER A 100 8.84 3.21 -23.13
N GLY A 101 9.58 2.44 -23.91
CA GLY A 101 10.17 2.96 -25.13
C GLY A 101 11.23 2.04 -25.71
N PRO A 102 10.79 0.93 -26.32
CA PRO A 102 11.70 -0.04 -26.92
C PRO A 102 12.79 0.61 -27.75
N SER A 103 12.39 1.57 -28.59
CA SER A 103 13.35 2.27 -29.44
C SER A 103 13.03 3.77 -29.49
N SER A 104 14.02 4.56 -29.89
CA SER A 104 13.85 6.01 -29.98
C SER A 104 14.52 6.56 -31.23
N GLY A 105 13.72 7.16 -32.10
CA GLY A 105 14.25 7.72 -33.33
C GLY A 105 13.31 7.53 -34.51
N GLY A 1 3.39 -9.02 -16.43
CA GLY A 1 3.96 -10.14 -17.14
C GLY A 1 5.11 -9.74 -18.04
N SER A 2 4.82 -9.46 -19.30
CA SER A 2 5.83 -9.07 -20.26
C SER A 2 6.21 -7.59 -20.08
N SER A 3 7.51 -7.31 -20.19
CA SER A 3 8.00 -5.94 -20.04
C SER A 3 7.46 -5.04 -21.14
N GLY A 4 6.63 -4.06 -20.76
CA GLY A 4 6.05 -3.15 -21.73
C GLY A 4 6.49 -1.72 -21.50
N SER A 5 5.60 -0.77 -21.78
CA SER A 5 5.91 0.65 -21.61
C SER A 5 5.70 1.07 -20.16
N SER A 6 6.65 1.85 -19.64
CA SER A 6 6.58 2.33 -18.27
C SER A 6 6.13 3.79 -18.22
N GLY A 7 6.83 4.64 -18.97
CA GLY A 7 6.49 6.04 -18.99
C GLY A 7 7.54 6.88 -19.70
N SER A 8 7.10 7.92 -20.41
CA SER A 8 8.01 8.79 -21.14
C SER A 8 9.16 9.24 -20.24
N GLU A 9 8.83 9.87 -19.12
CA GLU A 9 9.83 10.36 -18.19
C GLU A 9 9.31 10.31 -16.76
N SER A 10 10.22 10.16 -15.80
CA SER A 10 9.85 10.10 -14.39
C SER A 10 10.52 11.22 -13.60
N ARG A 11 10.49 12.43 -14.15
CA ARG A 11 11.10 13.58 -13.50
C ARG A 11 10.03 14.54 -12.99
N GLY A 12 9.96 14.71 -11.67
CA GLY A 12 8.98 15.60 -11.09
C GLY A 12 8.78 15.36 -9.61
N GLY A 13 7.92 14.41 -9.28
CA GLY A 13 7.65 14.09 -7.89
C GLY A 13 7.50 12.61 -7.64
N ARG A 14 8.60 11.94 -7.28
CA ARG A 14 8.57 10.51 -7.03
C ARG A 14 7.39 10.13 -6.16
N ASP A 15 6.65 9.11 -6.58
CA ASP A 15 5.48 8.64 -5.85
C ASP A 15 5.90 7.73 -4.69
N ARG A 16 5.58 8.15 -3.47
CA ARG A 16 5.92 7.36 -2.28
C ARG A 16 4.68 7.08 -1.45
N LYS A 17 3.60 6.72 -2.12
CA LYS A 17 2.33 6.42 -1.44
C LYS A 17 1.92 4.97 -1.68
N LEU A 18 1.42 4.32 -0.63
CA LEU A 18 0.98 2.94 -0.74
C LEU A 18 -0.54 2.83 -0.58
N PHE A 19 -1.14 1.97 -1.40
CA PHE A 19 -2.59 1.78 -1.35
C PHE A 19 -2.94 0.41 -0.77
N VAL A 20 -3.60 0.42 0.38
CA VAL A 20 -4.00 -0.83 1.04
C VAL A 20 -5.48 -1.12 0.83
N GLY A 21 -5.81 -2.40 0.73
CA GLY A 21 -7.20 -2.79 0.53
C GLY A 21 -7.57 -4.02 1.34
N MET A 22 -8.83 -4.44 1.21
CA MET A 22 -9.32 -5.61 1.94
C MET A 22 -9.13 -5.43 3.44
N LEU A 23 -9.55 -4.28 3.95
CA LEU A 23 -9.42 -3.99 5.38
C LEU A 23 -10.79 -4.01 6.06
N ASN A 24 -10.78 -4.11 7.38
CA ASN A 24 -12.02 -4.14 8.16
C ASN A 24 -12.27 -2.80 8.83
N LYS A 25 -13.46 -2.66 9.43
CA LYS A 25 -13.82 -1.43 10.12
C LYS A 25 -13.37 -1.47 11.58
N GLN A 26 -12.47 -2.40 11.89
CA GLN A 26 -11.97 -2.54 13.25
C GLN A 26 -10.53 -2.03 13.36
N GLN A 27 -9.87 -1.92 12.21
CA GLN A 27 -8.49 -1.46 12.17
C GLN A 27 -8.44 0.07 12.08
N SER A 28 -7.40 0.66 12.67
CA SER A 28 -7.23 2.10 12.66
C SER A 28 -5.87 2.48 12.09
N GLU A 29 -5.60 3.79 12.05
CA GLU A 29 -4.34 4.29 11.52
C GLU A 29 -3.17 3.81 12.38
N GLU A 30 -3.41 3.65 13.68
CA GLU A 30 -2.38 3.20 14.60
C GLU A 30 -1.97 1.76 14.30
N ASP A 31 -2.97 0.90 14.14
CA ASP A 31 -2.72 -0.52 13.86
C ASP A 31 -1.76 -0.66 12.68
N VAL A 32 -2.05 0.04 11.58
CA VAL A 32 -1.22 -0.01 10.40
C VAL A 32 0.15 0.63 10.65
N LEU A 33 0.13 1.85 11.18
CA LEU A 33 1.35 2.58 11.48
C LEU A 33 2.26 1.76 12.39
N ARG A 34 1.65 0.97 13.27
CA ARG A 34 2.40 0.14 14.21
C ARG A 34 2.88 -1.14 13.54
N LEU A 35 2.06 -1.68 12.64
CA LEU A 35 2.39 -2.90 11.93
C LEU A 35 3.23 -2.60 10.69
N PHE A 36 3.27 -1.33 10.31
CA PHE A 36 4.04 -0.91 9.14
C PHE A 36 5.38 -0.31 9.56
N GLN A 37 5.37 0.43 10.67
CA GLN A 37 6.58 1.07 11.18
C GLN A 37 7.74 0.08 11.20
N PRO A 38 7.49 -1.11 11.76
CA PRO A 38 8.51 -2.17 11.85
C PRO A 38 9.23 -2.40 10.54
N PHE A 39 8.64 -1.91 9.44
CA PHE A 39 9.23 -2.07 8.12
C PHE A 39 9.95 -0.78 7.69
N GLY A 40 9.45 0.36 8.16
CA GLY A 40 10.04 1.64 7.83
C GLY A 40 9.24 2.81 8.34
N VAL A 41 9.90 3.96 8.48
CA VAL A 41 9.23 5.16 8.97
C VAL A 41 8.10 5.58 8.05
N ILE A 42 6.96 5.94 8.64
CA ILE A 42 5.79 6.36 7.88
C ILE A 42 5.51 7.85 8.08
N ASP A 43 5.44 8.59 6.98
CA ASP A 43 5.16 10.01 7.04
C ASP A 43 3.72 10.28 7.47
N GLU A 44 2.78 9.87 6.64
CA GLU A 44 1.36 10.06 6.93
C GLU A 44 0.53 8.88 6.45
N CYS A 45 -0.46 8.49 7.23
CA CYS A 45 -1.32 7.36 6.89
C CYS A 45 -2.79 7.73 7.06
N THR A 46 -3.50 7.89 5.95
CA THR A 46 -4.91 8.25 5.98
C THR A 46 -5.79 7.08 5.53
N VAL A 47 -6.78 6.74 6.35
CA VAL A 47 -7.68 5.64 6.03
C VAL A 47 -8.91 6.14 5.29
N LEU A 48 -9.29 5.41 4.24
CA LEU A 48 -10.45 5.78 3.44
C LEU A 48 -11.75 5.43 4.16
N ARG A 49 -12.76 6.28 4.01
CA ARG A 49 -14.05 6.07 4.65
C ARG A 49 -15.16 6.75 3.86
N GLY A 50 -16.40 6.48 4.25
CA GLY A 50 -17.54 7.08 3.58
C GLY A 50 -18.16 8.21 4.39
N PRO A 51 -19.32 8.71 3.92
CA PRO A 51 -20.04 9.80 4.59
C PRO A 51 -20.81 9.32 5.82
N ASP A 52 -20.87 8.00 5.99
CA ASP A 52 -21.57 7.42 7.13
C ASP A 52 -20.61 7.22 8.31
N GLY A 53 -19.38 6.84 8.01
CA GLY A 53 -18.39 6.62 9.05
C GLY A 53 -17.64 5.32 8.88
N SER A 54 -18.22 4.40 8.10
CA SER A 54 -17.61 3.11 7.87
C SER A 54 -16.33 3.25 7.05
N SER A 55 -15.58 2.16 6.93
CA SER A 55 -14.34 2.16 6.17
C SER A 55 -14.50 1.42 4.84
N LYS A 56 -13.83 1.92 3.81
CA LYS A 56 -13.90 1.30 2.49
C LYS A 56 -12.91 0.14 2.37
N GLY A 57 -12.49 -0.39 3.52
CA GLY A 57 -11.55 -1.50 3.53
C GLY A 57 -10.26 -1.17 2.81
N CYS A 58 -9.94 0.12 2.74
CA CYS A 58 -8.72 0.57 2.09
C CYS A 58 -8.17 1.82 2.76
N ALA A 59 -6.92 2.15 2.45
CA ALA A 59 -6.27 3.32 3.02
C ALA A 59 -5.02 3.70 2.24
N PHE A 60 -4.34 4.75 2.69
CA PHE A 60 -3.13 5.22 2.02
C PHE A 60 -2.00 5.43 3.03
N VAL A 61 -0.87 4.79 2.79
CA VAL A 61 0.28 4.91 3.67
C VAL A 61 1.49 5.47 2.93
N LYS A 62 2.02 6.58 3.43
CA LYS A 62 3.19 7.21 2.82
C LYS A 62 4.43 7.03 3.68
N PHE A 63 5.44 6.37 3.11
CA PHE A 63 6.68 6.12 3.83
C PHE A 63 7.70 7.22 3.55
N SER A 64 8.75 7.28 4.36
CA SER A 64 9.79 8.28 4.22
C SER A 64 10.66 7.98 2.99
N SER A 65 10.83 6.70 2.70
CA SER A 65 11.64 6.28 1.57
C SER A 65 10.92 5.22 0.75
N HIS A 66 11.34 5.05 -0.51
CA HIS A 66 10.73 4.06 -1.39
C HIS A 66 10.96 2.65 -0.87
N THR A 67 12.24 2.27 -0.75
CA THR A 67 12.60 0.95 -0.26
C THR A 67 11.66 0.49 0.86
N GLU A 68 11.70 1.20 1.98
CA GLU A 68 10.85 0.88 3.12
C GLU A 68 9.48 0.39 2.66
N ALA A 69 8.83 1.18 1.82
CA ALA A 69 7.52 0.83 1.30
C ALA A 69 7.55 -0.52 0.60
N GLN A 70 8.37 -0.62 -0.46
CA GLN A 70 8.49 -1.86 -1.22
C GLN A 70 8.41 -3.07 -0.30
N ALA A 71 9.16 -3.04 0.79
CA ALA A 71 9.18 -4.13 1.75
C ALA A 71 7.80 -4.33 2.38
N ALA A 72 7.38 -3.36 3.18
CA ALA A 72 6.08 -3.42 3.85
C ALA A 72 5.04 -4.09 2.95
N ILE A 73 5.11 -3.80 1.65
CA ILE A 73 4.17 -4.37 0.69
C ILE A 73 4.31 -5.89 0.63
N HIS A 74 5.39 -6.35 0.02
CA HIS A 74 5.65 -7.79 -0.10
C HIS A 74 5.63 -8.46 1.26
N ALA A 75 5.69 -7.66 2.32
CA ALA A 75 5.68 -8.18 3.68
C ALA A 75 4.25 -8.37 4.18
N LEU A 76 3.38 -7.41 3.87
CA LEU A 76 1.98 -7.48 4.29
C LEU A 76 1.06 -7.52 3.07
N HIS A 77 1.54 -8.10 1.99
CA HIS A 77 0.75 -8.20 0.77
C HIS A 77 0.12 -9.59 0.63
N GLY A 78 -1.20 -9.62 0.52
CA GLY A 78 -1.89 -10.90 0.39
C GLY A 78 -1.40 -11.93 1.39
N SER A 79 -0.76 -11.46 2.46
CA SER A 79 -0.24 -12.35 3.49
C SER A 79 -1.18 -12.41 4.69
N GLN A 80 -1.79 -11.27 5.00
CA GLN A 80 -2.71 -11.18 6.13
C GLN A 80 -4.17 -11.25 5.65
N THR A 81 -5.05 -11.71 6.55
CA THR A 81 -6.47 -11.83 6.21
C THR A 81 -7.33 -11.27 7.33
N MET A 82 -7.58 -9.97 7.29
CA MET A 82 -8.41 -9.32 8.31
C MET A 82 -9.69 -10.11 8.56
N PRO A 83 -10.07 -10.22 9.83
CA PRO A 83 -11.28 -10.95 10.24
C PRO A 83 -12.50 -10.54 9.41
N GLY A 84 -13.46 -11.46 9.28
CA GLY A 84 -14.65 -11.17 8.52
C GLY A 84 -14.45 -11.35 7.03
N ALA A 85 -13.26 -11.00 6.56
CA ALA A 85 -12.94 -11.13 5.14
C ALA A 85 -12.26 -12.46 4.84
N SER A 86 -12.68 -13.11 3.76
CA SER A 86 -12.12 -14.40 3.37
C SER A 86 -10.87 -14.20 2.52
N SER A 87 -10.67 -12.97 2.05
CA SER A 87 -9.50 -12.66 1.22
C SER A 87 -8.42 -11.98 2.05
N SER A 88 -7.18 -12.06 1.57
CA SER A 88 -6.04 -11.45 2.27
C SER A 88 -5.98 -9.95 2.00
N LEU A 89 -4.98 -9.29 2.57
CA LEU A 89 -4.80 -7.86 2.40
C LEU A 89 -4.22 -7.54 1.02
N VAL A 90 -4.57 -6.38 0.49
CA VAL A 90 -4.08 -5.95 -0.82
C VAL A 90 -3.26 -4.67 -0.70
N VAL A 91 -1.94 -4.81 -0.78
CA VAL A 91 -1.04 -3.66 -0.68
C VAL A 91 -0.32 -3.42 -2.01
N LYS A 92 -0.47 -2.23 -2.56
CA LYS A 92 0.17 -1.86 -3.81
C LYS A 92 0.26 -0.35 -3.97
N PHE A 93 1.30 0.12 -4.65
CA PHE A 93 1.51 1.54 -4.86
C PHE A 93 0.22 2.20 -5.35
N ALA A 94 0.12 3.50 -5.15
CA ALA A 94 -1.07 4.25 -5.57
C ALA A 94 -1.03 4.54 -7.07
N ASP A 95 -2.18 4.40 -7.71
CA ASP A 95 -2.29 4.65 -9.15
C ASP A 95 -1.39 5.81 -9.57
N THR A 96 -0.56 5.58 -10.59
CA THR A 96 0.34 6.60 -11.09
C THR A 96 -0.09 7.10 -12.46
N ASP A 97 -0.58 8.33 -12.52
CA ASP A 97 -1.03 8.92 -13.77
C ASP A 97 -0.95 10.44 -13.72
N LYS A 98 -0.55 11.05 -14.83
CA LYS A 98 -0.44 12.50 -14.91
C LYS A 98 -0.56 12.97 -16.36
N GLU A 99 -1.70 13.56 -16.69
CA GLU A 99 -1.95 14.06 -18.04
C GLU A 99 -2.79 15.33 -18.01
N SER A 100 -2.40 16.32 -18.82
CA SER A 100 -3.12 17.58 -18.88
C SER A 100 -3.35 18.00 -20.33
N GLY A 101 -4.60 17.96 -20.76
CA GLY A 101 -4.94 18.34 -22.12
C GLY A 101 -4.06 17.64 -23.14
N PRO A 102 -3.78 18.34 -24.25
CA PRO A 102 -2.94 17.80 -25.34
C PRO A 102 -1.69 17.09 -24.81
N SER A 103 -1.76 15.76 -24.73
CA SER A 103 -0.63 14.98 -24.24
C SER A 103 -0.93 13.49 -24.37
N SER A 104 -0.02 12.77 -25.03
CA SER A 104 -0.18 11.34 -25.23
C SER A 104 0.72 10.55 -24.28
N GLY A 105 0.14 9.54 -23.63
CA GLY A 105 0.90 8.73 -22.70
C GLY A 105 0.43 8.90 -21.27
N GLY A 1 -0.19 -27.32 1.36
CA GLY A 1 0.29 -26.49 0.26
C GLY A 1 1.22 -25.39 0.73
N SER A 2 2.26 -25.11 -0.05
CA SER A 2 3.22 -24.08 0.30
C SER A 2 2.80 -22.73 -0.27
N SER A 3 2.63 -21.75 0.61
CA SER A 3 2.22 -20.41 0.19
C SER A 3 2.92 -19.35 1.02
N GLY A 4 3.53 -18.38 0.34
CA GLY A 4 4.23 -17.32 1.02
C GLY A 4 5.35 -16.72 0.19
N SER A 5 5.30 -15.40 -0.01
CA SER A 5 6.31 -14.71 -0.80
C SER A 5 7.55 -14.42 0.04
N SER A 6 8.59 -15.23 -0.15
CA SER A 6 9.83 -15.06 0.59
C SER A 6 10.87 -14.32 -0.26
N GLY A 7 10.43 -13.29 -0.96
CA GLY A 7 11.33 -12.52 -1.79
C GLY A 7 10.89 -12.48 -3.25
N SER A 8 9.59 -12.24 -3.46
CA SER A 8 9.04 -12.19 -4.82
C SER A 8 9.88 -11.27 -5.70
N GLU A 9 10.13 -11.72 -6.93
CA GLU A 9 10.92 -10.94 -7.88
C GLU A 9 10.04 -9.91 -8.59
N SER A 10 9.19 -9.24 -7.83
CA SER A 10 8.30 -8.23 -8.38
C SER A 10 9.00 -6.88 -8.49
N ARG A 11 9.66 -6.65 -9.62
CA ARG A 11 10.37 -5.41 -9.86
C ARG A 11 9.44 -4.34 -10.44
N GLY A 12 9.97 -3.14 -10.62
CA GLY A 12 9.18 -2.06 -11.18
C GLY A 12 9.64 -0.70 -10.68
N GLY A 13 8.87 0.33 -11.02
CA GLY A 13 9.22 1.68 -10.59
C GLY A 13 9.22 1.84 -9.09
N ARG A 14 8.76 2.99 -8.61
CA ARG A 14 8.71 3.25 -7.17
C ARG A 14 7.57 4.20 -6.84
N ASP A 15 7.17 4.21 -5.57
CA ASP A 15 6.08 5.08 -5.12
C ASP A 15 6.11 5.22 -3.60
N ARG A 16 6.31 6.46 -3.14
CA ARG A 16 6.36 6.74 -1.71
C ARG A 16 5.00 6.50 -1.06
N LYS A 17 3.95 6.54 -1.87
CA LYS A 17 2.59 6.33 -1.38
C LYS A 17 2.12 4.91 -1.69
N LEU A 18 1.45 4.28 -0.72
CA LEU A 18 0.94 2.93 -0.89
C LEU A 18 -0.57 2.89 -0.71
N PHE A 19 -1.19 1.85 -1.27
CA PHE A 19 -2.64 1.69 -1.18
C PHE A 19 -2.99 0.32 -0.60
N VAL A 20 -3.68 0.32 0.53
CA VAL A 20 -4.09 -0.92 1.18
C VAL A 20 -5.56 -1.22 0.92
N GLY A 21 -5.88 -2.51 0.85
CA GLY A 21 -7.26 -2.92 0.60
C GLY A 21 -7.66 -4.13 1.40
N MET A 22 -8.90 -4.57 1.23
CA MET A 22 -9.40 -5.75 1.95
C MET A 22 -9.30 -5.54 3.45
N LEU A 23 -9.59 -4.32 3.91
CA LEU A 23 -9.54 -4.01 5.33
C LEU A 23 -10.91 -4.10 5.97
N ASN A 24 -10.94 -4.28 7.29
CA ASN A 24 -12.20 -4.39 8.02
C ASN A 24 -12.40 -3.19 8.94
N LYS A 25 -13.59 -3.09 9.52
CA LYS A 25 -13.92 -1.99 10.43
C LYS A 25 -13.33 -2.25 11.81
N GLN A 26 -12.08 -2.69 11.86
CA GLN A 26 -11.41 -2.97 13.11
C GLN A 26 -10.01 -2.35 13.14
N GLN A 27 -9.31 -2.45 12.02
CA GLN A 27 -7.96 -1.91 11.90
C GLN A 27 -8.00 -0.42 11.62
N SER A 28 -7.38 0.37 12.50
CA SER A 28 -7.35 1.81 12.34
C SER A 28 -5.96 2.28 11.89
N GLU A 29 -5.85 3.57 11.60
CA GLU A 29 -4.58 4.14 11.16
C GLU A 29 -3.44 3.70 12.07
N GLU A 30 -3.66 3.80 13.38
CA GLU A 30 -2.65 3.40 14.35
C GLU A 30 -2.17 1.99 14.10
N ASP A 31 -3.10 1.05 13.98
CA ASP A 31 -2.76 -0.35 13.73
C ASP A 31 -1.75 -0.47 12.60
N VAL A 32 -2.19 -0.14 11.39
CA VAL A 32 -1.33 -0.21 10.21
C VAL A 32 0.03 0.44 10.49
N LEU A 33 -0.01 1.69 10.92
CA LEU A 33 1.22 2.42 11.23
C LEU A 33 2.11 1.64 12.18
N ARG A 34 1.49 0.99 13.16
CA ARG A 34 2.22 0.20 14.13
C ARG A 34 2.80 -1.06 13.49
N LEU A 35 2.03 -1.67 12.59
CA LEU A 35 2.47 -2.88 11.91
C LEU A 35 3.31 -2.54 10.68
N PHE A 36 3.35 -1.27 10.34
CA PHE A 36 4.12 -0.80 9.19
C PHE A 36 5.46 -0.21 9.63
N GLN A 37 5.44 0.51 10.75
CA GLN A 37 6.65 1.14 11.27
C GLN A 37 7.80 0.14 11.30
N PRO A 38 7.54 -1.08 11.80
CA PRO A 38 8.53 -2.14 11.90
C PRO A 38 9.30 -2.33 10.59
N PHE A 39 8.72 -1.85 9.49
CA PHE A 39 9.35 -1.97 8.18
C PHE A 39 10.02 -0.66 7.79
N GLY A 40 9.34 0.45 8.03
CA GLY A 40 9.89 1.75 7.69
C GLY A 40 9.22 2.88 8.46
N VAL A 41 9.93 3.99 8.59
CA VAL A 41 9.41 5.14 9.31
C VAL A 41 8.36 5.88 8.48
N ILE A 42 7.10 5.58 8.73
CA ILE A 42 6.00 6.22 8.00
C ILE A 42 5.92 7.71 8.32
N ASP A 43 5.61 8.50 7.31
CA ASP A 43 5.50 9.94 7.47
C ASP A 43 4.05 10.35 7.73
N GLU A 44 3.17 9.94 6.83
CA GLU A 44 1.75 10.27 6.97
C GLU A 44 0.88 9.09 6.53
N CYS A 45 -0.22 8.88 7.25
CA CYS A 45 -1.14 7.79 6.94
C CYS A 45 -2.59 8.27 6.95
N THR A 46 -3.39 7.72 6.05
CA THR A 46 -4.80 8.11 5.95
C THR A 46 -5.64 6.93 5.47
N VAL A 47 -6.93 6.95 5.84
CA VAL A 47 -7.84 5.89 5.43
C VAL A 47 -9.07 6.46 4.72
N LEU A 48 -9.54 5.74 3.71
CA LEU A 48 -10.70 6.17 2.94
C LEU A 48 -11.99 5.74 3.61
N ARG A 49 -12.99 6.62 3.61
CA ARG A 49 -14.28 6.32 4.22
C ARG A 49 -15.41 6.99 3.45
N GLY A 50 -16.62 6.46 3.61
CA GLY A 50 -17.78 7.03 2.93
C GLY A 50 -18.29 8.28 3.58
N PRO A 51 -19.49 8.72 3.20
CA PRO A 51 -20.12 9.93 3.74
C PRO A 51 -20.72 9.69 5.13
N ASP A 52 -21.47 8.61 5.26
CA ASP A 52 -22.10 8.27 6.54
C ASP A 52 -21.06 7.82 7.55
N GLY A 53 -19.99 7.20 7.06
CA GLY A 53 -18.94 6.72 7.94
C GLY A 53 -18.76 5.22 7.89
N SER A 54 -18.77 4.67 6.68
CA SER A 54 -18.62 3.24 6.49
C SER A 54 -17.31 2.91 5.79
N SER A 55 -16.29 2.57 6.56
CA SER A 55 -14.97 2.24 6.02
C SER A 55 -15.12 1.54 4.67
N LYS A 56 -14.30 1.95 3.71
CA LYS A 56 -14.33 1.36 2.37
C LYS A 56 -13.28 0.27 2.25
N GLY A 57 -12.69 -0.12 3.37
CA GLY A 57 -11.68 -1.17 3.37
C GLY A 57 -10.47 -0.78 2.54
N CYS A 58 -10.24 0.52 2.38
CA CYS A 58 -9.11 1.01 1.61
C CYS A 58 -8.47 2.22 2.28
N ALA A 59 -7.14 2.26 2.28
CA ALA A 59 -6.42 3.36 2.90
C ALA A 59 -5.07 3.59 2.20
N PHE A 60 -4.44 4.71 2.51
CA PHE A 60 -3.15 5.05 1.92
C PHE A 60 -2.08 5.23 2.99
N VAL A 61 -0.86 4.84 2.67
CA VAL A 61 0.25 4.96 3.62
C VAL A 61 1.50 5.49 2.92
N LYS A 62 2.14 6.48 3.54
CA LYS A 62 3.34 7.08 2.98
C LYS A 62 4.56 6.76 3.85
N PHE A 63 5.61 6.24 3.24
CA PHE A 63 6.83 5.90 3.96
C PHE A 63 7.89 6.98 3.78
N SER A 64 8.88 6.97 4.65
CA SER A 64 9.97 7.95 4.58
C SER A 64 10.82 7.76 3.33
N SER A 65 10.78 6.55 2.80
CA SER A 65 11.55 6.22 1.59
C SER A 65 10.88 5.11 0.80
N HIS A 66 11.08 5.13 -0.51
CA HIS A 66 10.49 4.12 -1.39
C HIS A 66 10.78 2.71 -0.88
N THR A 67 12.06 2.40 -0.74
CA THR A 67 12.48 1.09 -0.25
C THR A 67 11.55 0.58 0.83
N GLU A 68 11.55 1.25 1.98
CA GLU A 68 10.70 0.87 3.10
C GLU A 68 9.34 0.39 2.61
N ALA A 69 8.70 1.21 1.77
CA ALA A 69 7.39 0.86 1.22
C ALA A 69 7.44 -0.47 0.48
N GLN A 70 8.30 -0.57 -0.51
CA GLN A 70 8.44 -1.80 -1.29
C GLN A 70 8.35 -3.03 -0.40
N ALA A 71 9.03 -2.96 0.75
CA ALA A 71 9.02 -4.08 1.69
C ALA A 71 7.64 -4.29 2.29
N ALA A 72 7.19 -3.34 3.09
CA ALA A 72 5.87 -3.43 3.71
C ALA A 72 4.86 -4.08 2.78
N ILE A 73 5.02 -3.85 1.49
CA ILE A 73 4.12 -4.41 0.48
C ILE A 73 4.26 -5.93 0.43
N HIS A 74 5.40 -6.39 -0.10
CA HIS A 74 5.65 -7.82 -0.21
C HIS A 74 5.68 -8.48 1.16
N ALA A 75 5.80 -7.66 2.20
CA ALA A 75 5.83 -8.17 3.57
C ALA A 75 4.43 -8.25 4.16
N LEU A 76 3.51 -7.47 3.61
CA LEU A 76 2.14 -7.44 4.09
C LEU A 76 1.15 -7.54 2.92
N HIS A 77 1.62 -8.09 1.80
CA HIS A 77 0.79 -8.23 0.62
C HIS A 77 0.03 -9.57 0.65
N GLY A 78 -1.29 -9.49 0.54
CA GLY A 78 -2.10 -10.70 0.55
C GLY A 78 -1.55 -11.75 1.50
N SER A 79 -0.89 -11.31 2.56
CA SER A 79 -0.32 -12.22 3.55
C SER A 79 -1.21 -12.33 4.78
N GLN A 80 -1.85 -11.22 5.14
CA GLN A 80 -2.74 -11.19 6.30
C GLN A 80 -4.20 -11.30 5.86
N THR A 81 -5.04 -11.79 6.76
CA THR A 81 -6.47 -11.94 6.48
C THR A 81 -7.31 -11.30 7.57
N MET A 82 -7.49 -10.00 7.51
CA MET A 82 -8.29 -9.27 8.49
C MET A 82 -9.60 -10.00 8.78
N PRO A 83 -10.01 -10.01 10.05
CA PRO A 83 -11.25 -10.68 10.47
C PRO A 83 -12.43 -10.30 9.57
N GLY A 84 -13.41 -11.20 9.50
CA GLY A 84 -14.59 -10.95 8.68
C GLY A 84 -14.34 -11.21 7.21
N ALA A 85 -13.17 -10.77 6.73
CA ALA A 85 -12.80 -10.96 5.33
C ALA A 85 -12.18 -12.33 5.10
N SER A 86 -12.53 -12.95 3.98
CA SER A 86 -12.01 -14.28 3.65
C SER A 86 -10.79 -14.17 2.74
N SER A 87 -10.52 -12.95 2.27
CA SER A 87 -9.39 -12.71 1.39
C SER A 87 -8.22 -12.12 2.16
N SER A 88 -7.07 -12.00 1.48
CA SER A 88 -5.88 -11.45 2.11
C SER A 88 -5.70 -9.98 1.77
N LEU A 89 -5.17 -9.21 2.72
CA LEU A 89 -4.96 -7.78 2.51
C LEU A 89 -4.40 -7.51 1.12
N VAL A 90 -4.64 -6.30 0.61
CA VAL A 90 -4.18 -5.92 -0.71
C VAL A 90 -3.36 -4.63 -0.65
N VAL A 91 -2.04 -4.76 -0.74
CA VAL A 91 -1.15 -3.60 -0.69
C VAL A 91 -0.49 -3.36 -2.04
N LYS A 92 -0.69 -2.18 -2.60
CA LYS A 92 -0.10 -1.82 -3.88
C LYS A 92 0.14 -0.32 -3.97
N PHE A 93 1.19 0.06 -4.69
CA PHE A 93 1.54 1.47 -4.85
C PHE A 93 0.31 2.29 -5.23
N ALA A 94 0.15 3.44 -4.59
CA ALA A 94 -0.98 4.31 -4.87
C ALA A 94 -0.67 5.26 -6.04
N ASP A 95 -1.72 5.84 -6.61
CA ASP A 95 -1.56 6.77 -7.72
C ASP A 95 -0.98 6.05 -8.94
N THR A 96 -1.46 4.85 -9.21
CA THR A 96 -0.99 4.07 -10.34
C THR A 96 -1.33 4.74 -11.66
N ASP A 97 -0.33 4.87 -12.53
CA ASP A 97 -0.52 5.50 -13.84
C ASP A 97 -0.58 4.45 -14.95
N LYS A 98 -1.78 4.21 -15.46
CA LYS A 98 -1.97 3.23 -16.52
C LYS A 98 -1.71 3.86 -17.89
N GLU A 99 -1.18 3.05 -18.81
CA GLU A 99 -0.88 3.53 -20.16
C GLU A 99 -1.97 3.10 -21.14
N SER A 100 -2.54 4.07 -21.84
CA SER A 100 -3.60 3.80 -22.81
C SER A 100 -3.03 3.76 -24.22
N GLY A 101 -2.65 2.56 -24.66
CA GLY A 101 -2.10 2.40 -26.00
C GLY A 101 -0.73 3.02 -26.13
N PRO A 102 0.25 2.46 -25.41
CA PRO A 102 1.63 2.95 -25.44
C PRO A 102 2.38 2.52 -26.69
N SER A 103 3.59 3.03 -26.87
CA SER A 103 4.41 2.70 -28.03
C SER A 103 5.41 1.60 -27.68
N SER A 104 6.13 1.79 -26.58
CA SER A 104 7.13 0.82 -26.14
C SER A 104 6.76 0.23 -24.79
N GLY A 105 7.28 -0.96 -24.51
CA GLY A 105 6.99 -1.61 -23.24
C GLY A 105 7.48 -3.05 -23.20
N GLY A 1 -7.34 -10.97 -6.88
CA GLY A 1 -6.81 -9.67 -7.25
C GLY A 1 -6.90 -9.42 -8.74
N SER A 2 -6.08 -10.12 -9.51
CA SER A 2 -6.07 -9.96 -10.97
C SER A 2 -5.84 -8.49 -11.35
N SER A 3 -4.88 -7.86 -10.68
CA SER A 3 -4.56 -6.46 -10.94
C SER A 3 -3.18 -6.11 -10.41
N GLY A 4 -2.44 -5.30 -11.17
CA GLY A 4 -1.11 -4.90 -10.75
C GLY A 4 -0.21 -4.60 -11.92
N SER A 5 1.03 -4.20 -11.63
CA SER A 5 1.99 -3.86 -12.68
C SER A 5 2.64 -5.12 -13.24
N SER A 6 1.96 -5.77 -14.18
CA SER A 6 2.47 -6.98 -14.80
C SER A 6 3.94 -6.81 -15.22
N GLY A 7 4.81 -7.63 -14.65
CA GLY A 7 6.22 -7.55 -14.98
C GLY A 7 7.08 -7.18 -13.78
N SER A 8 8.21 -7.86 -13.64
CA SER A 8 9.12 -7.61 -12.52
C SER A 8 9.66 -6.19 -12.58
N GLU A 9 9.72 -5.53 -11.42
CA GLU A 9 10.23 -4.17 -11.35
C GLU A 9 11.40 -4.07 -10.38
N SER A 10 12.60 -4.24 -10.90
CA SER A 10 13.81 -4.18 -10.10
C SER A 10 13.98 -2.81 -9.45
N ARG A 11 13.57 -2.68 -8.20
CA ARG A 11 13.67 -1.41 -7.49
C ARG A 11 12.84 -0.33 -8.18
N GLY A 12 11.65 -0.71 -8.63
CA GLY A 12 10.78 0.24 -9.30
C GLY A 12 9.75 0.84 -8.37
N GLY A 13 9.78 2.16 -8.22
CA GLY A 13 8.85 2.84 -7.34
C GLY A 13 9.43 4.09 -6.71
N ARG A 14 9.27 5.22 -7.40
CA ARG A 14 9.80 6.49 -6.91
C ARG A 14 8.91 7.03 -5.79
N ASP A 15 7.62 7.17 -6.07
CA ASP A 15 6.67 7.69 -5.09
C ASP A 15 6.83 6.97 -3.75
N ARG A 16 6.35 7.61 -2.70
CA ARG A 16 6.44 7.03 -1.36
C ARG A 16 5.05 6.81 -0.76
N LYS A 17 4.12 6.35 -1.60
CA LYS A 17 2.75 6.10 -1.16
C LYS A 17 2.33 4.67 -1.50
N LEU A 18 1.41 4.13 -0.70
CA LEU A 18 0.92 2.77 -0.92
C LEU A 18 -0.59 2.71 -0.74
N PHE A 19 -1.24 1.85 -1.52
CA PHE A 19 -2.68 1.69 -1.44
C PHE A 19 -3.05 0.34 -0.82
N VAL A 20 -3.60 0.38 0.39
CA VAL A 20 -3.98 -0.84 1.09
C VAL A 20 -5.48 -1.11 0.92
N GLY A 21 -5.84 -2.40 0.89
CA GLY A 21 -7.23 -2.77 0.74
C GLY A 21 -7.60 -4.01 1.53
N MET A 22 -8.83 -4.47 1.37
CA MET A 22 -9.30 -5.65 2.09
C MET A 22 -9.14 -5.48 3.59
N LEU A 23 -9.58 -4.35 4.11
CA LEU A 23 -9.49 -4.06 5.54
C LEU A 23 -10.86 -4.11 6.19
N ASN A 24 -10.87 -4.17 7.52
CA ASN A 24 -12.12 -4.21 8.27
C ASN A 24 -12.39 -2.88 8.97
N LYS A 25 -13.55 -2.76 9.58
CA LYS A 25 -13.93 -1.54 10.29
C LYS A 25 -13.44 -1.57 11.73
N GLN A 26 -12.52 -2.48 12.02
CA GLN A 26 -11.97 -2.62 13.36
C GLN A 26 -10.55 -2.05 13.44
N GLN A 27 -9.90 -1.98 12.28
CA GLN A 27 -8.53 -1.46 12.21
C GLN A 27 -8.53 0.06 12.16
N SER A 28 -7.48 0.66 12.70
CA SER A 28 -7.36 2.12 12.72
C SER A 28 -5.99 2.56 12.22
N GLU A 29 -5.82 3.87 12.04
CA GLU A 29 -4.56 4.41 11.57
C GLU A 29 -3.39 3.88 12.39
N GLU A 30 -3.51 3.97 13.71
CA GLU A 30 -2.45 3.50 14.60
C GLU A 30 -2.08 2.06 14.29
N ASP A 31 -3.08 1.19 14.24
CA ASP A 31 -2.86 -0.23 13.94
C ASP A 31 -1.86 -0.39 12.80
N VAL A 32 -2.26 0.04 11.60
CA VAL A 32 -1.40 -0.06 10.43
C VAL A 32 -0.03 0.57 10.69
N LEU A 33 -0.05 1.81 11.19
CA LEU A 33 1.18 2.53 11.48
C LEU A 33 2.08 1.71 12.41
N ARG A 34 1.46 0.92 13.28
CA ARG A 34 2.20 0.09 14.22
C ARG A 34 2.71 -1.18 13.54
N LEU A 35 1.90 -1.72 12.64
CA LEU A 35 2.27 -2.93 11.93
C LEU A 35 3.12 -2.61 10.70
N PHE A 36 3.15 -1.33 10.33
CA PHE A 36 3.94 -0.89 9.19
C PHE A 36 5.26 -0.27 9.64
N GLN A 37 5.22 0.44 10.77
CA GLN A 37 6.41 1.08 11.31
C GLN A 37 7.60 0.13 11.31
N PRO A 38 7.37 -1.09 11.83
CA PRO A 38 8.41 -2.11 11.91
C PRO A 38 9.15 -2.30 10.59
N PHE A 39 8.56 -1.79 9.51
CA PHE A 39 9.17 -1.89 8.19
C PHE A 39 9.85 -0.58 7.81
N GLY A 40 9.28 0.54 8.24
CA GLY A 40 9.86 1.83 7.94
C GLY A 40 9.13 2.97 8.64
N VAL A 41 9.71 4.16 8.58
CA VAL A 41 9.11 5.33 9.21
C VAL A 41 8.01 5.92 8.34
N ILE A 42 6.77 5.74 8.76
CA ILE A 42 5.62 6.26 8.02
C ILE A 42 5.43 7.75 8.28
N ASP A 43 5.37 8.53 7.20
CA ASP A 43 5.19 9.97 7.31
C ASP A 43 3.71 10.33 7.39
N GLU A 44 2.98 10.06 6.30
CA GLU A 44 1.56 10.35 6.24
C GLU A 44 0.74 9.07 6.13
N CYS A 45 -0.21 8.90 7.03
CA CYS A 45 -1.07 7.72 7.03
C CYS A 45 -2.52 8.10 7.19
N THR A 46 -3.37 7.61 6.28
CA THR A 46 -4.79 7.90 6.32
C THR A 46 -5.61 6.73 5.81
N VAL A 47 -6.82 6.58 6.33
CA VAL A 47 -7.70 5.49 5.92
C VAL A 47 -8.94 6.03 5.22
N LEU A 48 -9.33 5.36 4.14
CA LEU A 48 -10.50 5.77 3.36
C LEU A 48 -11.79 5.46 4.13
N ARG A 49 -12.81 6.29 3.91
CA ARG A 49 -14.09 6.11 4.58
C ARG A 49 -15.21 6.81 3.81
N GLY A 50 -16.41 6.24 3.86
CA GLY A 50 -17.54 6.82 3.15
C GLY A 50 -18.18 7.95 3.94
N PRO A 51 -19.15 8.63 3.32
CA PRO A 51 -19.87 9.75 3.94
C PRO A 51 -20.30 9.43 5.37
N ASP A 52 -21.06 8.35 5.53
CA ASP A 52 -21.55 7.94 6.84
C ASP A 52 -20.48 7.13 7.58
N GLY A 53 -19.24 7.59 7.49
CA GLY A 53 -18.14 6.90 8.16
C GLY A 53 -18.26 5.39 8.04
N SER A 54 -17.98 4.87 6.86
CA SER A 54 -18.06 3.43 6.61
C SER A 54 -16.78 2.92 5.97
N SER A 55 -15.86 2.43 6.81
CA SER A 55 -14.59 1.91 6.33
C SER A 55 -14.76 1.21 4.98
N LYS A 56 -14.11 1.74 3.96
CA LYS A 56 -14.18 1.18 2.61
C LYS A 56 -13.23 0.00 2.47
N GLY A 57 -12.57 -0.36 3.57
CA GLY A 57 -11.64 -1.47 3.54
C GLY A 57 -10.36 -1.15 2.78
N CYS A 58 -10.04 0.14 2.71
CA CYS A 58 -8.84 0.59 2.01
C CYS A 58 -8.23 1.82 2.69
N ALA A 59 -6.93 2.00 2.50
CA ALA A 59 -6.23 3.13 3.10
C ALA A 59 -4.96 3.47 2.33
N PHE A 60 -4.29 4.54 2.73
CA PHE A 60 -3.06 4.97 2.08
C PHE A 60 -1.95 5.18 3.09
N VAL A 61 -0.82 4.49 2.89
CA VAL A 61 0.31 4.60 3.79
C VAL A 61 1.53 5.16 3.06
N LYS A 62 2.21 6.11 3.69
CA LYS A 62 3.40 6.72 3.10
C LYS A 62 4.65 6.41 3.93
N PHE A 63 5.77 6.22 3.26
CA PHE A 63 7.02 5.92 3.94
C PHE A 63 8.07 7.00 3.66
N SER A 64 9.09 7.05 4.51
CA SER A 64 10.15 8.03 4.36
C SER A 64 10.84 7.91 3.01
N SER A 65 10.94 6.67 2.52
CA SER A 65 11.58 6.41 1.23
C SER A 65 10.85 5.30 0.48
N HIS A 66 11.23 5.09 -0.77
CA HIS A 66 10.62 4.06 -1.60
C HIS A 66 10.89 2.67 -1.03
N THR A 67 12.18 2.37 -0.84
CA THR A 67 12.58 1.06 -0.30
C THR A 67 11.59 0.57 0.75
N GLU A 68 11.50 1.31 1.86
CA GLU A 68 10.60 0.95 2.94
C GLU A 68 9.29 0.38 2.39
N ALA A 69 8.66 1.14 1.50
CA ALA A 69 7.40 0.72 0.90
C ALA A 69 7.54 -0.64 0.23
N GLN A 70 8.45 -0.74 -0.73
CA GLN A 70 8.69 -1.98 -1.46
C GLN A 70 8.64 -3.17 -0.50
N ALA A 71 9.24 -3.01 0.67
CA ALA A 71 9.27 -4.06 1.67
C ALA A 71 7.90 -4.28 2.29
N ALA A 72 7.40 -3.25 2.98
CA ALA A 72 6.09 -3.33 3.62
C ALA A 72 5.07 -4.01 2.72
N ILE A 73 5.21 -3.81 1.40
CA ILE A 73 4.31 -4.40 0.44
C ILE A 73 4.44 -5.92 0.41
N HIS A 74 5.55 -6.40 -0.12
CA HIS A 74 5.81 -7.83 -0.19
C HIS A 74 5.80 -8.46 1.19
N ALA A 75 5.87 -7.62 2.22
CA ALA A 75 5.87 -8.09 3.60
C ALA A 75 4.44 -8.22 4.13
N LEU A 76 3.55 -7.37 3.66
CA LEU A 76 2.16 -7.38 4.09
C LEU A 76 1.22 -7.48 2.89
N HIS A 77 1.73 -8.03 1.80
CA HIS A 77 0.93 -8.19 0.58
C HIS A 77 0.14 -9.49 0.61
N GLY A 78 -1.18 -9.38 0.49
CA GLY A 78 -2.02 -10.56 0.50
C GLY A 78 -1.50 -11.64 1.43
N SER A 79 -0.88 -11.21 2.52
CA SER A 79 -0.33 -12.14 3.50
C SER A 79 -1.26 -12.28 4.70
N GLN A 80 -1.91 -11.19 5.07
CA GLN A 80 -2.83 -11.19 6.20
C GLN A 80 -4.28 -11.29 5.73
N THR A 81 -5.15 -11.79 6.60
CA THR A 81 -6.55 -11.94 6.27
C THR A 81 -7.44 -11.40 7.39
N MET A 82 -7.57 -10.07 7.45
CA MET A 82 -8.39 -9.44 8.47
C MET A 82 -9.67 -10.22 8.70
N PRO A 83 -10.07 -10.34 9.99
CA PRO A 83 -11.28 -11.06 10.37
C PRO A 83 -12.49 -10.66 9.53
N GLY A 84 -13.43 -11.58 9.36
CA GLY A 84 -14.62 -11.30 8.57
C GLY A 84 -14.37 -11.42 7.08
N ALA A 85 -13.18 -11.02 6.64
CA ALA A 85 -12.83 -11.09 5.23
C ALA A 85 -12.20 -12.43 4.89
N SER A 86 -12.60 -12.99 3.75
CA SER A 86 -12.08 -14.27 3.31
C SER A 86 -10.85 -14.09 2.42
N SER A 87 -10.61 -12.84 2.02
CA SER A 87 -9.47 -12.53 1.16
C SER A 87 -8.31 -11.96 1.99
N SER A 88 -7.16 -11.80 1.34
CA SER A 88 -5.97 -11.28 2.01
C SER A 88 -5.80 -9.79 1.72
N LEU A 89 -5.11 -9.09 2.63
CA LEU A 89 -4.87 -7.67 2.47
C LEU A 89 -4.21 -7.37 1.13
N VAL A 90 -4.65 -6.31 0.47
CA VAL A 90 -4.10 -5.92 -0.82
C VAL A 90 -3.26 -4.65 -0.70
N VAL A 91 -1.97 -4.78 -0.99
CA VAL A 91 -1.05 -3.65 -0.91
C VAL A 91 -0.35 -3.41 -2.25
N LYS A 92 -0.47 -2.19 -2.77
CA LYS A 92 0.15 -1.84 -4.04
C LYS A 92 0.28 -0.33 -4.17
N PHE A 93 1.37 0.12 -4.81
CA PHE A 93 1.60 1.54 -5.00
C PHE A 93 0.35 2.23 -5.54
N ALA A 94 0.23 3.53 -5.25
CA ALA A 94 -0.91 4.30 -5.70
C ALA A 94 -0.58 5.11 -6.95
N ASP A 95 -1.61 5.42 -7.74
CA ASP A 95 -1.41 6.17 -8.97
C ASP A 95 -0.35 5.53 -9.85
N THR A 96 -0.51 4.25 -10.12
CA THR A 96 0.44 3.51 -10.96
C THR A 96 -0.08 3.36 -12.39
N ASP A 97 0.81 3.56 -13.35
CA ASP A 97 0.44 3.44 -14.75
C ASP A 97 1.52 2.70 -15.54
N LYS A 98 1.12 1.66 -16.27
CA LYS A 98 2.05 0.87 -17.06
C LYS A 98 1.55 0.72 -18.49
N GLU A 99 1.03 1.81 -19.05
CA GLU A 99 0.52 1.79 -20.41
C GLU A 99 1.65 1.59 -21.42
N SER A 100 2.71 2.37 -21.27
CA SER A 100 3.86 2.27 -22.16
C SER A 100 4.55 0.92 -22.03
N GLY A 101 4.90 0.56 -20.79
CA GLY A 101 5.55 -0.70 -20.53
C GLY A 101 6.71 -0.57 -19.56
N PRO A 102 7.13 -1.71 -18.97
CA PRO A 102 8.22 -1.75 -18.01
C PRO A 102 9.43 -0.92 -18.47
N SER A 103 10.38 -0.71 -17.56
CA SER A 103 11.58 0.06 -17.87
C SER A 103 12.66 -0.84 -18.46
N SER A 104 13.02 -1.89 -17.73
CA SER A 104 14.04 -2.82 -18.18
C SER A 104 13.41 -4.08 -18.76
N GLY A 105 13.62 -4.29 -20.06
CA GLY A 105 13.07 -5.47 -20.72
C GLY A 105 13.88 -6.72 -20.45
N GLY A 1 23.88 -4.52 -27.49
CA GLY A 1 23.05 -4.64 -26.32
C GLY A 1 22.37 -6.00 -26.22
N SER A 2 21.61 -6.21 -25.15
CA SER A 2 20.91 -7.47 -24.95
C SER A 2 19.97 -7.38 -23.75
N SER A 3 18.87 -8.11 -23.83
CA SER A 3 17.87 -8.11 -22.76
C SER A 3 16.96 -9.32 -22.87
N GLY A 4 16.97 -10.16 -21.83
CA GLY A 4 16.12 -11.34 -21.84
C GLY A 4 15.43 -11.56 -20.51
N SER A 5 14.65 -10.58 -20.09
CA SER A 5 13.92 -10.66 -18.83
C SER A 5 12.52 -10.07 -18.97
N SER A 6 11.66 -10.38 -18.00
CA SER A 6 10.28 -9.89 -18.01
C SER A 6 9.85 -9.46 -16.62
N GLY A 7 9.25 -8.27 -16.53
CA GLY A 7 8.80 -7.76 -15.26
C GLY A 7 9.02 -6.27 -15.12
N SER A 8 7.94 -5.52 -14.98
CA SER A 8 8.02 -4.06 -14.84
C SER A 8 8.91 -3.68 -13.67
N GLU A 9 9.65 -2.58 -13.83
CA GLU A 9 10.55 -2.11 -12.78
C GLU A 9 9.75 -1.65 -11.55
N SER A 10 9.38 -2.61 -10.72
CA SER A 10 8.61 -2.31 -9.51
C SER A 10 9.20 -1.10 -8.78
N ARG A 11 10.52 -1.09 -8.64
CA ARG A 11 11.20 0.00 -7.97
C ARG A 11 11.92 0.90 -8.97
N GLY A 12 11.20 1.89 -9.50
CA GLY A 12 11.78 2.80 -10.46
C GLY A 12 11.35 4.24 -10.23
N GLY A 13 10.07 4.44 -9.92
CA GLY A 13 9.57 5.77 -9.68
C GLY A 13 9.69 6.18 -8.23
N ARG A 14 10.19 7.40 -8.01
CA ARG A 14 10.35 7.91 -6.64
C ARG A 14 9.00 8.24 -6.02
N ASP A 15 8.27 7.21 -5.63
CA ASP A 15 6.96 7.38 -5.01
C ASP A 15 6.93 6.78 -3.61
N ARG A 16 6.48 7.57 -2.64
CA ARG A 16 6.42 7.11 -1.26
C ARG A 16 4.96 7.00 -0.81
N LYS A 17 4.11 6.50 -1.68
CA LYS A 17 2.69 6.34 -1.37
C LYS A 17 2.22 4.91 -1.69
N LEU A 18 1.60 4.27 -0.71
CA LEU A 18 1.11 2.91 -0.88
C LEU A 18 -0.40 2.85 -0.69
N PHE A 19 -1.04 1.89 -1.35
CA PHE A 19 -2.49 1.73 -1.24
C PHE A 19 -2.84 0.35 -0.68
N VAL A 20 -3.55 0.34 0.45
CA VAL A 20 -3.95 -0.90 1.09
C VAL A 20 -5.45 -1.12 0.97
N GLY A 21 -5.86 -2.37 0.81
CA GLY A 21 -7.27 -2.69 0.69
C GLY A 21 -7.66 -3.93 1.47
N MET A 22 -8.89 -4.39 1.29
CA MET A 22 -9.37 -5.57 1.98
C MET A 22 -9.19 -5.44 3.49
N LEU A 23 -9.65 -4.32 4.04
CA LEU A 23 -9.53 -4.07 5.48
C LEU A 23 -10.90 -4.12 6.15
N ASN A 24 -10.90 -4.42 7.45
CA ASN A 24 -12.14 -4.49 8.22
C ASN A 24 -12.48 -3.15 8.85
N LYS A 25 -13.74 -2.96 9.20
CA LYS A 25 -14.20 -1.72 9.81
C LYS A 25 -13.90 -1.71 11.31
N GLN A 26 -12.70 -2.18 11.68
CA GLN A 26 -12.30 -2.22 13.08
C GLN A 26 -10.90 -1.66 13.25
N GLN A 27 -10.04 -1.90 12.26
CA GLN A 27 -8.66 -1.42 12.32
C GLN A 27 -8.61 0.10 12.14
N SER A 28 -7.61 0.72 12.74
CA SER A 28 -7.44 2.17 12.66
C SER A 28 -6.11 2.53 12.00
N GLU A 29 -5.83 3.82 11.92
CA GLU A 29 -4.59 4.30 11.31
C GLU A 29 -3.39 3.83 12.11
N GLU A 30 -3.46 3.99 13.43
CA GLU A 30 -2.36 3.57 14.31
C GLU A 30 -2.01 2.11 14.09
N ASP A 31 -3.02 1.25 14.11
CA ASP A 31 -2.81 -0.19 13.91
C ASP A 31 -1.83 -0.43 12.76
N VAL A 32 -2.06 0.25 11.65
CA VAL A 32 -1.19 0.10 10.47
C VAL A 32 0.18 0.72 10.73
N LEU A 33 0.18 1.93 11.28
CA LEU A 33 1.43 2.64 11.56
C LEU A 33 2.32 1.80 12.49
N ARG A 34 1.70 1.03 13.36
CA ARG A 34 2.44 0.19 14.30
C ARG A 34 2.88 -1.11 13.63
N LEU A 35 2.04 -1.62 12.73
CA LEU A 35 2.35 -2.86 12.02
C LEU A 35 3.22 -2.59 10.80
N PHE A 36 3.27 -1.32 10.39
CA PHE A 36 4.07 -0.93 9.23
C PHE A 36 5.40 -0.32 9.67
N GLN A 37 5.37 0.41 10.79
CA GLN A 37 6.58 1.04 11.32
C GLN A 37 7.75 0.07 11.33
N PRO A 38 7.50 -1.14 11.88
CA PRO A 38 8.52 -2.19 11.96
C PRO A 38 9.26 -2.40 10.64
N PHE A 39 8.67 -1.89 9.57
CA PHE A 39 9.27 -2.02 8.24
C PHE A 39 9.99 -0.74 7.83
N GLY A 40 9.42 0.39 8.22
CA GLY A 40 10.01 1.68 7.89
C GLY A 40 9.33 2.83 8.59
N VAL A 41 9.99 3.98 8.62
CA VAL A 41 9.43 5.17 9.26
C VAL A 41 8.37 5.83 8.39
N ILE A 42 7.11 5.64 8.76
CA ILE A 42 6.01 6.22 8.01
C ILE A 42 5.88 7.71 8.27
N ASP A 43 5.83 8.50 7.20
CA ASP A 43 5.69 9.94 7.32
C ASP A 43 4.26 10.33 7.67
N GLU A 44 3.32 9.88 6.87
CA GLU A 44 1.91 10.18 7.09
C GLU A 44 1.03 9.01 6.64
N CYS A 45 -0.07 8.81 7.36
CA CYS A 45 -1.00 7.73 7.04
C CYS A 45 -2.44 8.23 7.07
N THR A 46 -3.28 7.64 6.23
CA THR A 46 -4.68 8.03 6.15
C THR A 46 -5.56 6.86 5.71
N VAL A 47 -6.82 6.87 6.14
CA VAL A 47 -7.75 5.80 5.77
C VAL A 47 -8.98 6.38 5.08
N LEU A 48 -9.54 5.61 4.15
CA LEU A 48 -10.72 6.03 3.41
C LEU A 48 -11.99 5.65 4.16
N ARG A 49 -12.96 6.55 4.14
CA ARG A 49 -14.24 6.31 4.82
C ARG A 49 -15.41 6.67 3.92
N GLY A 50 -16.45 5.84 3.93
CA GLY A 50 -17.62 6.10 3.12
C GLY A 50 -18.49 7.21 3.67
N PRO A 51 -19.34 7.80 2.82
CA PRO A 51 -20.24 8.88 3.22
C PRO A 51 -20.97 8.59 4.53
N ASP A 52 -21.34 7.33 4.73
CA ASP A 52 -22.03 6.92 5.94
C ASP A 52 -21.03 6.52 7.03
N GLY A 53 -19.95 7.28 7.14
CA GLY A 53 -18.94 7.00 8.13
C GLY A 53 -18.68 5.52 8.29
N SER A 54 -18.32 4.86 7.19
CA SER A 54 -18.05 3.43 7.20
C SER A 54 -16.80 3.10 6.39
N SER A 55 -15.74 2.70 7.09
CA SER A 55 -14.48 2.36 6.45
C SER A 55 -14.73 1.69 5.09
N LYS A 56 -13.95 2.09 4.09
CA LYS A 56 -14.09 1.53 2.75
C LYS A 56 -13.07 0.42 2.52
N GLY A 57 -12.65 -0.22 3.60
CA GLY A 57 -11.67 -1.30 3.49
C GLY A 57 -10.47 -0.90 2.67
N CYS A 58 -10.12 0.38 2.69
CA CYS A 58 -8.98 0.88 1.93
C CYS A 58 -8.35 2.08 2.64
N ALA A 59 -7.05 2.24 2.46
CA ALA A 59 -6.32 3.34 3.07
C ALA A 59 -5.00 3.60 2.37
N PHE A 60 -4.43 4.79 2.56
CA PHE A 60 -3.17 5.15 1.94
C PHE A 60 -2.08 5.33 2.98
N VAL A 61 -0.91 4.74 2.72
CA VAL A 61 0.21 4.82 3.64
C VAL A 61 1.43 5.42 2.95
N LYS A 62 1.99 6.47 3.55
CA LYS A 62 3.17 7.13 2.99
C LYS A 62 4.40 6.85 3.84
N PHE A 63 5.43 6.29 3.21
CA PHE A 63 6.67 5.97 3.91
C PHE A 63 7.71 7.07 3.70
N SER A 64 8.79 7.01 4.49
CA SER A 64 9.85 8.00 4.39
C SER A 64 10.60 7.87 3.08
N SER A 65 10.78 6.63 2.63
CA SER A 65 11.50 6.36 1.38
C SER A 65 10.75 5.33 0.54
N HIS A 66 11.21 5.13 -0.69
CA HIS A 66 10.60 4.17 -1.59
C HIS A 66 10.89 2.74 -1.16
N THR A 67 12.15 2.48 -0.80
CA THR A 67 12.56 1.16 -0.37
C THR A 67 11.67 0.64 0.75
N GLU A 68 11.63 1.37 1.86
CA GLU A 68 10.81 0.99 3.00
C GLU A 68 9.45 0.47 2.54
N ALA A 69 8.79 1.23 1.68
CA ALA A 69 7.48 0.84 1.16
C ALA A 69 7.54 -0.51 0.46
N GLN A 70 8.37 -0.61 -0.56
CA GLN A 70 8.53 -1.85 -1.32
C GLN A 70 8.49 -3.06 -0.38
N ALA A 71 9.26 -2.98 0.70
CA ALA A 71 9.31 -4.07 1.68
C ALA A 71 7.94 -4.30 2.31
N ALA A 72 7.44 -3.30 3.03
CA ALA A 72 6.15 -3.39 3.69
C ALA A 72 5.12 -4.08 2.79
N ILE A 73 5.18 -3.77 1.49
CA ILE A 73 4.26 -4.35 0.53
C ILE A 73 4.40 -5.87 0.48
N HIS A 74 5.51 -6.33 -0.10
CA HIS A 74 5.77 -7.76 -0.22
C HIS A 74 5.77 -8.42 1.16
N ALA A 75 5.81 -7.61 2.21
CA ALA A 75 5.82 -8.11 3.57
C ALA A 75 4.40 -8.32 4.09
N LEU A 76 3.50 -7.42 3.72
CA LEU A 76 2.10 -7.51 4.14
C LEU A 76 1.18 -7.61 2.93
N HIS A 77 1.72 -8.09 1.81
CA HIS A 77 0.93 -8.23 0.59
C HIS A 77 0.16 -9.55 0.60
N GLY A 78 -1.16 -9.46 0.46
CA GLY A 78 -1.99 -10.64 0.45
C GLY A 78 -1.46 -11.73 1.37
N SER A 79 -0.84 -11.32 2.48
CA SER A 79 -0.27 -12.26 3.43
C SER A 79 -1.21 -12.44 4.63
N GLN A 80 -1.85 -11.35 5.04
CA GLN A 80 -2.77 -11.39 6.17
C GLN A 80 -4.22 -11.46 5.69
N THR A 81 -5.11 -11.89 6.59
CA THR A 81 -6.52 -12.00 6.25
C THR A 81 -7.40 -11.42 7.36
N MET A 82 -7.55 -10.09 7.34
CA MET A 82 -8.36 -9.42 8.35
C MET A 82 -9.64 -10.20 8.64
N PRO A 83 -9.99 -10.29 9.93
CA PRO A 83 -11.19 -11.01 10.36
C PRO A 83 -12.43 -10.62 9.57
N GLY A 84 -13.33 -11.57 9.37
CA GLY A 84 -14.55 -11.31 8.63
C GLY A 84 -14.36 -11.48 7.13
N ALA A 85 -13.17 -11.12 6.65
CA ALA A 85 -12.86 -11.24 5.23
C ALA A 85 -12.19 -12.58 4.91
N SER A 86 -12.55 -13.15 3.77
CA SER A 86 -11.99 -14.44 3.36
C SER A 86 -10.78 -14.24 2.45
N SER A 87 -10.59 -13.00 1.99
CA SER A 87 -9.47 -12.68 1.12
C SER A 87 -8.34 -12.03 1.90
N SER A 88 -7.12 -12.11 1.36
CA SER A 88 -5.96 -11.53 2.02
C SER A 88 -5.91 -10.03 1.80
N LEU A 89 -4.98 -9.36 2.48
CA LEU A 89 -4.83 -7.92 2.37
C LEU A 89 -4.23 -7.55 1.02
N VAL A 90 -4.73 -6.46 0.43
CA VAL A 90 -4.25 -5.99 -0.86
C VAL A 90 -3.40 -4.74 -0.70
N VAL A 91 -2.08 -4.90 -0.87
CA VAL A 91 -1.15 -3.78 -0.74
C VAL A 91 -0.42 -3.53 -2.06
N LYS A 92 -0.58 -2.33 -2.61
CA LYS A 92 0.07 -1.96 -3.85
C LYS A 92 0.14 -0.44 -4.00
N PHE A 93 1.10 0.02 -4.81
CA PHE A 93 1.27 1.45 -5.03
C PHE A 93 -0.01 2.08 -5.55
N ALA A 94 -0.40 3.20 -4.95
CA ALA A 94 -1.61 3.90 -5.36
C ALA A 94 -1.67 4.07 -6.87
N ASP A 95 -0.79 4.91 -7.40
CA ASP A 95 -0.74 5.17 -8.83
C ASP A 95 0.46 6.04 -9.19
N THR A 96 1.02 5.79 -10.37
CA THR A 96 2.18 6.56 -10.83
C THR A 96 1.84 7.38 -12.07
N ASP A 97 1.96 8.70 -11.95
CA ASP A 97 1.67 9.59 -13.07
C ASP A 97 2.95 10.11 -13.70
N LYS A 98 3.26 9.63 -14.90
CA LYS A 98 4.45 10.05 -15.62
C LYS A 98 4.20 11.32 -16.42
N GLU A 99 4.87 12.40 -16.03
CA GLU A 99 4.71 13.67 -16.72
C GLU A 99 6.01 14.07 -17.42
N SER A 100 7.11 14.05 -16.67
CA SER A 100 8.41 14.42 -17.21
C SER A 100 9.53 13.94 -16.31
N GLY A 101 10.77 14.15 -16.74
CA GLY A 101 11.92 13.72 -15.97
C GLY A 101 13.08 13.25 -16.83
N PRO A 102 13.76 14.22 -17.47
CA PRO A 102 14.89 13.92 -18.35
C PRO A 102 15.87 12.93 -17.72
N SER A 103 16.25 11.92 -18.49
CA SER A 103 17.17 10.90 -18.01
C SER A 103 18.63 11.31 -18.28
N SER A 104 18.91 11.62 -19.53
CA SER A 104 20.26 12.03 -19.93
C SER A 104 20.90 12.91 -18.86
N GLY A 105 20.12 13.85 -18.35
CA GLY A 105 20.62 14.75 -17.32
C GLY A 105 19.71 14.83 -16.12
N GLY A 1 17.48 -15.57 -5.81
CA GLY A 1 17.05 -14.47 -6.65
C GLY A 1 17.75 -13.17 -6.30
N SER A 2 18.83 -12.86 -7.01
CA SER A 2 19.59 -11.64 -6.76
C SER A 2 19.06 -10.49 -7.61
N SER A 3 19.33 -9.26 -7.18
CA SER A 3 18.89 -8.08 -7.90
C SER A 3 19.76 -7.81 -9.12
N GLY A 4 19.34 -6.88 -9.96
CA GLY A 4 20.10 -6.55 -11.16
C GLY A 4 19.22 -6.06 -12.29
N SER A 5 18.70 -4.84 -12.14
CA SER A 5 17.83 -4.27 -13.17
C SER A 5 18.39 -2.94 -13.67
N SER A 6 18.78 -2.93 -14.95
CA SER A 6 19.35 -1.72 -15.55
C SER A 6 18.79 -1.51 -16.95
N GLY A 7 18.03 -0.43 -17.12
CA GLY A 7 17.45 -0.13 -18.42
C GLY A 7 16.44 1.00 -18.35
N SER A 8 15.39 0.80 -17.58
CA SER A 8 14.33 1.80 -17.44
C SER A 8 14.54 2.62 -16.16
N GLU A 9 15.19 3.78 -16.31
CA GLU A 9 15.44 4.65 -15.17
C GLU A 9 15.00 6.08 -15.46
N SER A 10 13.96 6.52 -14.77
CA SER A 10 13.43 7.87 -14.96
C SER A 10 14.06 8.85 -13.98
N ARG A 11 14.43 10.03 -14.46
CA ARG A 11 15.04 11.05 -13.62
C ARG A 11 14.44 11.02 -12.22
N GLY A 12 13.14 11.25 -12.14
CA GLY A 12 12.47 11.25 -10.85
C GLY A 12 11.13 10.54 -10.88
N GLY A 13 10.10 11.19 -10.34
CA GLY A 13 8.77 10.60 -10.33
C GLY A 13 8.73 9.28 -9.59
N ARG A 14 9.06 9.31 -8.30
CA ARG A 14 9.07 8.10 -7.49
C ARG A 14 7.96 8.16 -6.44
N ASP A 15 6.74 7.77 -6.85
CA ASP A 15 5.60 7.77 -5.95
C ASP A 15 5.93 7.02 -4.66
N ARG A 16 5.95 7.75 -3.54
CA ARG A 16 6.24 7.15 -2.25
C ARG A 16 4.97 6.91 -1.45
N LYS A 17 3.88 6.61 -2.16
CA LYS A 17 2.60 6.35 -1.53
C LYS A 17 2.12 4.93 -1.81
N LEU A 18 1.54 4.30 -0.80
CA LEU A 18 1.03 2.94 -0.95
C LEU A 18 -0.49 2.89 -0.76
N PHE A 19 -1.11 1.85 -1.29
CA PHE A 19 -2.55 1.68 -1.18
C PHE A 19 -2.91 0.33 -0.58
N VAL A 20 -3.63 0.34 0.53
CA VAL A 20 -4.03 -0.89 1.21
C VAL A 20 -5.52 -1.14 1.05
N GLY A 21 -5.88 -2.40 0.85
CA GLY A 21 -7.29 -2.75 0.69
C GLY A 21 -7.66 -3.98 1.47
N MET A 22 -8.92 -4.42 1.33
CA MET A 22 -9.41 -5.60 2.03
C MET A 22 -9.30 -5.42 3.54
N LEU A 23 -9.58 -4.19 4.01
CA LEU A 23 -9.52 -3.89 5.43
C LEU A 23 -10.91 -3.93 6.06
N ASN A 24 -10.96 -4.18 7.36
CA ASN A 24 -12.23 -4.24 8.08
C ASN A 24 -12.51 -2.93 8.80
N LYS A 25 -13.73 -2.80 9.32
CA LYS A 25 -14.12 -1.59 10.03
C LYS A 25 -13.61 -1.61 11.46
N GLN A 26 -12.91 -2.67 11.82
CA GLN A 26 -12.36 -2.82 13.17
C GLN A 26 -10.86 -2.51 13.17
N GLN A 27 -10.45 -1.58 12.31
CA GLN A 27 -9.05 -1.20 12.21
C GLN A 27 -8.90 0.32 12.14
N SER A 28 -7.76 0.82 12.58
CA SER A 28 -7.49 2.26 12.56
C SER A 28 -6.13 2.56 11.96
N GLU A 29 -5.89 3.83 11.65
CA GLU A 29 -4.61 4.24 11.07
C GLU A 29 -3.44 3.80 11.94
N GLU A 30 -3.58 3.99 13.24
CA GLU A 30 -2.53 3.61 14.18
C GLU A 30 -2.15 2.14 14.00
N ASP A 31 -3.15 1.29 13.90
CA ASP A 31 -2.92 -0.15 13.72
C ASP A 31 -1.93 -0.40 12.58
N VAL A 32 -2.25 0.13 11.40
CA VAL A 32 -1.39 -0.04 10.24
C VAL A 32 -0.01 0.56 10.48
N LEU A 33 0.02 1.77 11.02
CA LEU A 33 1.27 2.46 11.31
C LEU A 33 2.15 1.63 12.25
N ARG A 34 1.52 0.99 13.22
CA ARG A 34 2.23 0.16 14.19
C ARG A 34 2.76 -1.11 13.53
N LEU A 35 1.96 -1.68 12.64
CA LEU A 35 2.35 -2.90 11.94
C LEU A 35 3.21 -2.57 10.72
N PHE A 36 3.28 -1.29 10.38
CA PHE A 36 4.07 -0.86 9.23
C PHE A 36 5.43 -0.29 9.69
N GLN A 37 5.42 0.39 10.83
CA GLN A 37 6.63 0.97 11.37
C GLN A 37 7.79 -0.03 11.34
N PRO A 38 7.50 -1.26 11.81
CA PRO A 38 8.51 -2.33 11.85
C PRO A 38 9.25 -2.48 10.53
N PHE A 39 8.68 -1.93 9.46
CA PHE A 39 9.30 -1.99 8.15
C PHE A 39 10.01 -0.68 7.81
N GLY A 40 9.40 0.43 8.21
CA GLY A 40 9.98 1.74 7.94
C GLY A 40 9.24 2.85 8.64
N VAL A 41 9.88 4.01 8.75
CA VAL A 41 9.28 5.17 9.39
C VAL A 41 8.25 5.83 8.48
N ILE A 42 6.97 5.59 8.75
CA ILE A 42 5.90 6.18 7.95
C ILE A 42 5.74 7.66 8.24
N ASP A 43 5.45 8.43 7.20
CA ASP A 43 5.27 9.87 7.32
C ASP A 43 3.79 10.24 7.30
N GLU A 44 3.13 9.94 6.19
CA GLU A 44 1.71 10.24 6.04
C GLU A 44 0.89 8.96 5.95
N CYS A 45 -0.03 8.78 6.89
CA CYS A 45 -0.87 7.59 6.92
C CYS A 45 -2.33 7.97 7.17
N THR A 46 -3.20 7.61 6.24
CA THR A 46 -4.62 7.92 6.36
C THR A 46 -5.48 6.77 5.84
N VAL A 47 -6.69 6.65 6.39
CA VAL A 47 -7.60 5.59 5.99
C VAL A 47 -8.86 6.16 5.36
N LEU A 48 -9.34 5.52 4.30
CA LEU A 48 -10.54 5.96 3.60
C LEU A 48 -11.79 5.53 4.35
N ARG A 49 -12.83 6.36 4.27
CA ARG A 49 -14.09 6.06 4.94
C ARG A 49 -15.27 6.69 4.19
N GLY A 50 -16.48 6.33 4.59
CA GLY A 50 -17.67 6.86 3.95
C GLY A 50 -18.30 7.99 4.74
N PRO A 51 -19.29 8.66 4.15
CA PRO A 51 -20.00 9.77 4.79
C PRO A 51 -20.40 9.45 6.23
N ASP A 52 -21.03 8.30 6.42
CA ASP A 52 -21.46 7.88 7.75
C ASP A 52 -20.27 7.72 8.69
N GLY A 53 -19.17 7.20 8.14
CA GLY A 53 -17.98 7.00 8.94
C GLY A 53 -17.31 5.67 8.68
N SER A 54 -18.12 4.63 8.50
CA SER A 54 -17.61 3.29 8.24
C SER A 54 -16.43 3.34 7.25
N SER A 55 -15.48 2.43 7.43
CA SER A 55 -14.31 2.37 6.56
C SER A 55 -14.64 1.68 5.25
N LYS A 56 -14.05 2.15 4.17
CA LYS A 56 -14.29 1.57 2.85
C LYS A 56 -13.34 0.40 2.60
N GLY A 57 -12.69 -0.07 3.66
CA GLY A 57 -11.76 -1.18 3.53
C GLY A 57 -10.52 -0.81 2.76
N CYS A 58 -10.22 0.48 2.69
CA CYS A 58 -9.05 0.96 1.98
C CYS A 58 -8.35 2.08 2.75
N ALA A 59 -7.06 2.23 2.54
CA ALA A 59 -6.29 3.28 3.22
C ALA A 59 -4.97 3.54 2.50
N PHE A 60 -4.41 4.72 2.71
CA PHE A 60 -3.15 5.10 2.08
C PHE A 60 -2.02 5.16 3.11
N VAL A 61 -0.83 4.76 2.68
CA VAL A 61 0.34 4.76 3.57
C VAL A 61 1.56 5.36 2.87
N LYS A 62 2.17 6.35 3.52
CA LYS A 62 3.35 7.01 2.96
C LYS A 62 4.57 6.72 3.81
N PHE A 63 5.61 6.19 3.19
CA PHE A 63 6.85 5.87 3.90
C PHE A 63 7.90 6.95 3.66
N SER A 64 8.93 6.97 4.51
CA SER A 64 10.00 7.96 4.39
C SER A 64 10.80 7.75 3.11
N SER A 65 11.00 6.48 2.75
CA SER A 65 11.75 6.14 1.54
C SER A 65 11.01 5.10 0.72
N HIS A 66 11.33 5.02 -0.56
CA HIS A 66 10.70 4.06 -1.46
C HIS A 66 10.94 2.64 -0.98
N THR A 67 12.20 2.29 -0.77
CA THR A 67 12.56 0.95 -0.32
C THR A 67 11.65 0.50 0.83
N GLU A 68 11.55 1.33 1.86
CA GLU A 68 10.72 1.01 3.01
C GLU A 68 9.34 0.53 2.58
N ALA A 69 8.74 1.24 1.61
CA ALA A 69 7.43 0.88 1.10
C ALA A 69 7.46 -0.48 0.42
N GLN A 70 8.29 -0.60 -0.62
CA GLN A 70 8.41 -1.85 -1.37
C GLN A 70 8.39 -3.05 -0.42
N ALA A 71 9.03 -2.90 0.72
CA ALA A 71 9.08 -3.98 1.71
C ALA A 71 7.72 -4.20 2.35
N ALA A 72 7.23 -3.19 3.06
CA ALA A 72 5.93 -3.28 3.72
C ALA A 72 4.90 -3.95 2.82
N ILE A 73 5.05 -3.78 1.51
CA ILE A 73 4.13 -4.37 0.55
C ILE A 73 4.31 -5.89 0.49
N HIS A 74 5.42 -6.33 -0.07
CA HIS A 74 5.72 -7.76 -0.18
C HIS A 74 5.69 -8.43 1.19
N ALA A 75 5.75 -7.61 2.24
CA ALA A 75 5.74 -8.12 3.61
C ALA A 75 4.31 -8.27 4.12
N LEU A 76 3.43 -7.37 3.70
CA LEU A 76 2.04 -7.41 4.13
C LEU A 76 1.11 -7.49 2.92
N HIS A 77 1.62 -8.03 1.82
CA HIS A 77 0.84 -8.17 0.59
C HIS A 77 0.09 -9.50 0.58
N GLY A 78 -1.23 -9.44 0.46
CA GLY A 78 -2.03 -10.64 0.43
C GLY A 78 -1.47 -11.73 1.32
N SER A 79 -0.83 -11.34 2.41
CA SER A 79 -0.24 -12.29 3.34
C SER A 79 -1.13 -12.50 4.55
N GLN A 80 -1.78 -11.43 5.00
CA GLN A 80 -2.67 -11.49 6.15
C GLN A 80 -4.13 -11.56 5.70
N THR A 81 -5.00 -11.99 6.61
CA THR A 81 -6.42 -12.10 6.32
C THR A 81 -7.26 -11.45 7.41
N MET A 82 -7.46 -10.14 7.30
CA MET A 82 -8.24 -9.40 8.28
C MET A 82 -9.47 -10.21 8.72
N PRO A 83 -9.76 -10.17 10.02
CA PRO A 83 -10.91 -10.89 10.59
C PRO A 83 -12.19 -10.67 9.80
N GLY A 84 -12.95 -11.74 9.60
CA GLY A 84 -14.19 -11.64 8.85
C GLY A 84 -13.99 -11.80 7.36
N ALA A 85 -13.02 -11.08 6.81
CA ALA A 85 -12.72 -11.16 5.39
C ALA A 85 -12.10 -12.49 5.03
N SER A 86 -12.51 -13.05 3.89
CA SER A 86 -11.99 -14.33 3.43
C SER A 86 -10.80 -14.13 2.50
N SER A 87 -10.54 -12.88 2.12
CA SER A 87 -9.44 -12.56 1.23
C SER A 87 -8.25 -12.03 2.02
N SER A 88 -7.11 -11.88 1.34
CA SER A 88 -5.90 -11.40 1.97
C SER A 88 -5.68 -9.91 1.68
N LEU A 89 -5.14 -9.20 2.66
CA LEU A 89 -4.88 -7.77 2.50
C LEU A 89 -4.26 -7.46 1.15
N VAL A 90 -4.63 -6.34 0.57
CA VAL A 90 -4.09 -5.92 -0.73
C VAL A 90 -3.28 -4.64 -0.62
N VAL A 91 -1.96 -4.77 -0.75
CA VAL A 91 -1.06 -3.62 -0.66
C VAL A 91 -0.35 -3.38 -1.98
N LYS A 92 -0.54 -2.18 -2.54
CA LYS A 92 0.08 -1.82 -3.80
C LYS A 92 0.19 -0.30 -3.94
N PHE A 93 1.24 0.16 -4.62
CA PHE A 93 1.46 1.58 -4.82
C PHE A 93 0.16 2.27 -5.24
N ALA A 94 0.08 3.57 -4.95
CA ALA A 94 -1.09 4.35 -5.30
C ALA A 94 -0.84 5.24 -6.52
N ASP A 95 -1.85 5.41 -7.35
CA ASP A 95 -1.73 6.23 -8.54
C ASP A 95 -0.51 5.83 -9.36
N THR A 96 -0.34 4.52 -9.56
CA THR A 96 0.79 4.00 -10.32
C THR A 96 0.34 3.10 -11.45
N ASP A 97 0.14 3.68 -12.63
CA ASP A 97 -0.30 2.92 -13.79
C ASP A 97 0.85 2.12 -14.39
N LYS A 98 0.53 1.24 -15.33
CA LYS A 98 1.54 0.41 -15.98
C LYS A 98 1.52 0.61 -17.50
N GLU A 99 2.68 0.53 -18.11
CA GLU A 99 2.80 0.70 -19.56
C GLU A 99 4.11 0.14 -20.07
N SER A 100 4.13 -0.25 -21.34
CA SER A 100 5.32 -0.81 -21.96
C SER A 100 5.33 -0.58 -23.47
N GLY A 101 6.34 0.13 -23.95
CA GLY A 101 6.44 0.42 -25.36
C GLY A 101 6.41 1.91 -25.66
N PRO A 102 7.59 2.51 -25.83
CA PRO A 102 7.71 3.94 -26.12
C PRO A 102 7.35 4.28 -27.56
N SER A 103 7.54 3.31 -28.45
CA SER A 103 7.23 3.51 -29.87
C SER A 103 6.16 2.53 -30.33
N SER A 104 5.31 2.98 -31.24
CA SER A 104 4.24 2.15 -31.76
C SER A 104 4.60 1.58 -33.13
N GLY A 105 3.95 0.48 -33.51
CA GLY A 105 4.22 -0.13 -34.79
C GLY A 105 4.42 -1.63 -34.69
N GLY A 1 10.13 -9.28 -5.84
CA GLY A 1 9.90 -8.99 -7.25
C GLY A 1 9.00 -10.03 -7.91
N SER A 2 9.53 -10.73 -8.90
CA SER A 2 8.77 -11.74 -9.62
C SER A 2 7.51 -11.14 -10.23
N SER A 3 7.65 -9.96 -10.80
CA SER A 3 6.53 -9.26 -11.43
C SER A 3 5.80 -10.18 -12.41
N GLY A 4 6.56 -10.78 -13.32
CA GLY A 4 5.98 -11.67 -14.30
C GLY A 4 5.66 -10.97 -15.61
N SER A 5 5.10 -9.77 -15.52
CA SER A 5 4.75 -9.00 -16.71
C SER A 5 5.96 -8.27 -17.25
N SER A 6 6.46 -8.72 -18.40
CA SER A 6 7.63 -8.10 -19.03
C SER A 6 7.47 -6.59 -19.08
N GLY A 7 8.38 -5.88 -18.43
CA GLY A 7 8.33 -4.43 -18.41
C GLY A 7 9.34 -3.82 -17.46
N SER A 8 10.42 -3.27 -18.02
CA SER A 8 11.47 -2.65 -17.21
C SER A 8 10.89 -1.54 -16.33
N GLU A 9 11.47 -1.38 -15.15
CA GLU A 9 11.01 -0.35 -14.22
C GLU A 9 10.79 0.98 -14.94
N SER A 10 10.12 1.90 -14.27
CA SER A 10 9.83 3.21 -14.84
C SER A 10 10.76 4.28 -14.27
N ARG A 11 10.76 5.45 -14.90
CA ARG A 11 11.61 6.55 -14.45
C ARG A 11 10.97 7.90 -14.77
N GLY A 12 11.33 8.92 -14.00
CA GLY A 12 10.79 10.24 -14.22
C GLY A 12 10.28 10.88 -12.93
N GLY A 13 9.31 10.24 -12.30
CA GLY A 13 8.76 10.78 -11.07
C GLY A 13 8.27 9.68 -10.13
N ARG A 14 9.13 9.24 -9.23
CA ARG A 14 8.78 8.19 -8.28
C ARG A 14 7.65 8.65 -7.37
N ASP A 15 7.01 7.69 -6.70
CA ASP A 15 5.90 7.99 -5.80
C ASP A 15 6.05 7.23 -4.48
N ARG A 16 6.15 7.98 -3.39
CA ARG A 16 6.30 7.38 -2.07
C ARG A 16 4.94 7.21 -1.39
N LYS A 17 4.18 6.23 -1.85
CA LYS A 17 2.85 5.96 -1.30
C LYS A 17 2.45 4.51 -1.55
N LEU A 18 1.52 4.02 -0.73
CA LEU A 18 1.04 2.65 -0.87
C LEU A 18 -0.47 2.58 -0.65
N PHE A 19 -1.14 1.83 -1.51
CA PHE A 19 -2.60 1.68 -1.42
C PHE A 19 -2.97 0.33 -0.81
N VAL A 20 -3.62 0.37 0.35
CA VAL A 20 -4.03 -0.85 1.03
C VAL A 20 -5.53 -1.06 0.93
N GLY A 21 -5.94 -2.32 0.84
CA GLY A 21 -7.36 -2.64 0.73
C GLY A 21 -7.74 -3.86 1.54
N MET A 22 -8.91 -4.41 1.26
CA MET A 22 -9.40 -5.58 1.98
C MET A 22 -9.27 -5.39 3.49
N LEU A 23 -9.77 -4.25 3.97
CA LEU A 23 -9.72 -3.94 5.40
C LEU A 23 -11.11 -3.99 6.01
N ASN A 24 -11.16 -4.28 7.31
CA ASN A 24 -12.43 -4.34 8.02
C ASN A 24 -12.76 -3.01 8.70
N LYS A 25 -13.94 -2.92 9.28
CA LYS A 25 -14.38 -1.70 9.97
C LYS A 25 -13.99 -1.75 11.44
N GLN A 26 -12.78 -2.22 11.73
CA GLN A 26 -12.30 -2.31 13.09
C GLN A 26 -10.87 -1.79 13.21
N GLN A 27 -10.07 -2.02 12.17
CA GLN A 27 -8.68 -1.57 12.15
C GLN A 27 -8.61 -0.04 12.02
N SER A 28 -7.61 0.55 12.65
CA SER A 28 -7.43 1.99 12.61
C SER A 28 -6.07 2.35 12.03
N GLU A 29 -5.77 3.65 11.97
CA GLU A 29 -4.50 4.13 11.45
C GLU A 29 -3.34 3.67 12.33
N GLU A 30 -3.59 3.62 13.64
CA GLU A 30 -2.56 3.20 14.58
C GLU A 30 -2.17 1.74 14.35
N ASP A 31 -3.14 0.92 13.97
CA ASP A 31 -2.89 -0.49 13.71
C ASP A 31 -1.86 -0.67 12.61
N VAL A 32 -2.21 -0.26 11.39
CA VAL A 32 -1.32 -0.37 10.25
C VAL A 32 0.02 0.28 10.53
N LEU A 33 -0.02 1.54 10.97
CA LEU A 33 1.19 2.29 11.28
C LEU A 33 2.08 1.50 12.25
N ARG A 34 1.45 0.85 13.22
CA ARG A 34 2.17 0.07 14.21
C ARG A 34 2.78 -1.18 13.57
N LEU A 35 2.03 -1.81 12.67
CA LEU A 35 2.49 -3.01 11.99
C LEU A 35 3.35 -2.66 10.78
N PHE A 36 3.37 -1.37 10.43
CA PHE A 36 4.15 -0.91 9.29
C PHE A 36 5.47 -0.29 9.76
N GLN A 37 5.43 0.41 10.88
CA GLN A 37 6.62 1.04 11.44
C GLN A 37 7.80 0.08 11.44
N PRO A 38 7.56 -1.15 11.92
CA PRO A 38 8.58 -2.19 11.99
C PRO A 38 9.37 -2.33 10.69
N PHE A 39 8.81 -1.79 9.62
CA PHE A 39 9.45 -1.85 8.30
C PHE A 39 10.16 -0.54 7.99
N GLY A 40 9.60 0.57 8.48
CA GLY A 40 10.18 1.87 8.23
C GLY A 40 9.39 2.99 8.88
N VAL A 41 9.95 4.21 8.84
CA VAL A 41 9.29 5.36 9.43
C VAL A 41 8.23 5.92 8.49
N ILE A 42 6.97 5.68 8.81
CA ILE A 42 5.87 6.16 7.99
C ILE A 42 5.64 7.65 8.20
N ASP A 43 5.56 8.39 7.10
CA ASP A 43 5.34 9.83 7.16
C ASP A 43 3.92 10.15 7.61
N GLU A 44 2.94 9.71 6.82
CA GLU A 44 1.54 9.95 7.13
C GLU A 44 0.67 8.79 6.68
N CYS A 45 -0.37 8.50 7.45
CA CYS A 45 -1.28 7.40 7.13
C CYS A 45 -2.74 7.85 7.26
N THR A 46 -3.47 7.80 6.15
CA THR A 46 -4.87 8.20 6.14
C THR A 46 -5.76 7.08 5.61
N VAL A 47 -6.92 6.91 6.23
CA VAL A 47 -7.86 5.88 5.82
C VAL A 47 -9.08 6.48 5.14
N LEU A 48 -9.52 5.84 4.05
CA LEU A 48 -10.68 6.32 3.31
C LEU A 48 -11.98 5.96 4.02
N ARG A 49 -12.99 6.81 3.87
CA ARG A 49 -14.28 6.57 4.50
C ARG A 49 -15.41 7.00 3.58
N GLY A 50 -16.45 6.18 3.50
CA GLY A 50 -17.58 6.48 2.65
C GLY A 50 -18.26 7.78 3.05
N PRO A 51 -19.49 7.98 2.55
CA PRO A 51 -20.27 9.20 2.83
C PRO A 51 -20.85 9.19 4.24
N ASP A 52 -21.45 8.07 4.63
CA ASP A 52 -22.06 7.93 5.95
C ASP A 52 -21.06 7.32 6.93
N GLY A 53 -19.81 7.77 6.86
CA GLY A 53 -18.78 7.27 7.74
C GLY A 53 -18.68 5.75 7.72
N SER A 54 -18.37 5.20 6.55
CA SER A 54 -18.26 3.76 6.40
C SER A 54 -16.96 3.39 5.66
N SER A 55 -15.90 3.18 6.42
CA SER A 55 -14.61 2.83 5.85
C SER A 55 -14.78 1.96 4.60
N LYS A 56 -14.15 2.38 3.51
CA LYS A 56 -14.23 1.64 2.25
C LYS A 56 -13.19 0.53 2.20
N GLY A 57 -12.76 0.07 3.37
CA GLY A 57 -11.77 -0.98 3.43
C GLY A 57 -10.51 -0.65 2.66
N CYS A 58 -10.19 0.64 2.59
CA CYS A 58 -9.00 1.09 1.87
C CYS A 58 -8.36 2.27 2.58
N ALA A 59 -7.08 2.52 2.27
CA ALA A 59 -6.35 3.63 2.88
C ALA A 59 -5.05 3.89 2.13
N PHE A 60 -4.39 5.00 2.49
CA PHE A 60 -3.13 5.37 1.85
C PHE A 60 -2.03 5.55 2.89
N VAL A 61 -0.89 4.92 2.64
CA VAL A 61 0.25 5.01 3.56
C VAL A 61 1.49 5.56 2.84
N LYS A 62 2.12 6.55 3.46
CA LYS A 62 3.32 7.16 2.89
C LYS A 62 4.54 6.88 3.76
N PHE A 63 5.56 6.26 3.18
CA PHE A 63 6.78 5.94 3.89
C PHE A 63 7.83 7.03 3.70
N SER A 64 8.85 7.03 4.55
CA SER A 64 9.92 8.02 4.47
C SER A 64 10.79 7.77 3.24
N SER A 65 10.83 6.53 2.79
CA SER A 65 11.63 6.16 1.63
C SER A 65 10.92 5.09 0.80
N HIS A 66 11.20 5.09 -0.50
CA HIS A 66 10.58 4.13 -1.41
C HIS A 66 10.85 2.70 -0.95
N THR A 67 12.12 2.39 -0.69
CA THR A 67 12.50 1.06 -0.24
C THR A 67 11.55 0.54 0.82
N GLU A 68 11.54 1.18 1.98
CA GLU A 68 10.67 0.78 3.07
C GLU A 68 9.31 0.32 2.54
N ALA A 69 8.69 1.15 1.71
CA ALA A 69 7.39 0.82 1.13
C ALA A 69 7.43 -0.51 0.40
N GLN A 70 8.30 -0.59 -0.61
CA GLN A 70 8.44 -1.80 -1.40
C GLN A 70 8.33 -3.04 -0.52
N ALA A 71 9.07 -3.04 0.59
CA ALA A 71 9.05 -4.16 1.53
C ALA A 71 7.67 -4.34 2.15
N ALA A 72 7.23 -3.33 2.91
CA ALA A 72 5.93 -3.38 3.55
C ALA A 72 4.88 -4.00 2.64
N ILE A 73 5.06 -3.81 1.34
CA ILE A 73 4.12 -4.35 0.36
C ILE A 73 4.20 -5.87 0.29
N HIS A 74 5.31 -6.37 -0.27
CA HIS A 74 5.51 -7.81 -0.39
C HIS A 74 5.63 -8.46 0.98
N ALA A 75 5.72 -7.63 2.02
CA ALA A 75 5.85 -8.13 3.38
C ALA A 75 4.48 -8.30 4.03
N LEU A 76 3.50 -7.54 3.55
CA LEU A 76 2.14 -7.61 4.08
C LEU A 76 1.12 -7.69 2.95
N HIS A 77 1.59 -8.01 1.75
CA HIS A 77 0.73 -8.13 0.59
C HIS A 77 0.15 -9.53 0.47
N GLY A 78 -1.18 -9.63 0.38
CA GLY A 78 -1.82 -10.92 0.27
C GLY A 78 -1.28 -11.93 1.26
N SER A 79 -0.63 -11.43 2.31
CA SER A 79 -0.05 -12.31 3.33
C SER A 79 -0.96 -12.39 4.55
N GLN A 80 -1.58 -11.26 4.90
CA GLN A 80 -2.48 -11.20 6.05
C GLN A 80 -3.93 -11.28 5.61
N THR A 81 -4.80 -11.72 6.52
CA THR A 81 -6.22 -11.85 6.23
C THR A 81 -7.06 -11.13 7.28
N MET A 82 -7.18 -9.81 7.14
CA MET A 82 -7.95 -9.01 8.09
C MET A 82 -9.20 -9.76 8.54
N PRO A 83 -9.50 -9.68 9.84
CA PRO A 83 -10.67 -10.35 10.43
C PRO A 83 -11.93 -10.13 9.62
N GLY A 84 -12.87 -11.05 9.72
CA GLY A 84 -14.13 -10.94 8.99
C GLY A 84 -13.97 -11.26 7.52
N ALA A 85 -12.92 -10.72 6.90
CA ALA A 85 -12.67 -10.96 5.49
C ALA A 85 -12.01 -12.32 5.28
N SER A 86 -12.48 -13.05 4.27
CA SER A 86 -11.95 -14.37 3.96
C SER A 86 -10.75 -14.26 3.02
N SER A 87 -10.55 -13.07 2.46
CA SER A 87 -9.45 -12.83 1.53
C SER A 87 -8.28 -12.15 2.24
N SER A 88 -7.11 -12.19 1.61
CA SER A 88 -5.92 -11.58 2.18
C SER A 88 -5.90 -10.07 1.92
N LEU A 89 -4.92 -9.39 2.50
CA LEU A 89 -4.79 -7.95 2.34
C LEU A 89 -4.27 -7.60 0.95
N VAL A 90 -4.58 -6.39 0.50
CA VAL A 90 -4.13 -5.93 -0.82
C VAL A 90 -3.31 -4.65 -0.72
N VAL A 91 -2.00 -4.78 -0.86
CA VAL A 91 -1.11 -3.63 -0.78
C VAL A 91 -0.35 -3.44 -2.09
N LYS A 92 -0.52 -2.26 -2.68
CA LYS A 92 0.15 -1.93 -3.94
C LYS A 92 0.23 -0.43 -4.14
N PHE A 93 1.30 0.03 -4.78
CA PHE A 93 1.50 1.45 -5.04
C PHE A 93 0.19 2.11 -5.46
N ALA A 94 -0.02 3.34 -5.01
CA ALA A 94 -1.23 4.09 -5.35
C ALA A 94 -1.45 4.14 -6.85
N ASP A 95 -2.67 4.48 -7.26
CA ASP A 95 -3.01 4.55 -8.67
C ASP A 95 -2.11 5.54 -9.40
N THR A 96 -1.12 5.02 -10.11
CA THR A 96 -0.18 5.86 -10.85
C THR A 96 -0.66 6.09 -12.29
N ASP A 97 -0.36 7.27 -12.81
CA ASP A 97 -0.75 7.61 -14.17
C ASP A 97 -0.01 8.85 -14.66
N LYS A 98 0.89 8.65 -15.63
CA LYS A 98 1.68 9.74 -16.20
C LYS A 98 1.94 9.52 -17.68
N GLU A 99 2.13 10.61 -18.41
CA GLU A 99 2.40 10.53 -19.84
C GLU A 99 3.02 11.83 -20.35
N SER A 100 3.78 11.72 -21.43
CA SER A 100 4.44 12.89 -22.02
C SER A 100 4.50 12.77 -23.54
N GLY A 101 4.12 13.85 -24.23
CA GLY A 101 4.14 13.84 -25.68
C GLY A 101 3.15 14.81 -26.27
N PRO A 102 3.05 14.83 -27.61
CA PRO A 102 2.13 15.71 -28.33
C PRO A 102 0.69 15.22 -28.28
N SER A 103 0.27 14.75 -27.10
CA SER A 103 -1.09 14.26 -26.92
C SER A 103 -1.56 13.50 -28.16
N SER A 104 -0.65 12.72 -28.75
CA SER A 104 -0.97 11.94 -29.94
C SER A 104 -1.94 10.81 -29.61
N GLY A 105 -1.57 9.98 -28.64
CA GLY A 105 -2.41 8.87 -28.25
C GLY A 105 -2.06 7.59 -28.98
N GLY A 1 19.35 -16.07 -4.91
CA GLY A 1 19.65 -14.69 -5.26
C GLY A 1 18.62 -13.72 -4.70
N SER A 2 18.88 -13.21 -3.51
CA SER A 2 17.98 -12.27 -2.86
C SER A 2 18.70 -10.97 -2.52
N SER A 3 17.97 -9.86 -2.59
CA SER A 3 18.54 -8.55 -2.29
C SER A 3 18.69 -8.35 -0.78
N GLY A 4 19.57 -7.43 -0.39
CA GLY A 4 19.78 -7.17 1.01
C GLY A 4 20.22 -5.73 1.27
N SER A 5 20.07 -5.29 2.51
CA SER A 5 20.44 -3.93 2.88
C SER A 5 20.66 -3.82 4.39
N SER A 6 21.51 -2.89 4.80
CA SER A 6 21.80 -2.69 6.21
C SER A 6 20.79 -1.73 6.85
N GLY A 7 20.74 -0.52 6.33
CA GLY A 7 19.81 0.47 6.85
C GLY A 7 19.90 1.80 6.13
N SER A 8 18.77 2.27 5.62
CA SER A 8 18.72 3.53 4.88
C SER A 8 18.42 4.69 5.83
N GLU A 9 19.27 5.71 5.79
CA GLU A 9 19.08 6.88 6.65
C GLU A 9 19.14 8.17 5.83
N SER A 10 18.52 8.14 4.66
CA SER A 10 18.50 9.31 3.78
C SER A 10 17.11 9.93 3.72
N ARG A 11 17.05 11.22 3.44
CA ARG A 11 15.78 11.94 3.36
C ARG A 11 15.51 12.38 1.92
N GLY A 12 14.67 11.62 1.23
CA GLY A 12 14.34 11.94 -0.15
C GLY A 12 13.76 10.77 -0.90
N GLY A 13 12.73 11.02 -1.71
CA GLY A 13 12.10 9.97 -2.47
C GLY A 13 10.97 10.48 -3.35
N ARG A 14 10.24 9.55 -3.97
CA ARG A 14 9.14 9.91 -4.85
C ARG A 14 8.04 8.85 -4.79
N ASP A 15 6.84 9.23 -5.24
CA ASP A 15 5.71 8.31 -5.25
C ASP A 15 5.71 7.44 -4.00
N ARG A 16 6.06 8.03 -2.86
CA ARG A 16 6.10 7.31 -1.59
C ARG A 16 4.68 7.15 -1.01
N LYS A 17 3.75 6.76 -1.86
CA LYS A 17 2.36 6.58 -1.43
C LYS A 17 1.86 5.18 -1.80
N LEU A 18 1.46 4.41 -0.79
CA LEU A 18 0.96 3.06 -1.00
C LEU A 18 -0.55 3.00 -0.81
N PHE A 19 -1.18 2.02 -1.46
CA PHE A 19 -2.63 1.86 -1.34
C PHE A 19 -2.98 0.48 -0.81
N VAL A 20 -3.58 0.44 0.37
CA VAL A 20 -3.97 -0.81 1.00
C VAL A 20 -5.46 -1.09 0.81
N GLY A 21 -5.81 -2.37 0.73
CA GLY A 21 -7.20 -2.75 0.54
C GLY A 21 -7.58 -3.99 1.33
N MET A 22 -8.81 -4.44 1.17
CA MET A 22 -9.29 -5.63 1.86
C MET A 22 -9.20 -5.45 3.37
N LEU A 23 -9.52 -4.24 3.84
CA LEU A 23 -9.46 -3.94 5.26
C LEU A 23 -10.86 -4.01 5.88
N ASN A 24 -10.91 -4.29 7.18
CA ASN A 24 -12.19 -4.39 7.88
C ASN A 24 -12.41 -3.16 8.76
N LYS A 25 -13.66 -2.97 9.21
CA LYS A 25 -14.00 -1.84 10.06
C LYS A 25 -13.55 -2.07 11.49
N GLN A 26 -12.29 -2.50 11.65
CA GLN A 26 -11.74 -2.76 12.97
C GLN A 26 -10.35 -2.16 13.10
N GLN A 27 -9.60 -2.15 12.00
CA GLN A 27 -8.26 -1.59 12.00
C GLN A 27 -8.29 -0.07 11.83
N SER A 28 -7.42 0.62 12.57
CA SER A 28 -7.35 2.07 12.51
C SER A 28 -5.98 2.54 12.03
N GLU A 29 -5.86 3.84 11.78
CA GLU A 29 -4.60 4.41 11.32
C GLU A 29 -3.44 3.93 12.18
N GLU A 30 -3.58 4.09 13.50
CA GLU A 30 -2.55 3.67 14.44
C GLU A 30 -2.14 2.22 14.19
N ASP A 31 -3.13 1.33 14.22
CA ASP A 31 -2.87 -0.09 14.00
C ASP A 31 -1.90 -0.30 12.84
N VAL A 32 -2.33 0.07 11.64
CA VAL A 32 -1.50 -0.08 10.46
C VAL A 32 -0.10 0.49 10.69
N LEU A 33 -0.04 1.79 10.95
CA LEU A 33 1.24 2.46 11.20
C LEU A 33 2.09 1.66 12.18
N ARG A 34 1.44 1.06 13.16
CA ARG A 34 2.14 0.26 14.16
C ARG A 34 2.67 -1.02 13.56
N LEU A 35 1.88 -1.64 12.69
CA LEU A 35 2.27 -2.89 12.04
C LEU A 35 3.15 -2.61 10.82
N PHE A 36 3.23 -1.34 10.43
CA PHE A 36 4.02 -0.95 9.27
C PHE A 36 5.37 -0.37 9.71
N GLN A 37 5.37 0.34 10.83
CA GLN A 37 6.58 0.95 11.35
C GLN A 37 7.72 -0.06 11.36
N PRO A 38 7.44 -1.27 11.87
CA PRO A 38 8.43 -2.34 11.95
C PRO A 38 9.20 -2.54 10.64
N PHE A 39 8.63 -2.01 9.55
CA PHE A 39 9.25 -2.12 8.23
C PHE A 39 9.95 -0.82 7.85
N GLY A 40 9.26 0.29 8.07
CA GLY A 40 9.84 1.59 7.75
C GLY A 40 9.16 2.73 8.49
N VAL A 41 9.86 3.83 8.64
CA VAL A 41 9.33 5.01 9.33
C VAL A 41 8.32 5.74 8.47
N ILE A 42 7.04 5.42 8.67
CA ILE A 42 5.97 6.05 7.90
C ILE A 42 5.86 7.54 8.23
N ASP A 43 5.55 8.34 7.21
CA ASP A 43 5.42 9.79 7.39
C ASP A 43 3.97 10.16 7.72
N GLU A 44 3.06 9.83 6.81
CA GLU A 44 1.65 10.14 7.01
C GLU A 44 0.77 8.97 6.56
N CYS A 45 -0.25 8.66 7.36
CA CYS A 45 -1.15 7.56 7.05
C CYS A 45 -2.61 7.99 7.25
N THR A 46 -3.49 7.50 6.37
CA THR A 46 -4.90 7.84 6.46
C THR A 46 -5.76 6.71 5.89
N VAL A 47 -6.89 6.44 6.53
CA VAL A 47 -7.80 5.39 6.10
C VAL A 47 -9.04 5.99 5.44
N LEU A 48 -9.51 5.34 4.38
CA LEU A 48 -10.69 5.81 3.66
C LEU A 48 -11.97 5.35 4.37
N ARG A 49 -12.97 6.21 4.37
CA ARG A 49 -14.24 5.91 5.00
C ARG A 49 -15.39 6.64 4.30
N GLY A 50 -16.62 6.29 4.68
CA GLY A 50 -17.78 6.92 4.09
C GLY A 50 -18.33 8.05 4.94
N PRO A 51 -19.51 8.56 4.57
CA PRO A 51 -20.17 9.65 5.30
C PRO A 51 -20.83 9.17 6.58
N ASP A 52 -21.09 7.88 6.67
CA ASP A 52 -21.73 7.29 7.84
C ASP A 52 -20.68 6.93 8.89
N GLY A 53 -19.48 6.56 8.44
CA GLY A 53 -18.43 6.20 9.35
C GLY A 53 -17.74 4.90 8.96
N SER A 54 -18.50 4.00 8.34
CA SER A 54 -17.97 2.71 7.92
C SER A 54 -16.72 2.90 7.06
N SER A 55 -15.90 1.85 7.00
CA SER A 55 -14.67 1.89 6.21
C SER A 55 -14.85 1.17 4.88
N LYS A 56 -14.17 1.66 3.85
CA LYS A 56 -14.25 1.07 2.52
C LYS A 56 -13.26 -0.10 2.39
N GLY A 57 -12.54 -0.37 3.47
CA GLY A 57 -11.56 -1.45 3.45
C GLY A 57 -10.31 -1.10 2.69
N CYS A 58 -9.96 0.19 2.69
CA CYS A 58 -8.78 0.65 1.98
C CYS A 58 -8.21 1.90 2.64
N ALA A 59 -6.90 2.10 2.51
CA ALA A 59 -6.24 3.26 3.10
C ALA A 59 -4.98 3.62 2.33
N PHE A 60 -4.31 4.69 2.76
CA PHE A 60 -3.09 5.15 2.09
C PHE A 60 -1.97 5.34 3.11
N VAL A 61 -0.83 4.70 2.86
CA VAL A 61 0.31 4.81 3.75
C VAL A 61 1.53 5.36 3.01
N LYS A 62 2.08 6.46 3.53
CA LYS A 62 3.25 7.08 2.91
C LYS A 62 4.50 6.83 3.76
N PHE A 63 5.50 6.23 3.14
CA PHE A 63 6.75 5.93 3.82
C PHE A 63 7.79 7.02 3.57
N SER A 64 8.84 7.03 4.39
CA SER A 64 9.89 8.03 4.25
C SER A 64 10.65 7.84 2.94
N SER A 65 10.82 6.60 2.53
CA SER A 65 11.53 6.29 1.29
C SER A 65 10.80 5.20 0.51
N HIS A 66 11.21 5.00 -0.74
CA HIS A 66 10.61 3.99 -1.60
C HIS A 66 10.90 2.59 -1.07
N THR A 67 12.18 2.25 -0.98
CA THR A 67 12.59 0.94 -0.49
C THR A 67 11.72 0.49 0.69
N GLU A 68 11.61 1.34 1.69
CA GLU A 68 10.81 1.04 2.88
C GLU A 68 9.44 0.50 2.48
N ALA A 69 8.77 1.21 1.58
CA ALA A 69 7.45 0.81 1.12
C ALA A 69 7.50 -0.56 0.43
N GLN A 70 8.35 -0.66 -0.59
CA GLN A 70 8.50 -1.91 -1.33
C GLN A 70 8.46 -3.11 -0.39
N ALA A 71 9.14 -2.99 0.75
CA ALA A 71 9.18 -4.06 1.73
C ALA A 71 7.82 -4.26 2.39
N ALA A 72 7.37 -3.24 3.12
CA ALA A 72 6.08 -3.31 3.80
C ALA A 72 5.04 -3.99 2.93
N ILE A 73 5.12 -3.77 1.62
CA ILE A 73 4.18 -4.36 0.67
C ILE A 73 4.36 -5.87 0.62
N HIS A 74 5.47 -6.31 0.03
CA HIS A 74 5.75 -7.74 -0.09
C HIS A 74 5.72 -8.41 1.28
N ALA A 75 5.74 -7.60 2.33
CA ALA A 75 5.72 -8.14 3.70
C ALA A 75 4.29 -8.31 4.20
N LEU A 76 3.43 -7.35 3.86
CA LEU A 76 2.03 -7.39 4.28
C LEU A 76 1.10 -7.45 3.06
N HIS A 77 1.60 -8.03 1.98
CA HIS A 77 0.82 -8.15 0.76
C HIS A 77 0.15 -9.52 0.67
N GLY A 78 -1.18 -9.52 0.56
CA GLY A 78 -1.92 -10.77 0.48
C GLY A 78 -1.41 -11.81 1.45
N SER A 79 -0.77 -11.36 2.52
CA SER A 79 -0.23 -12.26 3.53
C SER A 79 -1.15 -12.34 4.74
N GLN A 80 -1.76 -11.21 5.10
CA GLN A 80 -2.67 -11.15 6.24
C GLN A 80 -4.12 -11.20 5.77
N THR A 81 -5.00 -11.73 6.62
CA THR A 81 -6.42 -11.83 6.29
C THR A 81 -7.27 -11.15 7.36
N MET A 82 -7.47 -9.84 7.21
CA MET A 82 -8.26 -9.08 8.17
C MET A 82 -9.54 -9.83 8.53
N PRO A 83 -9.91 -9.78 9.82
CA PRO A 83 -11.11 -10.45 10.32
C PRO A 83 -12.34 -10.16 9.47
N GLY A 84 -13.27 -11.10 9.45
CA GLY A 84 -14.48 -10.93 8.66
C GLY A 84 -14.28 -11.28 7.20
N ALA A 85 -13.22 -10.75 6.61
CA ALA A 85 -12.92 -11.01 5.21
C ALA A 85 -12.31 -12.40 5.02
N SER A 86 -12.58 -13.00 3.87
CA SER A 86 -12.07 -14.34 3.57
C SER A 86 -10.77 -14.26 2.77
N SER A 87 -10.52 -13.09 2.19
CA SER A 87 -9.31 -12.89 1.39
C SER A 87 -8.26 -12.13 2.20
N SER A 88 -7.02 -12.15 1.72
CA SER A 88 -5.91 -11.48 2.39
C SER A 88 -5.94 -9.99 2.11
N LEU A 89 -4.92 -9.28 2.58
CA LEU A 89 -4.82 -7.84 2.38
C LEU A 89 -4.22 -7.52 1.02
N VAL A 90 -4.57 -6.36 0.47
CA VAL A 90 -4.05 -5.94 -0.82
C VAL A 90 -3.25 -4.65 -0.70
N VAL A 91 -1.93 -4.76 -0.84
CA VAL A 91 -1.05 -3.60 -0.74
C VAL A 91 -0.32 -3.36 -2.05
N LYS A 92 -0.53 -2.17 -2.61
CA LYS A 92 0.12 -1.80 -3.88
C LYS A 92 0.19 -0.28 -4.03
N PHE A 93 1.21 0.19 -4.73
CA PHE A 93 1.39 1.61 -4.95
C PHE A 93 0.15 2.23 -5.58
N ALA A 94 -0.06 3.52 -5.33
CA ALA A 94 -1.20 4.23 -5.88
C ALA A 94 -0.87 4.89 -7.21
N ASP A 95 0.32 5.47 -7.29
CA ASP A 95 0.77 6.13 -8.50
C ASP A 95 2.23 5.79 -8.81
N THR A 96 2.47 5.31 -10.02
CA THR A 96 3.82 4.93 -10.44
C THR A 96 3.99 5.10 -11.94
N ASP A 97 5.24 5.10 -12.39
CA ASP A 97 5.55 5.25 -13.80
C ASP A 97 6.03 3.94 -14.41
N LYS A 98 7.13 3.42 -13.87
CA LYS A 98 7.70 2.17 -14.35
C LYS A 98 7.51 1.05 -13.32
N GLU A 99 7.53 -0.19 -13.79
CA GLU A 99 7.36 -1.34 -12.91
C GLU A 99 8.68 -1.70 -12.23
N SER A 100 8.63 -1.86 -10.91
CA SER A 100 9.82 -2.20 -10.15
C SER A 100 10.81 -1.05 -10.14
N GLY A 101 10.29 0.17 -10.07
CA GLY A 101 11.14 1.34 -10.06
C GLY A 101 12.26 1.27 -11.09
N PRO A 102 13.38 1.93 -10.81
CA PRO A 102 14.54 1.96 -11.71
C PRO A 102 14.88 0.57 -12.24
N SER A 103 15.11 0.48 -13.54
CA SER A 103 15.45 -0.78 -14.18
C SER A 103 16.51 -1.53 -13.37
N SER A 104 16.30 -2.83 -13.19
CA SER A 104 17.24 -3.65 -12.43
C SER A 104 18.45 -4.02 -13.28
N GLY A 105 18.20 -4.72 -14.38
CA GLY A 105 19.28 -5.11 -15.26
C GLY A 105 18.92 -6.33 -16.11
N GLY A 1 5.54 -19.91 -2.37
CA GLY A 1 6.87 -19.46 -2.69
C GLY A 1 6.93 -18.67 -3.97
N SER A 2 7.66 -19.17 -4.95
CA SER A 2 7.80 -18.49 -6.24
C SER A 2 8.48 -17.14 -6.08
N SER A 3 9.52 -17.10 -5.25
CA SER A 3 10.25 -15.86 -5.01
C SER A 3 11.74 -16.05 -5.29
N GLY A 4 12.28 -15.20 -6.16
CA GLY A 4 13.69 -15.29 -6.50
C GLY A 4 13.99 -14.64 -7.84
N SER A 5 14.52 -15.44 -8.77
CA SER A 5 14.87 -14.93 -10.09
C SER A 5 13.82 -13.95 -10.59
N SER A 6 12.55 -14.31 -10.41
CA SER A 6 11.45 -13.46 -10.85
C SER A 6 11.32 -12.23 -9.95
N GLY A 7 10.74 -11.16 -10.50
CA GLY A 7 10.57 -9.94 -9.74
C GLY A 7 10.54 -8.71 -10.62
N SER A 8 9.89 -7.65 -10.13
CA SER A 8 9.80 -6.41 -10.88
C SER A 8 11.09 -5.61 -10.78
N GLU A 9 11.50 -5.02 -11.91
CA GLU A 9 12.73 -4.23 -11.95
C GLU A 9 12.48 -2.89 -12.64
N SER A 10 11.31 -2.31 -12.40
CA SER A 10 10.95 -1.03 -13.00
C SER A 10 11.80 0.10 -12.42
N ARG A 11 12.91 0.40 -13.08
CA ARG A 11 13.80 1.46 -12.63
C ARG A 11 13.26 2.83 -13.01
N GLY A 12 12.96 3.65 -12.01
CA GLY A 12 12.44 4.98 -12.26
C GLY A 12 11.21 5.29 -11.44
N GLY A 13 10.91 6.57 -11.27
CA GLY A 13 9.77 6.98 -10.49
C GLY A 13 10.04 7.01 -9.00
N ARG A 14 9.85 8.17 -8.39
CA ARG A 14 10.10 8.33 -6.96
C ARG A 14 8.79 8.58 -6.21
N ASP A 15 8.05 7.50 -5.96
CA ASP A 15 6.77 7.61 -5.24
C ASP A 15 6.88 6.97 -3.86
N ARG A 16 6.27 7.64 -2.88
CA ARG A 16 6.30 7.15 -1.50
C ARG A 16 4.89 7.01 -0.94
N LYS A 17 4.01 6.39 -1.71
CA LYS A 17 2.62 6.20 -1.29
C LYS A 17 2.15 4.79 -1.62
N LEU A 18 1.44 4.17 -0.68
CA LEU A 18 0.93 2.82 -0.87
C LEU A 18 -0.58 2.79 -0.73
N PHE A 19 -1.22 1.83 -1.39
CA PHE A 19 -2.67 1.69 -1.33
C PHE A 19 -3.06 0.35 -0.73
N VAL A 20 -3.70 0.40 0.43
CA VAL A 20 -4.14 -0.82 1.12
C VAL A 20 -5.62 -1.08 0.88
N GLY A 21 -5.98 -2.36 0.82
CA GLY A 21 -7.36 -2.74 0.59
C GLY A 21 -7.75 -4.00 1.34
N MET A 22 -9.00 -4.42 1.16
CA MET A 22 -9.51 -5.62 1.83
C MET A 22 -9.32 -5.52 3.34
N LEU A 23 -9.72 -4.39 3.90
CA LEU A 23 -9.60 -4.17 5.35
C LEU A 23 -10.96 -4.26 6.02
N ASN A 24 -10.95 -4.38 7.35
CA ASN A 24 -12.18 -4.48 8.12
C ASN A 24 -12.46 -3.16 8.86
N LYS A 25 -13.70 -3.03 9.34
CA LYS A 25 -14.10 -1.82 10.05
C LYS A 25 -13.70 -1.91 11.53
N GLN A 26 -12.50 -2.41 11.78
CA GLN A 26 -12.00 -2.55 13.14
C GLN A 26 -10.62 -1.92 13.28
N GLN A 27 -9.81 -2.04 12.24
CA GLN A 27 -8.46 -1.48 12.24
C GLN A 27 -8.50 0.03 12.04
N SER A 28 -7.48 0.71 12.57
CA SER A 28 -7.39 2.17 12.46
C SER A 28 -6.03 2.59 11.93
N GLU A 29 -5.85 3.90 11.75
CA GLU A 29 -4.59 4.43 11.26
C GLU A 29 -3.42 4.00 12.13
N GLU A 30 -3.63 4.02 13.45
CA GLU A 30 -2.60 3.63 14.39
C GLU A 30 -2.18 2.18 14.17
N ASP A 31 -3.15 1.29 14.21
CA ASP A 31 -2.89 -0.14 14.01
C ASP A 31 -1.91 -0.36 12.86
N VAL A 32 -2.33 0.00 11.65
CA VAL A 32 -1.49 -0.15 10.47
C VAL A 32 -0.11 0.44 10.71
N LEU A 33 -0.06 1.74 10.97
CA LEU A 33 1.20 2.42 11.22
C LEU A 33 2.07 1.65 12.19
N ARG A 34 1.43 1.04 13.19
CA ARG A 34 2.15 0.26 14.20
C ARG A 34 2.71 -1.03 13.58
N LEU A 35 1.92 -1.65 12.72
CA LEU A 35 2.33 -2.90 12.07
C LEU A 35 3.19 -2.61 10.85
N PHE A 36 3.24 -1.34 10.45
CA PHE A 36 4.02 -0.92 9.29
C PHE A 36 5.35 -0.33 9.72
N GLN A 37 5.35 0.38 10.84
CA GLN A 37 6.57 1.00 11.36
C GLN A 37 7.73 0.02 11.35
N PRO A 38 7.47 -1.21 11.85
CA PRO A 38 8.49 -2.26 11.91
C PRO A 38 9.23 -2.42 10.59
N PHE A 39 8.66 -1.88 9.51
CA PHE A 39 9.27 -1.96 8.20
C PHE A 39 9.98 -0.67 7.84
N GLY A 40 9.39 0.46 8.25
CA GLY A 40 9.98 1.76 7.96
C GLY A 40 9.29 2.87 8.71
N VAL A 41 9.93 4.04 8.75
CA VAL A 41 9.37 5.20 9.44
C VAL A 41 8.35 5.92 8.56
N ILE A 42 7.08 5.55 8.73
CA ILE A 42 6.00 6.16 7.95
C ILE A 42 5.85 7.63 8.29
N ASP A 43 5.83 8.47 7.25
CA ASP A 43 5.69 9.91 7.44
C ASP A 43 4.23 10.27 7.75
N GLU A 44 3.35 10.05 6.78
CA GLU A 44 1.94 10.35 6.93
C GLU A 44 1.07 9.18 6.49
N CYS A 45 0.03 8.89 7.27
CA CYS A 45 -0.88 7.79 6.96
C CYS A 45 -2.33 8.22 7.11
N THR A 46 -3.17 7.79 6.18
CA THR A 46 -4.59 8.13 6.21
C THR A 46 -5.44 6.97 5.71
N VAL A 47 -6.69 6.93 6.17
CA VAL A 47 -7.61 5.88 5.76
C VAL A 47 -8.76 6.43 4.92
N LEU A 48 -9.25 5.63 3.99
CA LEU A 48 -10.34 6.03 3.12
C LEU A 48 -11.70 5.72 3.76
N ARG A 49 -12.69 6.55 3.47
CA ARG A 49 -14.03 6.37 4.01
C ARG A 49 -15.09 6.90 3.04
N GLY A 50 -16.34 6.51 3.27
CA GLY A 50 -17.42 6.95 2.41
C GLY A 50 -18.11 8.19 2.95
N PRO A 51 -19.38 8.36 2.59
CA PRO A 51 -20.18 9.52 3.03
C PRO A 51 -20.65 9.39 4.47
N ASP A 52 -21.19 8.22 4.81
CA ASP A 52 -21.67 7.97 6.17
C ASP A 52 -20.55 7.45 7.06
N GLY A 53 -19.38 8.08 6.95
CA GLY A 53 -18.24 7.66 7.75
C GLY A 53 -18.05 6.16 7.75
N SER A 54 -18.25 5.54 6.59
CA SER A 54 -18.11 4.10 6.47
C SER A 54 -16.79 3.75 5.77
N SER A 55 -15.94 3.00 6.47
CA SER A 55 -14.65 2.60 5.93
C SER A 55 -14.82 1.80 4.64
N LYS A 56 -14.04 2.15 3.62
CA LYS A 56 -14.11 1.46 2.35
C LYS A 56 -13.14 0.27 2.31
N GLY A 57 -12.61 -0.08 3.47
CA GLY A 57 -11.68 -1.19 3.56
C GLY A 57 -10.37 -0.90 2.86
N CYS A 58 -10.03 0.38 2.75
CA CYS A 58 -8.79 0.78 2.09
C CYS A 58 -8.18 2.01 2.78
N ALA A 59 -6.86 2.14 2.67
CA ALA A 59 -6.16 3.27 3.29
C ALA A 59 -4.84 3.53 2.58
N PHE A 60 -4.32 4.75 2.74
CA PHE A 60 -3.07 5.14 2.12
C PHE A 60 -1.96 5.27 3.16
N VAL A 61 -0.76 4.84 2.80
CA VAL A 61 0.38 4.91 3.71
C VAL A 61 1.62 5.46 3.00
N LYS A 62 2.20 6.51 3.56
CA LYS A 62 3.38 7.13 2.98
C LYS A 62 4.62 6.84 3.83
N PHE A 63 5.65 6.30 3.20
CA PHE A 63 6.89 5.97 3.89
C PHE A 63 7.94 7.05 3.66
N SER A 64 8.97 7.06 4.51
CA SER A 64 10.04 8.05 4.39
C SER A 64 10.80 7.87 3.09
N SER A 65 10.86 6.63 2.60
CA SER A 65 11.55 6.33 1.36
C SER A 65 10.80 5.28 0.55
N HIS A 66 11.21 5.09 -0.70
CA HIS A 66 10.57 4.12 -1.58
C HIS A 66 10.83 2.69 -1.09
N THR A 67 12.10 2.37 -0.88
CA THR A 67 12.49 1.04 -0.42
C THR A 67 11.59 0.57 0.71
N GLU A 68 11.60 1.30 1.82
CA GLU A 68 10.79 0.96 2.98
C GLU A 68 9.41 0.47 2.54
N ALA A 69 8.80 1.21 1.61
CA ALA A 69 7.48 0.85 1.12
C ALA A 69 7.51 -0.50 0.39
N GLN A 70 8.40 -0.61 -0.59
CA GLN A 70 8.53 -1.84 -1.37
C GLN A 70 8.48 -3.07 -0.45
N ALA A 71 9.06 -2.94 0.73
CA ALA A 71 9.09 -4.02 1.70
C ALA A 71 7.72 -4.21 2.35
N ALA A 72 7.24 -3.16 3.01
CA ALA A 72 5.95 -3.22 3.68
C ALA A 72 4.89 -3.84 2.78
N ILE A 73 5.06 -3.67 1.48
CA ILE A 73 4.11 -4.22 0.50
C ILE A 73 4.18 -5.74 0.48
N HIS A 74 5.26 -6.26 -0.09
CA HIS A 74 5.45 -7.71 -0.19
C HIS A 74 5.47 -8.34 1.20
N ALA A 75 5.67 -7.52 2.22
CA ALA A 75 5.70 -8.00 3.59
C ALA A 75 4.29 -8.20 4.14
N LEU A 76 3.38 -7.31 3.75
CA LEU A 76 2.00 -7.39 4.21
C LEU A 76 1.04 -7.46 3.02
N HIS A 77 1.55 -7.92 1.89
CA HIS A 77 0.74 -8.06 0.68
C HIS A 77 0.03 -9.40 0.64
N GLY A 78 -1.30 -9.37 0.52
CA GLY A 78 -2.07 -10.60 0.48
C GLY A 78 -1.50 -11.68 1.38
N SER A 79 -0.86 -11.25 2.47
CA SER A 79 -0.27 -12.20 3.42
C SER A 79 -1.18 -12.39 4.63
N GLN A 80 -1.83 -11.31 5.05
CA GLN A 80 -2.73 -11.37 6.20
C GLN A 80 -4.18 -11.46 5.75
N THR A 81 -5.05 -11.93 6.65
CA THR A 81 -6.46 -12.07 6.34
C THR A 81 -7.32 -11.53 7.48
N MET A 82 -7.50 -10.22 7.50
CA MET A 82 -8.31 -9.58 8.54
C MET A 82 -9.57 -10.39 8.82
N PRO A 83 -9.94 -10.48 10.11
CA PRO A 83 -11.13 -11.22 10.53
C PRO A 83 -12.36 -10.87 9.71
N GLY A 84 -13.16 -11.88 9.39
CA GLY A 84 -14.36 -11.66 8.60
C GLY A 84 -14.10 -11.78 7.10
N ALA A 85 -13.05 -11.12 6.63
CA ALA A 85 -12.70 -11.16 5.22
C ALA A 85 -11.98 -12.45 4.86
N SER A 86 -12.49 -13.15 3.85
CA SER A 86 -11.89 -14.41 3.42
C SER A 86 -10.72 -14.16 2.48
N SER A 87 -10.54 -12.90 2.09
CA SER A 87 -9.46 -12.52 1.18
C SER A 87 -8.28 -11.94 1.96
N SER A 88 -7.10 -11.99 1.36
CA SER A 88 -5.89 -11.46 1.99
C SER A 88 -5.73 -9.97 1.70
N LEU A 89 -5.21 -9.24 2.68
CA LEU A 89 -5.00 -7.80 2.52
C LEU A 89 -4.38 -7.49 1.17
N VAL A 90 -4.77 -6.35 0.60
CA VAL A 90 -4.26 -5.93 -0.70
C VAL A 90 -3.40 -4.67 -0.56
N VAL A 91 -2.11 -4.81 -0.85
CA VAL A 91 -1.18 -3.69 -0.76
C VAL A 91 -0.43 -3.49 -2.08
N LYS A 92 -0.60 -2.31 -2.67
CA LYS A 92 0.06 -1.99 -3.93
C LYS A 92 0.15 -0.49 -4.13
N PHE A 93 1.19 -0.05 -4.85
CA PHE A 93 1.39 1.37 -5.11
C PHE A 93 0.11 2.01 -5.64
N ALA A 94 -0.08 3.28 -5.33
CA ALA A 94 -1.27 4.01 -5.77
C ALA A 94 -1.07 4.57 -7.17
N ASP A 95 -2.17 4.95 -7.82
CA ASP A 95 -2.11 5.51 -9.17
C ASP A 95 -1.30 6.80 -9.19
N THR A 96 0.01 6.66 -9.35
CA THR A 96 0.90 7.82 -9.38
C THR A 96 1.07 8.33 -10.81
N ASP A 97 -0.04 8.44 -11.53
CA ASP A 97 -0.02 8.93 -12.90
C ASP A 97 -1.21 9.83 -13.18
N LYS A 98 -0.95 11.12 -13.33
CA LYS A 98 -2.02 12.09 -13.60
C LYS A 98 -2.64 11.84 -14.97
N GLU A 99 -1.80 11.77 -16.00
CA GLU A 99 -2.28 11.53 -17.36
C GLU A 99 -2.07 10.07 -17.76
N SER A 100 -2.62 9.70 -18.90
CA SER A 100 -2.50 8.34 -19.40
C SER A 100 -1.18 8.12 -20.13
N GLY A 101 -0.63 6.92 -20.01
CA GLY A 101 0.64 6.62 -20.66
C GLY A 101 0.54 6.69 -22.17
N PRO A 102 1.30 5.82 -22.86
CA PRO A 102 1.32 5.77 -24.32
C PRO A 102 0.07 5.11 -24.89
N SER A 103 -0.65 5.83 -25.74
CA SER A 103 -1.86 5.31 -26.35
C SER A 103 -2.36 6.26 -27.44
N SER A 104 -3.42 5.86 -28.13
CA SER A 104 -4.00 6.66 -29.20
C SER A 104 -5.11 7.56 -28.66
N GLY A 105 -5.17 8.78 -29.18
CA GLY A 105 -6.19 9.73 -28.74
C GLY A 105 -6.45 10.81 -29.77
N GLY A 1 24.80 -19.98 1.55
CA GLY A 1 23.99 -20.66 0.55
C GLY A 1 23.14 -19.69 -0.26
N SER A 2 22.83 -20.08 -1.49
CA SER A 2 22.02 -19.24 -2.37
C SER A 2 20.95 -20.07 -3.07
N SER A 3 20.00 -19.38 -3.69
CA SER A 3 18.91 -20.05 -4.39
C SER A 3 19.25 -20.24 -5.87
N GLY A 4 19.45 -19.12 -6.57
CA GLY A 4 19.78 -19.18 -7.99
C GLY A 4 19.34 -17.94 -8.73
N SER A 5 19.72 -16.77 -8.22
CA SER A 5 19.36 -15.50 -8.84
C SER A 5 20.47 -15.03 -9.78
N SER A 6 20.07 -14.59 -10.98
CA SER A 6 21.02 -14.12 -11.97
C SER A 6 21.07 -12.58 -11.99
N GLY A 7 21.92 -12.02 -11.13
CA GLY A 7 22.05 -10.58 -11.06
C GLY A 7 20.87 -9.93 -10.35
N SER A 8 20.91 -8.60 -10.24
CA SER A 8 19.85 -7.85 -9.59
C SER A 8 19.60 -6.52 -10.28
N GLU A 9 18.42 -6.39 -10.88
CA GLU A 9 18.06 -5.16 -11.59
C GLU A 9 17.39 -4.16 -10.64
N SER A 10 17.30 -2.91 -11.08
CA SER A 10 16.69 -1.86 -10.27
C SER A 10 15.17 -1.89 -10.41
N ARG A 11 14.48 -1.40 -9.37
CA ARG A 11 13.02 -1.36 -9.38
C ARG A 11 12.51 -0.19 -10.19
N GLY A 12 12.97 1.02 -9.84
CA GLY A 12 12.55 2.21 -10.54
C GLY A 12 11.46 2.96 -9.79
N GLY A 13 10.49 2.23 -9.25
CA GLY A 13 9.41 2.86 -8.52
C GLY A 13 9.88 4.07 -7.73
N ARG A 14 9.06 5.12 -7.74
CA ARG A 14 9.39 6.34 -7.02
C ARG A 14 8.31 6.69 -6.00
N ASP A 15 7.07 6.75 -6.47
CA ASP A 15 5.94 7.07 -5.59
C ASP A 15 6.15 6.49 -4.20
N ARG A 16 6.37 7.37 -3.23
CA ARG A 16 6.59 6.94 -1.85
C ARG A 16 5.27 6.72 -1.13
N LYS A 17 4.25 6.28 -1.87
CA LYS A 17 2.93 6.03 -1.31
C LYS A 17 2.53 4.58 -1.51
N LEU A 18 1.62 4.10 -0.66
CA LEU A 18 1.14 2.72 -0.75
C LEU A 18 -0.38 2.67 -0.57
N PHE A 19 -1.01 1.75 -1.29
CA PHE A 19 -2.45 1.58 -1.22
C PHE A 19 -2.83 0.25 -0.58
N VAL A 20 -3.59 0.30 0.51
CA VAL A 20 -4.01 -0.91 1.21
C VAL A 20 -5.52 -1.11 1.10
N GLY A 21 -5.92 -2.37 1.01
CA GLY A 21 -7.34 -2.69 0.90
C GLY A 21 -7.74 -3.88 1.74
N MET A 22 -8.95 -4.38 1.51
CA MET A 22 -9.45 -5.53 2.25
C MET A 22 -9.29 -5.32 3.76
N LEU A 23 -9.56 -4.10 4.20
CA LEU A 23 -9.46 -3.77 5.62
C LEU A 23 -10.83 -3.77 6.29
N ASN A 24 -10.88 -4.17 7.55
CA ASN A 24 -12.13 -4.22 8.29
C ASN A 24 -12.37 -2.89 9.01
N LYS A 25 -13.47 -2.83 9.77
CA LYS A 25 -13.82 -1.62 10.51
C LYS A 25 -13.04 -1.53 11.81
N GLN A 26 -12.31 -2.60 12.13
CA GLN A 26 -11.52 -2.65 13.35
C GLN A 26 -10.05 -2.35 13.06
N GLN A 27 -9.80 -1.56 12.02
CA GLN A 27 -8.44 -1.20 11.64
C GLN A 27 -8.29 0.32 11.54
N SER A 28 -7.62 0.91 12.53
CA SER A 28 -7.41 2.35 12.55
C SER A 28 -5.99 2.69 12.13
N GLU A 29 -5.75 3.97 11.84
CA GLU A 29 -4.43 4.43 11.43
C GLU A 29 -3.34 3.81 12.30
N GLU A 30 -3.60 3.75 13.60
CA GLU A 30 -2.63 3.19 14.55
C GLU A 30 -2.33 1.73 14.20
N ASP A 31 -3.38 0.95 13.96
CA ASP A 31 -3.22 -0.46 13.63
C ASP A 31 -2.23 -0.64 12.49
N VAL A 32 -2.47 0.06 11.38
CA VAL A 32 -1.59 -0.02 10.22
C VAL A 32 -0.23 0.58 10.52
N LEU A 33 -0.22 1.83 10.96
CA LEU A 33 1.02 2.52 11.28
C LEU A 33 1.88 1.68 12.22
N ARG A 34 1.23 0.93 13.10
CA ARG A 34 1.93 0.08 14.05
C ARG A 34 2.44 -1.20 13.38
N LEU A 35 1.64 -1.73 12.46
CA LEU A 35 2.00 -2.94 11.75
C LEU A 35 2.89 -2.62 10.55
N PHE A 36 2.96 -1.34 10.20
CA PHE A 36 3.78 -0.90 9.07
C PHE A 36 5.11 -0.32 9.56
N GLN A 37 5.07 0.39 10.68
CA GLN A 37 6.27 0.99 11.24
C GLN A 37 7.41 0.00 11.28
N PRO A 38 7.14 -1.20 11.80
CA PRO A 38 8.14 -2.27 11.90
C PRO A 38 8.91 -2.48 10.60
N PHE A 39 8.35 -1.96 9.51
CA PHE A 39 8.97 -2.09 8.20
C PHE A 39 9.70 -0.80 7.81
N GLY A 40 9.08 0.33 8.13
CA GLY A 40 9.68 1.62 7.80
C GLY A 40 9.01 2.77 8.53
N VAL A 41 9.75 3.86 8.71
CA VAL A 41 9.21 5.04 9.39
C VAL A 41 8.18 5.75 8.53
N ILE A 42 6.91 5.41 8.73
CA ILE A 42 5.83 6.03 7.98
C ILE A 42 5.77 7.54 8.23
N ASP A 43 5.44 8.29 7.18
CA ASP A 43 5.35 9.74 7.29
C ASP A 43 3.93 10.17 7.62
N GLU A 44 2.98 9.82 6.74
CA GLU A 44 1.59 10.16 6.95
C GLU A 44 0.67 9.01 6.54
N CYS A 45 -0.43 8.85 7.27
CA CYS A 45 -1.38 7.78 6.98
C CYS A 45 -2.81 8.31 7.00
N THR A 46 -3.59 7.95 5.98
CA THR A 46 -4.98 8.39 5.88
C THR A 46 -5.89 7.25 5.45
N VAL A 47 -6.93 6.99 6.23
CA VAL A 47 -7.88 5.93 5.93
C VAL A 47 -9.10 6.48 5.21
N LEU A 48 -9.72 5.66 4.38
CA LEU A 48 -10.91 6.06 3.63
C LEU A 48 -12.18 5.62 4.36
N ARG A 49 -13.16 6.52 4.40
CA ARG A 49 -14.43 6.24 5.07
C ARG A 49 -15.60 6.48 4.13
N GLY A 50 -16.55 5.55 4.12
CA GLY A 50 -17.71 5.68 3.26
C GLY A 50 -18.50 6.95 3.53
N PRO A 51 -19.72 7.01 3.00
CA PRO A 51 -20.61 8.17 3.18
C PRO A 51 -21.25 8.20 4.57
N ASP A 52 -21.81 7.07 4.98
CA ASP A 52 -22.46 6.96 6.29
C ASP A 52 -21.52 7.41 7.40
N GLY A 53 -20.23 7.12 7.23
CA GLY A 53 -19.25 7.51 8.22
C GLY A 53 -18.75 6.32 9.02
N SER A 54 -18.33 5.28 8.33
CA SER A 54 -17.83 4.07 8.98
C SER A 54 -16.43 3.73 8.48
N SER A 55 -16.36 3.19 7.26
CA SER A 55 -15.08 2.81 6.66
C SER A 55 -15.27 2.34 5.23
N LYS A 56 -14.22 2.48 4.42
CA LYS A 56 -14.28 2.08 3.02
C LYS A 56 -13.45 0.81 2.80
N GLY A 57 -12.78 0.35 3.85
CA GLY A 57 -11.97 -0.85 3.75
C GLY A 57 -10.68 -0.61 2.99
N CYS A 58 -10.22 0.64 2.98
CA CYS A 58 -8.99 1.00 2.28
C CYS A 58 -8.33 2.22 2.93
N ALA A 59 -7.04 2.39 2.67
CA ALA A 59 -6.30 3.53 3.22
C ALA A 59 -4.99 3.74 2.48
N PHE A 60 -4.45 4.95 2.57
CA PHE A 60 -3.20 5.28 1.90
C PHE A 60 -2.10 5.53 2.92
N VAL A 61 -0.93 4.93 2.68
CA VAL A 61 0.21 5.09 3.57
C VAL A 61 1.43 5.61 2.83
N LYS A 62 2.14 6.54 3.44
CA LYS A 62 3.34 7.12 2.83
C LYS A 62 4.57 6.85 3.69
N PHE A 63 5.66 6.46 3.05
CA PHE A 63 6.91 6.17 3.75
C PHE A 63 7.94 7.25 3.49
N SER A 64 9.02 7.24 4.27
CA SER A 64 10.08 8.23 4.12
C SER A 64 10.88 7.98 2.85
N SER A 65 10.85 6.74 2.38
CA SER A 65 11.58 6.37 1.16
C SER A 65 10.79 5.34 0.36
N HIS A 66 11.32 4.99 -0.81
CA HIS A 66 10.67 4.02 -1.69
C HIS A 66 10.95 2.60 -1.22
N THR A 67 12.20 2.34 -0.84
CA THR A 67 12.60 1.02 -0.37
C THR A 67 11.70 0.54 0.76
N GLU A 68 11.63 1.31 1.84
CA GLU A 68 10.81 0.96 2.98
C GLU A 68 9.44 0.44 2.52
N ALA A 69 8.82 1.16 1.60
CA ALA A 69 7.51 0.78 1.08
C ALA A 69 7.57 -0.60 0.44
N GLN A 70 8.39 -0.74 -0.60
CA GLN A 70 8.53 -2.01 -1.29
C GLN A 70 8.52 -3.18 -0.31
N ALA A 71 9.21 -3.01 0.80
CA ALA A 71 9.26 -4.05 1.83
C ALA A 71 7.89 -4.31 2.43
N ALA A 72 7.33 -3.30 3.09
CA ALA A 72 6.01 -3.43 3.70
C ALA A 72 5.03 -4.13 2.77
N ILE A 73 5.21 -3.92 1.47
CA ILE A 73 4.33 -4.53 0.48
C ILE A 73 4.51 -6.05 0.46
N HIS A 74 5.65 -6.50 -0.04
CA HIS A 74 5.94 -7.93 -0.12
C HIS A 74 5.90 -8.56 1.27
N ALA A 75 5.86 -7.73 2.29
CA ALA A 75 5.82 -8.21 3.66
C ALA A 75 4.39 -8.26 4.19
N LEU A 76 3.51 -7.46 3.60
CA LEU A 76 2.11 -7.43 4.01
C LEU A 76 1.19 -7.51 2.79
N HIS A 77 1.71 -8.10 1.72
CA HIS A 77 0.93 -8.26 0.50
C HIS A 77 0.17 -9.59 0.49
N GLY A 78 -1.16 -9.51 0.42
CA GLY A 78 -1.96 -10.72 0.41
C GLY A 78 -1.39 -11.81 1.29
N SER A 79 -0.77 -11.41 2.39
CA SER A 79 -0.17 -12.35 3.32
C SER A 79 -1.07 -12.58 4.53
N GLN A 80 -1.72 -11.51 4.99
CA GLN A 80 -2.61 -11.60 6.14
C GLN A 80 -4.07 -11.64 5.68
N THR A 81 -4.95 -12.06 6.59
CA THR A 81 -6.37 -12.16 6.28
C THR A 81 -7.21 -11.46 7.35
N MET A 82 -7.38 -10.16 7.20
CA MET A 82 -8.16 -9.38 8.16
C MET A 82 -9.41 -10.14 8.58
N PRO A 83 -9.73 -10.08 9.89
CA PRO A 83 -10.90 -10.76 10.45
C PRO A 83 -12.16 -10.49 9.64
N GLY A 84 -13.03 -11.51 9.55
CA GLY A 84 -14.26 -11.35 8.80
C GLY A 84 -14.08 -11.54 7.31
N ALA A 85 -12.97 -11.00 6.79
CA ALA A 85 -12.68 -11.11 5.36
C ALA A 85 -12.05 -12.46 5.03
N SER A 86 -12.47 -13.05 3.91
CA SER A 86 -11.95 -14.34 3.50
C SER A 86 -10.76 -14.17 2.56
N SER A 87 -10.52 -12.94 2.14
CA SER A 87 -9.41 -12.64 1.23
C SER A 87 -8.22 -12.10 2.00
N SER A 88 -7.07 -12.04 1.34
CA SER A 88 -5.84 -11.54 1.96
C SER A 88 -5.67 -10.04 1.71
N LEU A 89 -4.97 -9.38 2.61
CA LEU A 89 -4.73 -7.94 2.49
C LEU A 89 -4.18 -7.59 1.10
N VAL A 90 -4.64 -6.47 0.57
CA VAL A 90 -4.20 -6.01 -0.75
C VAL A 90 -3.36 -4.75 -0.65
N VAL A 91 -2.07 -4.87 -0.95
CA VAL A 91 -1.16 -3.73 -0.89
C VAL A 91 -0.51 -3.48 -2.25
N LYS A 92 -0.50 -2.23 -2.66
CA LYS A 92 0.10 -1.85 -3.94
C LYS A 92 0.31 -0.34 -4.03
N PHE A 93 1.39 0.07 -4.67
CA PHE A 93 1.70 1.48 -4.83
C PHE A 93 0.44 2.28 -5.16
N ALA A 94 0.47 3.57 -4.85
CA ALA A 94 -0.67 4.44 -5.11
C ALA A 94 -0.40 5.35 -6.31
N ASP A 95 -1.18 5.17 -7.37
CA ASP A 95 -1.02 5.97 -8.58
C ASP A 95 0.27 5.60 -9.31
N THR A 96 0.43 4.32 -9.60
CA THR A 96 1.61 3.83 -10.30
C THR A 96 1.23 3.02 -11.53
N ASP A 97 1.81 3.38 -12.68
CA ASP A 97 1.53 2.69 -13.93
C ASP A 97 2.61 2.98 -14.97
N LYS A 98 2.62 2.20 -16.04
CA LYS A 98 3.61 2.38 -17.10
C LYS A 98 3.44 3.73 -17.78
N GLU A 99 4.42 4.61 -17.60
CA GLU A 99 4.36 5.94 -18.21
C GLU A 99 4.60 5.85 -19.71
N SER A 100 5.70 5.23 -20.11
CA SER A 100 6.04 5.10 -21.52
C SER A 100 4.79 4.80 -22.35
N GLY A 101 4.00 3.84 -21.89
CA GLY A 101 2.79 3.48 -22.60
C GLY A 101 2.91 2.15 -23.33
N PRO A 102 2.27 2.04 -24.49
CA PRO A 102 2.30 0.83 -25.31
C PRO A 102 3.63 0.64 -26.02
N SER A 103 4.38 -0.37 -25.61
CA SER A 103 5.68 -0.66 -26.22
C SER A 103 5.55 -1.72 -27.31
N SER A 104 6.66 -2.01 -27.98
CA SER A 104 6.67 -2.99 -29.05
C SER A 104 6.44 -4.40 -28.50
N GLY A 105 5.29 -4.98 -28.84
CA GLY A 105 4.97 -6.31 -28.37
C GLY A 105 6.17 -7.23 -28.38
N GLY A 1 22.07 -20.40 -7.62
CA GLY A 1 22.97 -19.26 -7.62
C GLY A 1 22.24 -17.94 -7.77
N SER A 2 21.62 -17.73 -8.92
CA SER A 2 20.90 -16.51 -9.19
C SER A 2 19.55 -16.81 -9.84
N SER A 3 18.48 -16.26 -9.26
CA SER A 3 17.13 -16.46 -9.79
C SER A 3 16.33 -15.17 -9.75
N GLY A 4 15.87 -14.73 -10.93
CA GLY A 4 15.10 -13.52 -11.02
C GLY A 4 15.81 -12.43 -11.80
N SER A 5 15.05 -11.55 -12.43
CA SER A 5 15.62 -10.46 -13.21
C SER A 5 16.51 -9.58 -12.35
N SER A 6 17.46 -8.90 -12.99
CA SER A 6 18.38 -8.02 -12.28
C SER A 6 19.23 -7.21 -13.25
N GLY A 7 19.01 -5.89 -13.26
CA GLY A 7 19.75 -5.03 -14.16
C GLY A 7 19.45 -3.57 -13.94
N SER A 8 19.33 -2.82 -15.04
CA SER A 8 19.03 -1.39 -14.96
C SER A 8 18.07 -0.97 -16.06
N GLU A 9 17.20 -0.02 -15.74
CA GLU A 9 16.22 0.47 -16.71
C GLU A 9 15.92 1.94 -16.49
N SER A 10 15.12 2.52 -17.37
CA SER A 10 14.77 3.94 -17.27
C SER A 10 13.80 4.17 -16.11
N ARG A 11 14.19 5.03 -15.19
CA ARG A 11 13.36 5.35 -14.03
C ARG A 11 12.83 6.78 -14.12
N GLY A 12 11.51 6.90 -14.18
CA GLY A 12 10.90 8.22 -14.26
C GLY A 12 10.28 8.66 -12.94
N GLY A 13 9.11 9.27 -13.01
CA GLY A 13 8.44 9.73 -11.80
C GLY A 13 8.36 8.65 -10.74
N ARG A 14 8.33 9.07 -9.47
CA ARG A 14 8.25 8.14 -8.37
C ARG A 14 7.19 8.57 -7.36
N ASP A 15 6.86 7.67 -6.45
CA ASP A 15 5.85 7.96 -5.42
C ASP A 15 6.13 7.17 -4.15
N ARG A 16 5.99 7.84 -3.00
CA ARG A 16 6.23 7.20 -1.71
C ARG A 16 4.92 6.91 -1.00
N LYS A 17 3.87 6.69 -1.77
CA LYS A 17 2.55 6.39 -1.21
C LYS A 17 2.10 4.98 -1.57
N LEU A 18 1.46 4.32 -0.62
CA LEU A 18 0.97 2.96 -0.84
C LEU A 18 -0.54 2.89 -0.68
N PHE A 19 -1.16 1.92 -1.34
CA PHE A 19 -2.62 1.74 -1.27
C PHE A 19 -2.97 0.36 -0.72
N VAL A 20 -3.68 0.34 0.40
CA VAL A 20 -4.08 -0.92 1.02
C VAL A 20 -5.57 -1.17 0.84
N GLY A 21 -5.95 -2.44 0.73
CA GLY A 21 -7.35 -2.79 0.56
C GLY A 21 -7.73 -4.03 1.33
N MET A 22 -8.94 -4.53 1.08
CA MET A 22 -9.42 -5.73 1.77
C MET A 22 -9.37 -5.55 3.28
N LEU A 23 -9.59 -4.32 3.75
CA LEU A 23 -9.56 -4.01 5.17
C LEU A 23 -10.94 -4.11 5.78
N ASN A 24 -11.00 -4.40 7.08
CA ASN A 24 -12.27 -4.52 7.78
C ASN A 24 -12.51 -3.31 8.69
N LYS A 25 -13.74 -3.16 9.16
CA LYS A 25 -14.09 -2.06 10.03
C LYS A 25 -13.62 -2.32 11.46
N GLN A 26 -12.37 -2.75 11.59
CA GLN A 26 -11.79 -3.04 12.90
C GLN A 26 -10.40 -2.43 13.02
N GLN A 27 -9.67 -2.41 11.91
CA GLN A 27 -8.31 -1.85 11.91
C GLN A 27 -8.36 -0.33 11.79
N SER A 28 -7.40 0.33 12.45
CA SER A 28 -7.33 1.79 12.43
C SER A 28 -5.95 2.25 11.96
N GLU A 29 -5.83 3.55 11.70
CA GLU A 29 -4.57 4.12 11.25
C GLU A 29 -3.41 3.68 12.15
N GLU A 30 -3.63 3.77 13.47
CA GLU A 30 -2.61 3.38 14.43
C GLU A 30 -2.14 1.95 14.19
N ASP A 31 -3.09 1.02 14.12
CA ASP A 31 -2.77 -0.38 13.88
C ASP A 31 -1.77 -0.52 12.75
N VAL A 32 -2.19 -0.16 11.54
CA VAL A 32 -1.32 -0.25 10.37
C VAL A 32 0.05 0.38 10.65
N LEU A 33 0.05 1.66 10.97
CA LEU A 33 1.29 2.38 11.26
C LEU A 33 2.16 1.58 12.23
N ARG A 34 1.53 0.96 13.22
CA ARG A 34 2.25 0.17 14.21
C ARG A 34 2.81 -1.10 13.58
N LEU A 35 2.01 -1.72 12.71
CA LEU A 35 2.43 -2.94 12.03
C LEU A 35 3.27 -2.64 10.80
N PHE A 36 3.33 -1.37 10.44
CA PHE A 36 4.10 -0.94 9.27
C PHE A 36 5.45 -0.35 9.71
N GLN A 37 5.46 0.36 10.82
CA GLN A 37 6.67 0.97 11.33
C GLN A 37 7.82 -0.03 11.33
N PRO A 38 7.54 -1.23 11.85
CA PRO A 38 8.55 -2.30 11.92
C PRO A 38 9.30 -2.49 10.60
N PHE A 39 8.72 -1.98 9.52
CA PHE A 39 9.33 -2.09 8.21
C PHE A 39 10.04 -0.79 7.82
N GLY A 40 9.35 0.32 8.01
CA GLY A 40 9.92 1.62 7.68
C GLY A 40 9.25 2.76 8.41
N VAL A 41 9.90 3.92 8.43
CA VAL A 41 9.36 5.09 9.10
C VAL A 41 8.29 5.77 8.25
N ILE A 42 7.03 5.58 8.62
CA ILE A 42 5.92 6.18 7.90
C ILE A 42 5.78 7.66 8.21
N ASP A 43 5.65 8.47 7.18
CA ASP A 43 5.51 9.92 7.35
C ASP A 43 4.05 10.30 7.55
N GLU A 44 3.23 10.06 6.53
CA GLU A 44 1.81 10.39 6.59
C GLU A 44 0.96 9.14 6.34
N CYS A 45 -0.03 8.92 7.20
CA CYS A 45 -0.91 7.77 7.06
C CYS A 45 -2.37 8.18 7.21
N THR A 46 -3.22 7.65 6.34
CA THR A 46 -4.64 7.96 6.36
C THR A 46 -5.48 6.83 5.78
N VAL A 47 -6.72 6.71 6.23
CA VAL A 47 -7.62 5.67 5.75
C VAL A 47 -8.82 6.27 5.02
N LEU A 48 -9.33 5.54 4.03
CA LEU A 48 -10.47 5.98 3.26
C LEU A 48 -11.78 5.53 3.90
N ARG A 49 -12.77 6.40 3.89
CA ARG A 49 -14.07 6.09 4.47
C ARG A 49 -15.20 6.73 3.67
N GLY A 50 -16.44 6.44 4.05
CA GLY A 50 -17.59 7.00 3.36
C GLY A 50 -18.14 8.23 4.06
N PRO A 51 -19.43 8.52 3.83
CA PRO A 51 -20.09 9.68 4.43
C PRO A 51 -20.45 9.45 5.89
N ASP A 52 -20.89 8.24 6.21
CA ASP A 52 -21.26 7.90 7.58
C ASP A 52 -20.23 6.97 8.21
N GLY A 53 -19.05 7.52 8.50
CA GLY A 53 -17.99 6.73 9.10
C GLY A 53 -17.98 5.30 8.60
N SER A 54 -18.23 5.13 7.30
CA SER A 54 -18.25 3.80 6.69
C SER A 54 -16.96 3.52 5.94
N SER A 55 -16.04 2.81 6.60
CA SER A 55 -14.75 2.48 5.99
C SER A 55 -14.95 1.72 4.67
N LYS A 56 -14.11 2.01 3.70
CA LYS A 56 -14.19 1.36 2.39
C LYS A 56 -13.14 0.26 2.27
N GLY A 57 -12.74 -0.30 3.41
CA GLY A 57 -11.74 -1.35 3.40
C GLY A 57 -10.50 -0.98 2.62
N CYS A 58 -10.19 0.31 2.59
CA CYS A 58 -9.02 0.80 1.88
C CYS A 58 -8.39 1.97 2.61
N ALA A 59 -7.08 2.14 2.44
CA ALA A 59 -6.35 3.22 3.09
C ALA A 59 -5.02 3.49 2.39
N PHE A 60 -4.41 4.63 2.70
CA PHE A 60 -3.14 5.01 2.10
C PHE A 60 -2.05 5.12 3.16
N VAL A 61 -0.83 4.74 2.79
CA VAL A 61 0.31 4.80 3.70
C VAL A 61 1.55 5.34 3.00
N LYS A 62 2.08 6.43 3.53
CA LYS A 62 3.27 7.06 2.97
C LYS A 62 4.50 6.74 3.81
N PHE A 63 5.57 6.28 3.16
CA PHE A 63 6.80 5.94 3.85
C PHE A 63 7.87 7.02 3.63
N SER A 64 8.91 7.00 4.45
CA SER A 64 9.98 7.98 4.35
C SER A 64 10.70 7.86 3.01
N SER A 65 10.78 6.64 2.49
CA SER A 65 11.45 6.39 1.22
C SER A 65 10.69 5.33 0.41
N HIS A 66 11.20 5.03 -0.78
CA HIS A 66 10.58 4.04 -1.65
C HIS A 66 10.86 2.63 -1.16
N THR A 67 12.13 2.33 -0.93
CA THR A 67 12.55 1.02 -0.46
C THR A 67 11.70 0.58 0.73
N GLU A 68 11.64 1.42 1.76
CA GLU A 68 10.86 1.12 2.95
C GLU A 68 9.48 0.60 2.59
N ALA A 69 8.81 1.31 1.68
CA ALA A 69 7.47 0.92 1.24
C ALA A 69 7.49 -0.44 0.56
N GLN A 70 8.28 -0.56 -0.49
CA GLN A 70 8.40 -1.82 -1.23
C GLN A 70 8.41 -3.01 -0.27
N ALA A 71 9.13 -2.86 0.83
CA ALA A 71 9.23 -3.92 1.83
C ALA A 71 7.88 -4.16 2.51
N ALA A 72 7.37 -3.13 3.18
CA ALA A 72 6.10 -3.24 3.88
C ALA A 72 5.04 -3.88 2.99
N ILE A 73 5.15 -3.66 1.68
CA ILE A 73 4.20 -4.22 0.73
C ILE A 73 4.32 -5.74 0.66
N HIS A 74 5.42 -6.21 0.08
CA HIS A 74 5.66 -7.64 -0.05
C HIS A 74 5.65 -8.33 1.32
N ALA A 75 5.72 -7.52 2.37
CA ALA A 75 5.72 -8.04 3.73
C ALA A 75 4.29 -8.24 4.24
N LEU A 76 3.42 -7.27 3.94
CA LEU A 76 2.03 -7.34 4.36
C LEU A 76 1.09 -7.51 3.16
N HIS A 77 1.67 -7.89 2.03
CA HIS A 77 0.89 -8.08 0.81
C HIS A 77 0.24 -9.46 0.79
N GLY A 78 -1.08 -9.49 0.60
CA GLY A 78 -1.79 -10.76 0.56
C GLY A 78 -1.26 -11.75 1.57
N SER A 79 -0.70 -11.25 2.67
CA SER A 79 -0.14 -12.10 3.71
C SER A 79 -1.11 -12.24 4.88
N GLN A 80 -1.77 -11.13 5.22
CA GLN A 80 -2.73 -11.14 6.33
C GLN A 80 -4.16 -11.21 5.80
N THR A 81 -5.08 -11.61 6.68
CA THR A 81 -6.49 -11.72 6.30
C THR A 81 -7.39 -11.11 7.37
N MET A 82 -7.53 -9.79 7.33
CA MET A 82 -8.37 -9.08 8.30
C MET A 82 -9.62 -9.89 8.61
N PRO A 83 -10.00 -9.93 9.90
CA PRO A 83 -11.18 -10.66 10.36
C PRO A 83 -12.42 -10.35 9.54
N GLY A 84 -13.36 -11.30 9.49
CA GLY A 84 -14.57 -11.10 8.73
C GLY A 84 -14.36 -11.32 7.24
N ALA A 85 -13.26 -10.79 6.71
CA ALA A 85 -12.95 -10.93 5.30
C ALA A 85 -12.31 -12.28 5.01
N SER A 86 -12.72 -12.90 3.90
CA SER A 86 -12.19 -14.20 3.51
C SER A 86 -10.93 -14.04 2.68
N SER A 87 -10.68 -12.82 2.22
CA SER A 87 -9.50 -12.54 1.40
C SER A 87 -8.39 -11.91 2.25
N SER A 88 -7.20 -11.80 1.67
CA SER A 88 -6.07 -11.21 2.36
C SER A 88 -6.02 -9.70 2.17
N LEU A 89 -4.97 -9.08 2.68
CA LEU A 89 -4.81 -7.63 2.56
C LEU A 89 -4.13 -7.26 1.25
N VAL A 90 -4.80 -6.43 0.45
CA VAL A 90 -4.26 -6.00 -0.83
C VAL A 90 -3.42 -4.73 -0.68
N VAL A 91 -2.11 -4.87 -0.83
CA VAL A 91 -1.21 -3.73 -0.71
C VAL A 91 -0.46 -3.48 -2.01
N LYS A 92 -0.56 -2.26 -2.53
CA LYS A 92 0.10 -1.88 -3.76
C LYS A 92 0.15 -0.37 -3.92
N PHE A 93 1.17 0.12 -4.61
CA PHE A 93 1.34 1.55 -4.84
C PHE A 93 0.02 2.18 -5.29
N ALA A 94 -0.06 3.50 -5.19
CA ALA A 94 -1.26 4.23 -5.59
C ALA A 94 -1.20 4.62 -7.06
N ASP A 95 -2.37 4.75 -7.67
CA ASP A 95 -2.45 5.12 -9.09
C ASP A 95 -1.44 6.22 -9.42
N THR A 96 -0.59 5.94 -10.40
CA THR A 96 0.42 6.91 -10.82
C THR A 96 0.34 7.17 -12.32
N ASP A 97 0.91 8.29 -12.76
CA ASP A 97 0.90 8.66 -14.16
C ASP A 97 1.95 7.86 -14.93
N LYS A 98 1.51 6.78 -15.56
CA LYS A 98 2.41 5.93 -16.33
C LYS A 98 2.59 6.47 -17.74
N GLU A 99 3.78 6.29 -18.30
CA GLU A 99 4.08 6.76 -19.64
C GLU A 99 4.64 5.64 -20.51
N SER A 100 4.04 4.46 -20.38
CA SER A 100 4.48 3.29 -21.14
C SER A 100 3.47 2.95 -22.23
N GLY A 101 3.84 2.01 -23.10
CA GLY A 101 2.96 1.60 -24.18
C GLY A 101 3.10 0.14 -24.52
N PRO A 102 2.06 -0.42 -25.18
CA PRO A 102 2.05 -1.84 -25.57
C PRO A 102 3.37 -2.27 -26.20
N SER A 103 3.50 -3.58 -26.43
CA SER A 103 4.72 -4.13 -27.03
C SER A 103 4.39 -5.27 -27.96
N SER A 104 5.30 -5.57 -28.89
CA SER A 104 5.10 -6.65 -29.85
C SER A 104 6.28 -7.61 -29.83
N GLY A 105 6.04 -8.83 -30.29
CA GLY A 105 7.10 -9.84 -30.31
C GLY A 105 6.58 -11.23 -30.61
N GLY A 1 27.27 1.37 -14.10
CA GLY A 1 27.14 1.58 -12.68
C GLY A 1 25.80 1.12 -12.14
N SER A 2 25.32 1.77 -11.09
CA SER A 2 24.05 1.42 -10.48
C SER A 2 22.98 1.19 -11.55
N SER A 3 22.02 0.33 -11.24
CA SER A 3 20.94 0.01 -12.17
C SER A 3 20.03 1.22 -12.38
N GLY A 4 19.95 1.70 -13.61
CA GLY A 4 19.11 2.84 -13.92
C GLY A 4 19.51 4.08 -13.13
N SER A 5 20.34 4.92 -13.74
CA SER A 5 20.80 6.14 -13.09
C SER A 5 19.64 6.89 -12.44
N SER A 6 19.96 7.87 -11.60
CA SER A 6 18.94 8.65 -10.92
C SER A 6 18.69 9.97 -11.64
N GLY A 7 17.59 10.62 -11.30
CA GLY A 7 17.25 11.89 -11.93
C GLY A 7 17.48 11.86 -13.42
N SER A 8 16.53 11.29 -14.16
CA SER A 8 16.64 11.21 -15.61
C SER A 8 15.53 12.01 -16.28
N GLU A 9 15.68 12.25 -17.58
CA GLU A 9 14.71 13.02 -18.34
C GLU A 9 13.51 12.14 -18.72
N SER A 10 13.45 10.95 -18.13
CA SER A 10 12.36 10.02 -18.40
C SER A 10 11.35 10.01 -17.27
N ARG A 11 11.84 10.05 -16.04
CA ARG A 11 10.98 10.06 -14.86
C ARG A 11 11.74 10.55 -13.64
N GLY A 12 11.14 11.49 -12.92
CA GLY A 12 11.76 12.02 -11.72
C GLY A 12 10.81 12.11 -10.54
N GLY A 13 11.35 12.40 -9.37
CA GLY A 13 10.52 12.51 -8.17
C GLY A 13 10.33 11.18 -7.49
N ARG A 14 9.15 11.00 -6.89
CA ARG A 14 8.83 9.75 -6.19
C ARG A 14 7.39 9.75 -5.73
N ASP A 15 6.83 8.55 -5.54
CA ASP A 15 5.44 8.42 -5.10
C ASP A 15 5.38 8.22 -3.59
N ARG A 16 6.11 7.24 -3.08
CA ARG A 16 6.14 6.95 -1.66
C ARG A 16 4.72 6.90 -1.09
N LYS A 17 3.80 6.38 -1.88
CA LYS A 17 2.40 6.26 -1.45
C LYS A 17 1.85 4.87 -1.78
N LEU A 18 1.62 4.09 -0.73
CA LEU A 18 1.08 2.74 -0.89
C LEU A 18 -0.43 2.72 -0.71
N PHE A 19 -1.09 1.80 -1.39
CA PHE A 19 -2.54 1.68 -1.30
C PHE A 19 -2.94 0.34 -0.68
N VAL A 20 -3.53 0.40 0.51
CA VAL A 20 -3.96 -0.81 1.21
C VAL A 20 -5.44 -1.09 0.98
N GLY A 21 -5.79 -2.36 0.88
CA GLY A 21 -7.17 -2.74 0.66
C GLY A 21 -7.58 -3.96 1.45
N MET A 22 -8.77 -4.48 1.18
CA MET A 22 -9.28 -5.65 1.88
C MET A 22 -9.18 -5.47 3.39
N LEU A 23 -9.54 -4.27 3.86
CA LEU A 23 -9.48 -3.97 5.29
C LEU A 23 -10.88 -4.02 5.91
N ASN A 24 -10.93 -4.23 7.21
CA ASN A 24 -12.20 -4.29 7.93
C ASN A 24 -12.52 -2.97 8.61
N LYS A 25 -13.75 -2.82 9.08
CA LYS A 25 -14.18 -1.61 9.75
C LYS A 25 -13.80 -1.63 11.23
N GLN A 26 -12.63 -2.19 11.52
CA GLN A 26 -12.14 -2.27 12.89
C GLN A 26 -10.73 -1.69 13.01
N GLN A 27 -9.87 -2.02 12.06
CA GLN A 27 -8.50 -1.53 12.07
C GLN A 27 -8.47 -0.02 11.93
N SER A 28 -7.48 0.60 12.57
CA SER A 28 -7.34 2.06 12.52
C SER A 28 -5.97 2.45 11.98
N GLU A 29 -5.74 3.76 11.87
CA GLU A 29 -4.48 4.27 11.36
C GLU A 29 -3.30 3.78 12.20
N GLU A 30 -3.45 3.91 13.52
CA GLU A 30 -2.41 3.48 14.45
C GLU A 30 -2.03 2.02 14.22
N ASP A 31 -3.03 1.16 14.15
CA ASP A 31 -2.81 -0.26 13.94
C ASP A 31 -1.80 -0.48 12.81
N VAL A 32 -2.20 -0.15 11.58
CA VAL A 32 -1.33 -0.32 10.43
C VAL A 32 0.04 0.28 10.69
N LEU A 33 0.08 1.59 10.96
CA LEU A 33 1.33 2.29 11.22
C LEU A 33 2.19 1.50 12.20
N ARG A 34 1.54 0.89 13.19
CA ARG A 34 2.24 0.11 14.20
C ARG A 34 2.83 -1.17 13.59
N LEU A 35 2.06 -1.80 12.72
CA LEU A 35 2.49 -3.03 12.07
C LEU A 35 3.35 -2.72 10.85
N PHE A 36 3.38 -1.46 10.45
CA PHE A 36 4.17 -1.03 9.30
C PHE A 36 5.51 -0.44 9.74
N GLN A 37 5.49 0.26 10.87
CA GLN A 37 6.69 0.90 11.40
C GLN A 37 7.86 -0.09 11.39
N PRO A 38 7.60 -1.32 11.88
CA PRO A 38 8.62 -2.37 11.94
C PRO A 38 9.39 -2.52 10.63
N PHE A 39 8.82 -1.97 9.56
CA PHE A 39 9.44 -2.05 8.24
C PHE A 39 10.16 -0.74 7.91
N GLY A 40 9.50 0.38 8.14
CA GLY A 40 10.09 1.67 7.86
C GLY A 40 9.41 2.80 8.61
N VAL A 41 9.97 4.00 8.50
CA VAL A 41 9.41 5.17 9.17
C VAL A 41 8.35 5.85 8.31
N ILE A 42 7.09 5.61 8.65
CA ILE A 42 5.98 6.19 7.90
C ILE A 42 5.83 7.67 8.22
N ASP A 43 5.65 8.48 7.18
CA ASP A 43 5.49 9.92 7.35
C ASP A 43 4.06 10.27 7.73
N GLU A 44 3.11 9.92 6.85
CA GLU A 44 1.70 10.20 7.10
C GLU A 44 0.83 9.03 6.66
N CYS A 45 -0.22 8.75 7.42
CA CYS A 45 -1.12 7.65 7.11
C CYS A 45 -2.58 8.10 7.25
N THR A 46 -3.43 7.57 6.38
CA THR A 46 -4.85 7.92 6.40
C THR A 46 -5.70 6.79 5.82
N VAL A 47 -6.88 6.59 6.40
CA VAL A 47 -7.79 5.55 5.93
C VAL A 47 -9.03 6.14 5.28
N LEU A 48 -9.48 5.53 4.19
CA LEU A 48 -10.66 6.00 3.47
C LEU A 48 -11.93 5.60 4.20
N ARG A 49 -12.90 6.51 4.24
CA ARG A 49 -14.17 6.24 4.91
C ARG A 49 -15.32 6.89 4.16
N GLY A 50 -16.55 6.45 4.45
CA GLY A 50 -17.71 7.00 3.78
C GLY A 50 -18.35 8.12 4.57
N PRO A 51 -19.55 8.55 4.15
CA PRO A 51 -20.28 9.63 4.81
C PRO A 51 -20.96 9.17 6.10
N ASP A 52 -21.63 8.03 6.03
CA ASP A 52 -22.32 7.48 7.19
C ASP A 52 -21.32 7.14 8.30
N GLY A 53 -20.18 6.59 7.91
CA GLY A 53 -19.17 6.23 8.88
C GLY A 53 -18.74 4.78 8.77
N SER A 54 -18.53 4.32 7.53
CA SER A 54 -18.13 2.95 7.29
C SER A 54 -16.87 2.90 6.43
N SER A 55 -15.83 2.27 6.95
CA SER A 55 -14.56 2.16 6.23
C SER A 55 -14.75 1.38 4.93
N LYS A 56 -14.05 1.81 3.88
CA LYS A 56 -14.13 1.16 2.59
C LYS A 56 -13.08 0.04 2.47
N GLY A 57 -12.57 -0.40 3.61
CA GLY A 57 -11.58 -1.46 3.61
C GLY A 57 -10.34 -1.10 2.83
N CYS A 58 -10.03 0.20 2.76
CA CYS A 58 -8.87 0.68 2.04
C CYS A 58 -8.25 1.89 2.73
N ALA A 59 -6.97 2.13 2.48
CA ALA A 59 -6.26 3.26 3.07
C ALA A 59 -5.00 3.59 2.29
N PHE A 60 -4.37 4.70 2.64
CA PHE A 60 -3.14 5.13 1.98
C PHE A 60 -2.03 5.37 2.99
N VAL A 61 -0.90 4.70 2.79
CA VAL A 61 0.25 4.84 3.69
C VAL A 61 1.44 5.44 2.96
N LYS A 62 2.04 6.47 3.55
CA LYS A 62 3.20 7.12 2.96
C LYS A 62 4.45 6.87 3.79
N PHE A 63 5.53 6.47 3.13
CA PHE A 63 6.78 6.20 3.80
C PHE A 63 7.79 7.30 3.53
N SER A 64 8.88 7.30 4.30
CA SER A 64 9.92 8.31 4.16
C SER A 64 10.87 7.96 3.01
N SER A 65 10.64 6.81 2.40
CA SER A 65 11.47 6.35 1.30
C SER A 65 10.77 5.24 0.51
N HIS A 66 11.06 5.16 -0.78
CA HIS A 66 10.47 4.14 -1.64
C HIS A 66 10.82 2.74 -1.15
N THR A 67 12.08 2.54 -0.82
CA THR A 67 12.55 1.23 -0.34
C THR A 67 11.64 0.71 0.77
N GLU A 68 11.56 1.46 1.87
CA GLU A 68 10.73 1.07 3.00
C GLU A 68 9.39 0.53 2.53
N ALA A 69 8.72 1.29 1.67
CA ALA A 69 7.42 0.90 1.14
C ALA A 69 7.51 -0.45 0.43
N GLN A 70 8.38 -0.52 -0.57
CA GLN A 70 8.56 -1.75 -1.33
C GLN A 70 8.47 -2.97 -0.43
N ALA A 71 9.26 -2.96 0.64
CA ALA A 71 9.27 -4.06 1.60
C ALA A 71 7.89 -4.27 2.22
N ALA A 72 7.42 -3.24 2.92
CA ALA A 72 6.11 -3.31 3.58
C ALA A 72 5.09 -3.98 2.69
N ILE A 73 5.20 -3.77 1.39
CA ILE A 73 4.28 -4.36 0.42
C ILE A 73 4.42 -5.88 0.39
N HIS A 74 5.55 -6.34 -0.14
CA HIS A 74 5.81 -7.77 -0.23
C HIS A 74 5.85 -8.41 1.16
N ALA A 75 5.96 -7.57 2.18
CA ALA A 75 6.01 -8.04 3.56
C ALA A 75 4.62 -8.13 4.17
N LEU A 76 3.70 -7.33 3.64
CA LEU A 76 2.33 -7.31 4.13
C LEU A 76 1.33 -7.44 2.97
N HIS A 77 1.80 -8.01 1.86
CA HIS A 77 0.95 -8.19 0.69
C HIS A 77 0.16 -9.49 0.79
N GLY A 78 -1.15 -9.40 0.70
CA GLY A 78 -1.99 -10.57 0.78
C GLY A 78 -1.44 -11.62 1.72
N SER A 79 -0.88 -11.17 2.84
CA SER A 79 -0.31 -12.08 3.83
C SER A 79 -1.27 -12.30 4.99
N GLN A 80 -1.99 -11.25 5.38
CA GLN A 80 -2.94 -11.34 6.48
C GLN A 80 -4.37 -11.45 5.94
N THR A 81 -5.29 -11.85 6.82
CA THR A 81 -6.68 -12.01 6.44
C THR A 81 -7.61 -11.40 7.49
N MET A 82 -7.76 -10.08 7.43
CA MET A 82 -8.62 -9.37 8.37
C MET A 82 -9.88 -10.17 8.66
N PRO A 83 -10.28 -10.20 9.95
CA PRO A 83 -11.48 -10.93 10.38
C PRO A 83 -12.69 -10.63 9.51
N GLY A 84 -13.53 -11.65 9.31
CA GLY A 84 -14.72 -11.47 8.49
C GLY A 84 -14.42 -11.59 7.01
N ALA A 85 -13.29 -11.04 6.59
CA ALA A 85 -12.89 -11.08 5.19
C ALA A 85 -12.19 -12.40 4.86
N SER A 86 -12.65 -13.06 3.80
CA SER A 86 -12.08 -14.33 3.38
C SER A 86 -10.85 -14.11 2.48
N SER A 87 -10.62 -12.85 2.12
CA SER A 87 -9.50 -12.50 1.27
C SER A 87 -8.33 -11.96 2.09
N SER A 88 -7.18 -11.80 1.45
CA SER A 88 -5.99 -11.29 2.12
C SER A 88 -5.79 -9.81 1.84
N LEU A 89 -5.16 -9.11 2.78
CA LEU A 89 -4.90 -7.69 2.63
C LEU A 89 -4.20 -7.39 1.31
N VAL A 90 -4.62 -6.33 0.64
CA VAL A 90 -4.04 -5.93 -0.63
C VAL A 90 -3.19 -4.67 -0.47
N VAL A 91 -1.90 -4.80 -0.78
CA VAL A 91 -0.98 -3.67 -0.68
C VAL A 91 -0.24 -3.44 -1.99
N LYS A 92 -0.44 -2.28 -2.59
CA LYS A 92 0.20 -1.94 -3.85
C LYS A 92 0.25 -0.43 -4.05
N PHE A 93 1.24 0.04 -4.81
CA PHE A 93 1.39 1.47 -5.07
C PHE A 93 0.09 2.05 -5.62
N ALA A 94 -0.24 3.26 -5.16
CA ALA A 94 -1.45 3.94 -5.61
C ALA A 94 -1.36 4.31 -7.09
N ASP A 95 -2.52 4.58 -7.69
CA ASP A 95 -2.57 4.95 -9.10
C ASP A 95 -1.65 6.13 -9.39
N THR A 96 -0.61 5.88 -10.18
CA THR A 96 0.35 6.92 -10.54
C THR A 96 0.09 7.46 -11.93
N ASP A 97 -0.41 8.68 -12.00
CA ASP A 97 -0.70 9.32 -13.28
C ASP A 97 0.05 10.64 -13.43
N LYS A 98 0.05 11.19 -14.63
CA LYS A 98 0.74 12.44 -14.91
C LYS A 98 -0.26 13.58 -15.07
N GLU A 99 -1.28 13.35 -15.89
CA GLU A 99 -2.31 14.37 -16.14
C GLU A 99 -3.70 13.80 -15.88
N SER A 100 -4.68 14.69 -15.77
CA SER A 100 -6.06 14.28 -15.52
C SER A 100 -6.88 14.32 -16.80
N GLY A 101 -7.83 13.40 -16.92
CA GLY A 101 -8.67 13.35 -18.11
C GLY A 101 -8.14 12.38 -19.14
N PRO A 102 -8.22 11.08 -18.84
CA PRO A 102 -7.75 10.02 -19.75
C PRO A 102 -8.72 9.77 -20.90
N SER A 103 -8.36 10.26 -22.09
CA SER A 103 -9.20 10.10 -23.27
C SER A 103 -9.23 8.64 -23.70
N SER A 104 -10.10 7.84 -23.09
CA SER A 104 -10.22 6.44 -23.41
C SER A 104 -10.35 6.23 -24.93
N GLY A 105 -9.74 5.16 -25.42
CA GLY A 105 -9.79 4.88 -26.85
C GLY A 105 -10.67 3.69 -27.17
N GLY A 1 9.57 2.58 -36.05
CA GLY A 1 8.27 3.22 -36.21
C GLY A 1 8.06 4.36 -35.24
N SER A 2 7.96 4.03 -33.96
CA SER A 2 7.75 5.03 -32.92
C SER A 2 9.04 5.28 -32.14
N SER A 3 9.08 6.39 -31.40
CA SER A 3 10.24 6.75 -30.61
C SER A 3 10.43 5.78 -29.45
N GLY A 4 11.66 5.69 -28.95
CA GLY A 4 11.94 4.79 -27.85
C GLY A 4 13.32 4.15 -27.97
N SER A 5 14.06 4.13 -26.86
CA SER A 5 15.39 3.55 -26.85
C SER A 5 15.36 2.14 -26.26
N SER A 6 16.26 1.29 -26.74
CA SER A 6 16.33 -0.09 -26.26
C SER A 6 17.40 -0.23 -25.18
N GLY A 7 17.34 -1.33 -24.42
CA GLY A 7 18.31 -1.56 -23.37
C GLY A 7 18.08 -0.68 -22.17
N SER A 8 18.45 0.59 -22.29
CA SER A 8 18.28 1.55 -21.19
C SER A 8 16.88 2.14 -21.19
N GLU A 9 16.27 2.23 -20.01
CA GLU A 9 14.93 2.78 -19.88
C GLU A 9 14.98 4.23 -19.39
N SER A 10 14.05 5.04 -19.87
CA SER A 10 13.98 6.45 -19.49
C SER A 10 13.50 6.60 -18.05
N ARG A 11 14.03 7.59 -17.36
CA ARG A 11 13.66 7.85 -15.97
C ARG A 11 12.14 7.72 -15.79
N GLY A 12 11.73 7.20 -14.64
CA GLY A 12 10.31 7.04 -14.36
C GLY A 12 9.86 7.87 -13.19
N GLY A 13 8.56 7.85 -12.93
CA GLY A 13 8.01 8.62 -11.82
C GLY A 13 8.25 7.95 -10.48
N ARG A 14 8.35 8.76 -9.43
CA ARG A 14 8.58 8.23 -8.08
C ARG A 14 7.54 8.78 -7.10
N ASP A 15 6.93 7.89 -6.33
CA ASP A 15 5.93 8.28 -5.35
C ASP A 15 5.97 7.37 -4.13
N ARG A 16 6.24 7.97 -2.98
CA ARG A 16 6.32 7.21 -1.73
C ARG A 16 4.94 7.02 -1.13
N LYS A 17 3.98 6.67 -1.97
CA LYS A 17 2.60 6.44 -1.52
C LYS A 17 2.16 5.02 -1.80
N LEU A 18 1.40 4.45 -0.87
CA LEU A 18 0.90 3.08 -1.03
C LEU A 18 -0.62 3.03 -0.86
N PHE A 19 -1.24 1.99 -1.42
CA PHE A 19 -2.68 1.83 -1.34
C PHE A 19 -3.03 0.45 -0.78
N VAL A 20 -3.66 0.44 0.39
CA VAL A 20 -4.06 -0.80 1.04
C VAL A 20 -5.54 -1.09 0.82
N GLY A 21 -5.90 -2.37 0.87
CA GLY A 21 -7.30 -2.75 0.68
C GLY A 21 -7.69 -3.93 1.54
N MET A 22 -8.90 -4.44 1.32
CA MET A 22 -9.40 -5.58 2.08
C MET A 22 -9.24 -5.34 3.58
N LEU A 23 -9.72 -4.18 4.04
CA LEU A 23 -9.63 -3.83 5.45
C LEU A 23 -11.00 -3.89 6.11
N ASN A 24 -11.01 -4.09 7.42
CA ASN A 24 -12.27 -4.17 8.17
C ASN A 24 -12.57 -2.85 8.87
N LYS A 25 -13.76 -2.73 9.43
CA LYS A 25 -14.17 -1.53 10.13
C LYS A 25 -13.72 -1.57 11.58
N GLN A 26 -12.62 -2.27 11.85
CA GLN A 26 -12.09 -2.38 13.20
C GLN A 26 -10.68 -1.83 13.27
N GLN A 27 -9.93 -1.95 12.17
CA GLN A 27 -8.57 -1.45 12.12
C GLN A 27 -8.54 0.05 11.89
N SER A 28 -7.54 0.71 12.46
CA SER A 28 -7.39 2.15 12.32
C SER A 28 -6.02 2.51 11.75
N GLU A 29 -5.76 3.81 11.65
CA GLU A 29 -4.48 4.30 11.13
C GLU A 29 -3.33 3.85 12.03
N GLU A 30 -3.51 3.98 13.33
CA GLU A 30 -2.49 3.60 14.29
C GLU A 30 -2.09 2.13 14.11
N ASP A 31 -3.10 1.27 13.96
CA ASP A 31 -2.87 -0.15 13.79
C ASP A 31 -1.89 -0.40 12.65
N VAL A 32 -2.23 0.07 11.45
CA VAL A 32 -1.38 -0.12 10.28
C VAL A 32 0.00 0.49 10.52
N LEU A 33 0.02 1.74 10.97
CA LEU A 33 1.29 2.42 11.24
C LEU A 33 2.16 1.63 12.21
N ARG A 34 1.51 1.03 13.21
CA ARG A 34 2.22 0.24 14.21
C ARG A 34 2.75 -1.06 13.60
N LEU A 35 1.95 -1.65 12.71
CA LEU A 35 2.33 -2.90 12.06
C LEU A 35 3.20 -2.62 10.84
N PHE A 36 3.27 -1.36 10.44
CA PHE A 36 4.07 -0.97 9.29
C PHE A 36 5.42 -0.39 9.72
N GLN A 37 5.41 0.33 10.84
CA GLN A 37 6.64 0.93 11.36
C GLN A 37 7.78 -0.08 11.37
N PRO A 38 7.50 -1.29 11.87
CA PRO A 38 8.49 -2.37 11.93
C PRO A 38 9.25 -2.55 10.62
N PHE A 39 8.69 -2.00 9.55
CA PHE A 39 9.31 -2.11 8.22
C PHE A 39 10.03 -0.80 7.87
N GLY A 40 9.37 0.31 8.11
CA GLY A 40 9.95 1.61 7.80
C GLY A 40 9.26 2.75 8.52
N VAL A 41 9.91 3.91 8.56
CA VAL A 41 9.35 5.08 9.22
C VAL A 41 8.31 5.76 8.35
N ILE A 42 7.03 5.56 8.69
CA ILE A 42 5.94 6.15 7.94
C ILE A 42 5.81 7.64 8.25
N ASP A 43 5.57 8.43 7.22
CA ASP A 43 5.42 9.88 7.37
C ASP A 43 3.96 10.24 7.62
N GLU A 44 3.11 9.94 6.65
CA GLU A 44 1.68 10.24 6.76
C GLU A 44 0.83 9.01 6.43
N CYS A 45 -0.17 8.75 7.25
CA CYS A 45 -1.06 7.61 7.05
C CYS A 45 -2.52 8.02 7.20
N THR A 46 -3.36 7.56 6.28
CA THR A 46 -4.78 7.87 6.32
C THR A 46 -5.61 6.71 5.76
N VAL A 47 -6.79 6.52 6.33
CA VAL A 47 -7.68 5.45 5.89
C VAL A 47 -8.94 6.03 5.23
N LEU A 48 -9.48 5.29 4.27
CA LEU A 48 -10.67 5.73 3.56
C LEU A 48 -11.93 5.23 4.27
N ARG A 49 -12.92 6.11 4.40
CA ARG A 49 -14.17 5.76 5.05
C ARG A 49 -15.34 5.86 4.07
N GLY A 50 -16.30 4.95 4.22
CA GLY A 50 -17.46 4.95 3.35
C GLY A 50 -18.30 6.20 3.50
N PRO A 51 -19.41 6.27 2.76
CA PRO A 51 -20.33 7.40 2.79
C PRO A 51 -20.65 7.84 4.22
N ASP A 52 -20.98 6.87 5.08
CA ASP A 52 -21.31 7.16 6.46
C ASP A 52 -20.03 7.26 7.31
N GLY A 53 -18.99 7.84 6.74
CA GLY A 53 -17.73 7.98 7.45
C GLY A 53 -17.45 6.81 8.38
N SER A 54 -17.35 5.62 7.81
CA SER A 54 -17.09 4.42 8.59
C SER A 54 -15.79 3.75 8.15
N SER A 55 -15.83 3.09 6.99
CA SER A 55 -14.66 2.41 6.45
C SER A 55 -14.89 1.99 5.01
N LYS A 56 -13.83 2.07 4.20
CA LYS A 56 -13.91 1.71 2.79
C LYS A 56 -13.13 0.43 2.52
N GLY A 57 -12.44 -0.08 3.54
CA GLY A 57 -11.66 -1.29 3.39
C GLY A 57 -10.29 -1.02 2.80
N CYS A 58 -10.03 0.23 2.44
CA CYS A 58 -8.75 0.62 1.86
C CYS A 58 -8.16 1.83 2.58
N ALA A 59 -6.91 2.13 2.29
CA ALA A 59 -6.23 3.27 2.91
C ALA A 59 -4.95 3.62 2.15
N PHE A 60 -4.32 4.72 2.55
CA PHE A 60 -3.10 5.18 1.91
C PHE A 60 -1.97 5.33 2.93
N VAL A 61 -0.80 4.78 2.60
CA VAL A 61 0.35 4.86 3.50
C VAL A 61 1.55 5.46 2.78
N LYS A 62 2.19 6.43 3.41
CA LYS A 62 3.37 7.08 2.84
C LYS A 62 4.60 6.85 3.71
N PHE A 63 5.56 6.11 3.17
CA PHE A 63 6.79 5.81 3.90
C PHE A 63 7.81 6.92 3.70
N SER A 64 8.86 6.91 4.52
CA SER A 64 9.91 7.92 4.43
C SER A 64 10.72 7.75 3.16
N SER A 65 10.91 6.50 2.73
CA SER A 65 11.67 6.21 1.52
C SER A 65 10.93 5.17 0.67
N HIS A 66 11.35 5.05 -0.59
CA HIS A 66 10.75 4.10 -1.51
C HIS A 66 11.00 2.67 -1.06
N THR A 67 12.27 2.35 -0.80
CA THR A 67 12.64 1.02 -0.36
C THR A 67 11.75 0.54 0.78
N GLU A 68 11.80 1.25 1.90
CA GLU A 68 11.00 0.88 3.07
C GLU A 68 9.57 0.54 2.65
N ALA A 69 9.01 1.33 1.74
CA ALA A 69 7.66 1.11 1.25
C ALA A 69 7.52 -0.27 0.63
N GLN A 70 8.29 -0.52 -0.43
CA GLN A 70 8.25 -1.80 -1.11
C GLN A 70 8.26 -2.96 -0.12
N ALA A 71 9.22 -2.92 0.81
CA ALA A 71 9.34 -3.97 1.81
C ALA A 71 8.00 -4.23 2.50
N ALA A 72 7.41 -3.17 3.06
CA ALA A 72 6.13 -3.30 3.73
C ALA A 72 5.09 -3.97 2.85
N ILE A 73 5.16 -3.68 1.55
CA ILE A 73 4.22 -4.26 0.59
C ILE A 73 4.39 -5.77 0.50
N HIS A 74 5.52 -6.20 -0.04
CA HIS A 74 5.81 -7.63 -0.19
C HIS A 74 5.77 -8.33 1.16
N ALA A 75 5.75 -7.53 2.23
CA ALA A 75 5.72 -8.08 3.58
C ALA A 75 4.28 -8.25 4.07
N LEU A 76 3.43 -7.29 3.73
CA LEU A 76 2.03 -7.33 4.13
C LEU A 76 1.12 -7.46 2.92
N HIS A 77 1.65 -8.02 1.84
CA HIS A 77 0.89 -8.20 0.61
C HIS A 77 0.14 -9.54 0.63
N GLY A 78 -1.18 -9.48 0.47
CA GLY A 78 -1.97 -10.69 0.48
C GLY A 78 -1.42 -11.75 1.40
N SER A 79 -0.81 -11.32 2.51
CA SER A 79 -0.23 -12.25 3.47
C SER A 79 -1.16 -12.44 4.66
N GLN A 80 -1.81 -11.37 5.08
CA GLN A 80 -2.73 -11.43 6.22
C GLN A 80 -4.17 -11.50 5.74
N THR A 81 -5.07 -11.90 6.63
CA THR A 81 -6.49 -12.01 6.30
C THR A 81 -7.35 -11.37 7.39
N MET A 82 -7.53 -10.06 7.29
CA MET A 82 -8.33 -9.33 8.27
C MET A 82 -9.58 -10.13 8.65
N PRO A 83 -9.91 -10.13 9.94
CA PRO A 83 -11.08 -10.85 10.47
C PRO A 83 -12.34 -10.55 9.67
N GLY A 84 -13.18 -11.58 9.53
CA GLY A 84 -14.42 -11.41 8.78
C GLY A 84 -14.24 -11.61 7.29
N ALA A 85 -13.14 -11.09 6.76
CA ALA A 85 -12.84 -11.22 5.34
C ALA A 85 -12.18 -12.56 5.03
N SER A 86 -12.54 -13.15 3.90
CA SER A 86 -11.97 -14.44 3.49
C SER A 86 -10.77 -14.24 2.58
N SER A 87 -10.58 -13.02 2.10
CA SER A 87 -9.47 -12.71 1.22
C SER A 87 -8.33 -12.05 2.00
N SER A 88 -7.13 -12.14 1.44
CA SER A 88 -5.94 -11.57 2.09
C SER A 88 -5.89 -10.05 1.88
N LEU A 89 -4.91 -9.42 2.51
CA LEU A 89 -4.76 -7.97 2.40
C LEU A 89 -4.19 -7.58 1.03
N VAL A 90 -4.63 -6.43 0.53
CA VAL A 90 -4.17 -5.95 -0.77
C VAL A 90 -3.34 -4.67 -0.61
N VAL A 91 -2.05 -4.79 -0.89
CA VAL A 91 -1.15 -3.64 -0.79
C VAL A 91 -0.45 -3.37 -2.11
N LYS A 92 -0.59 -2.15 -2.62
CA LYS A 92 0.02 -1.76 -3.88
C LYS A 92 0.08 -0.24 -4.01
N PHE A 93 1.09 0.24 -4.72
CA PHE A 93 1.26 1.68 -4.92
C PHE A 93 -0.05 2.32 -5.34
N ALA A 94 -0.30 3.54 -4.85
CA ALA A 94 -1.51 4.27 -5.17
C ALA A 94 -1.55 4.62 -6.66
N ASP A 95 -0.41 5.04 -7.19
CA ASP A 95 -0.31 5.41 -8.61
C ASP A 95 0.17 4.23 -9.45
N THR A 96 -0.38 3.05 -9.18
CA THR A 96 -0.01 1.84 -9.91
C THR A 96 -0.81 1.71 -11.20
N ASP A 97 -0.98 2.83 -11.89
CA ASP A 97 -1.72 2.84 -13.15
C ASP A 97 -1.37 1.62 -14.00
N LYS A 98 -2.32 1.16 -14.80
CA LYS A 98 -2.11 0.01 -15.66
C LYS A 98 -1.97 0.44 -17.13
N GLU A 99 -1.23 1.52 -17.35
CA GLU A 99 -1.01 2.03 -18.69
C GLU A 99 -0.71 0.89 -19.67
N SER A 100 -1.33 0.94 -20.84
CA SER A 100 -1.12 -0.09 -21.86
C SER A 100 0.27 0.04 -22.48
N GLY A 101 0.69 -1.02 -23.17
CA GLY A 101 1.99 -1.01 -23.81
C GLY A 101 2.41 -2.38 -24.30
N PRO A 102 1.79 -2.83 -25.41
CA PRO A 102 2.09 -4.13 -26.01
C PRO A 102 3.40 -4.14 -26.78
N SER A 103 4.42 -3.50 -26.22
CA SER A 103 5.73 -3.43 -26.87
C SER A 103 6.58 -4.63 -26.51
N SER A 104 6.36 -5.75 -27.21
CA SER A 104 7.11 -6.97 -26.95
C SER A 104 7.55 -7.61 -28.27
N GLY A 105 8.71 -8.26 -28.24
CA GLY A 105 9.23 -8.91 -29.43
C GLY A 105 9.45 -7.94 -30.57
N GLY A 1 -3.08 -22.94 -1.51
CA GLY A 1 -1.87 -22.62 -2.26
C GLY A 1 -2.03 -22.83 -3.74
N SER A 2 -1.74 -21.79 -4.52
CA SER A 2 -1.87 -21.87 -5.97
C SER A 2 -0.61 -21.32 -6.66
N SER A 3 -0.38 -21.76 -7.88
CA SER A 3 0.79 -21.31 -8.63
C SER A 3 0.47 -21.25 -10.13
N GLY A 4 0.97 -20.20 -10.79
CA GLY A 4 0.72 -20.03 -12.21
C GLY A 4 0.24 -18.64 -12.55
N SER A 5 1.14 -17.67 -12.51
CA SER A 5 0.80 -16.28 -12.81
C SER A 5 1.71 -15.73 -13.92
N SER A 6 1.32 -15.97 -15.16
CA SER A 6 2.09 -15.50 -16.31
C SER A 6 1.96 -13.99 -16.47
N GLY A 7 3.05 -13.35 -16.91
CA GLY A 7 3.03 -11.91 -17.10
C GLY A 7 4.07 -11.21 -16.24
N SER A 8 3.78 -9.98 -15.85
CA SER A 8 4.70 -9.19 -15.03
C SER A 8 4.03 -8.79 -13.71
N GLU A 9 4.43 -9.45 -12.63
CA GLU A 9 3.88 -9.16 -11.31
C GLU A 9 3.89 -7.66 -11.04
N SER A 10 5.02 -7.02 -11.33
CA SER A 10 5.17 -5.58 -11.11
C SER A 10 5.47 -4.86 -12.42
N ARG A 11 5.02 -3.61 -12.52
CA ARG A 11 5.24 -2.81 -13.72
C ARG A 11 6.31 -1.74 -13.47
N GLY A 12 6.13 -0.98 -12.39
CA GLY A 12 7.09 0.07 -12.07
C GLY A 12 6.57 1.01 -11.01
N GLY A 13 6.28 0.47 -9.82
CA GLY A 13 5.78 1.28 -8.73
C GLY A 13 6.79 2.30 -8.26
N ARG A 14 7.64 1.90 -7.32
CA ARG A 14 8.66 2.80 -6.78
C ARG A 14 8.03 4.10 -6.28
N ASP A 15 6.85 3.99 -5.69
CA ASP A 15 6.14 5.16 -5.17
C ASP A 15 6.23 5.22 -3.65
N ARG A 16 6.28 6.42 -3.12
CA ARG A 16 6.38 6.63 -1.68
C ARG A 16 5.05 6.30 -0.99
N LYS A 17 3.96 6.54 -1.70
CA LYS A 17 2.63 6.27 -1.16
C LYS A 17 2.12 4.91 -1.61
N LEU A 18 1.46 4.20 -0.71
CA LEU A 18 0.92 2.88 -1.01
C LEU A 18 -0.59 2.84 -0.80
N PHE A 19 -1.27 1.95 -1.51
CA PHE A 19 -2.72 1.81 -1.40
C PHE A 19 -3.09 0.44 -0.85
N VAL A 20 -3.59 0.42 0.38
CA VAL A 20 -3.98 -0.83 1.03
C VAL A 20 -5.49 -1.03 0.95
N GLY A 21 -5.91 -2.27 0.69
CA GLY A 21 -7.32 -2.57 0.58
C GLY A 21 -7.70 -3.82 1.36
N MET A 22 -8.94 -4.26 1.20
CA MET A 22 -9.43 -5.45 1.89
C MET A 22 -9.27 -5.31 3.40
N LEU A 23 -9.62 -4.13 3.91
CA LEU A 23 -9.51 -3.87 5.35
C LEU A 23 -10.87 -3.94 6.02
N ASN A 24 -10.88 -4.20 7.32
CA ASN A 24 -12.12 -4.30 8.08
C ASN A 24 -12.45 -2.98 8.76
N LYS A 25 -13.71 -2.81 9.15
CA LYS A 25 -14.16 -1.60 9.81
C LYS A 25 -13.82 -1.63 11.30
N GLN A 26 -12.62 -2.09 11.62
CA GLN A 26 -12.18 -2.18 13.01
C GLN A 26 -10.76 -1.63 13.17
N GLN A 27 -9.91 -1.89 12.18
CA GLN A 27 -8.53 -1.43 12.21
C GLN A 27 -8.47 0.10 12.09
N SER A 28 -7.43 0.68 12.67
CA SER A 28 -7.26 2.13 12.63
C SER A 28 -5.85 2.50 12.16
N GLU A 29 -5.66 3.76 11.78
CA GLU A 29 -4.36 4.23 11.31
C GLU A 29 -3.25 3.73 12.21
N GLU A 30 -3.42 3.89 13.51
CA GLU A 30 -2.43 3.46 14.48
C GLU A 30 -2.04 1.99 14.25
N ASP A 31 -3.05 1.12 14.22
CA ASP A 31 -2.81 -0.30 14.02
C ASP A 31 -1.79 -0.52 12.91
N VAL A 32 -2.16 -0.18 11.67
CA VAL A 32 -1.27 -0.35 10.53
C VAL A 32 0.10 0.25 10.82
N LEU A 33 0.13 1.55 11.06
CA LEU A 33 1.38 2.25 11.34
C LEU A 33 2.23 1.46 12.34
N ARG A 34 1.57 0.85 13.31
CA ARG A 34 2.26 0.06 14.32
C ARG A 34 2.84 -1.21 13.71
N LEU A 35 2.07 -1.84 12.84
CA LEU A 35 2.50 -3.08 12.19
C LEU A 35 3.37 -2.78 10.97
N PHE A 36 3.42 -1.51 10.59
CA PHE A 36 4.22 -1.08 9.45
C PHE A 36 5.56 -0.49 9.90
N GLN A 37 5.53 0.21 11.03
CA GLN A 37 6.74 0.83 11.56
C GLN A 37 7.90 -0.15 11.56
N PRO A 38 7.63 -1.37 12.06
CA PRO A 38 8.66 -2.43 12.12
C PRO A 38 9.42 -2.59 10.82
N PHE A 39 8.87 -2.03 9.74
CA PHE A 39 9.51 -2.11 8.43
C PHE A 39 10.25 -0.81 8.11
N GLY A 40 9.62 0.31 8.43
CA GLY A 40 10.24 1.60 8.17
C GLY A 40 9.37 2.76 8.60
N VAL A 41 9.95 3.95 8.63
CA VAL A 41 9.21 5.15 9.02
C VAL A 41 8.09 5.46 8.03
N ILE A 42 6.91 5.78 8.55
CA ILE A 42 5.76 6.09 7.71
C ILE A 42 5.41 7.57 7.79
N ASP A 43 5.67 8.28 6.69
CA ASP A 43 5.40 9.72 6.63
C ASP A 43 4.00 10.02 7.20
N GLU A 44 2.98 9.46 6.56
CA GLU A 44 1.61 9.67 7.00
C GLU A 44 0.70 8.54 6.50
N CYS A 45 -0.33 8.24 7.29
CA CYS A 45 -1.27 7.18 6.94
C CYS A 45 -2.70 7.64 7.14
N THR A 46 -3.56 7.33 6.17
CA THR A 46 -4.97 7.73 6.24
C THR A 46 -5.87 6.61 5.73
N VAL A 47 -7.02 6.45 6.38
CA VAL A 47 -7.97 5.41 5.99
C VAL A 47 -9.17 6.02 5.27
N LEU A 48 -9.56 5.38 4.16
CA LEU A 48 -10.70 5.86 3.38
C LEU A 48 -12.02 5.53 4.07
N ARG A 49 -12.99 6.43 3.94
CA ARG A 49 -14.30 6.23 4.55
C ARG A 49 -15.38 6.93 3.73
N GLY A 50 -16.59 6.35 3.75
CA GLY A 50 -17.69 6.91 3.01
C GLY A 50 -18.43 7.98 3.80
N PRO A 51 -19.24 8.78 3.10
CA PRO A 51 -20.02 9.87 3.71
C PRO A 51 -20.74 9.41 4.98
N ASP A 52 -21.22 8.17 4.95
CA ASP A 52 -21.94 7.61 6.09
C ASP A 52 -20.98 6.87 7.03
N GLY A 53 -19.79 7.45 7.21
CA GLY A 53 -18.79 6.83 8.08
C GLY A 53 -18.70 5.33 7.88
N SER A 54 -18.51 4.91 6.64
CA SER A 54 -18.41 3.49 6.33
C SER A 54 -17.08 3.18 5.65
N SER A 55 -16.08 2.85 6.46
CA SER A 55 -14.75 2.53 5.95
C SER A 55 -14.84 1.81 4.61
N LYS A 56 -14.04 2.25 3.65
CA LYS A 56 -14.04 1.64 2.32
C LYS A 56 -13.06 0.47 2.27
N GLY A 57 -12.78 -0.11 3.43
CA GLY A 57 -11.85 -1.23 3.50
C GLY A 57 -10.55 -0.95 2.76
N CYS A 58 -10.11 0.30 2.79
CA CYS A 58 -8.88 0.69 2.13
C CYS A 58 -8.21 1.85 2.86
N ALA A 59 -6.97 2.15 2.47
CA ALA A 59 -6.23 3.24 3.09
C ALA A 59 -5.00 3.60 2.26
N PHE A 60 -4.26 4.61 2.73
CA PHE A 60 -3.05 5.05 2.02
C PHE A 60 -1.89 5.23 3.00
N VAL A 61 -0.83 4.47 2.80
CA VAL A 61 0.35 4.55 3.65
C VAL A 61 1.53 5.16 2.91
N LYS A 62 2.02 6.28 3.41
CA LYS A 62 3.16 6.96 2.80
C LYS A 62 4.42 6.76 3.62
N PHE A 63 5.42 6.12 3.01
CA PHE A 63 6.68 5.87 3.69
C PHE A 63 7.69 6.96 3.40
N SER A 64 8.64 7.15 4.31
CA SER A 64 9.66 8.17 4.15
C SER A 64 10.44 7.98 2.85
N SER A 65 10.75 6.72 2.55
CA SER A 65 11.50 6.39 1.34
C SER A 65 10.86 5.21 0.61
N HIS A 66 10.74 5.32 -0.71
CA HIS A 66 10.15 4.27 -1.51
C HIS A 66 10.57 2.89 -1.00
N THR A 67 11.88 2.67 -0.92
CA THR A 67 12.40 1.40 -0.45
C THR A 67 11.56 0.84 0.69
N GLU A 68 11.59 1.51 1.83
CA GLU A 68 10.82 1.08 3.00
C GLU A 68 9.44 0.60 2.58
N ALA A 69 8.79 1.34 1.69
CA ALA A 69 7.47 0.99 1.21
C ALA A 69 7.48 -0.35 0.49
N GLN A 70 8.35 -0.49 -0.50
CA GLN A 70 8.46 -1.73 -1.26
C GLN A 70 8.46 -2.93 -0.33
N ALA A 71 9.27 -2.87 0.72
CA ALA A 71 9.36 -3.95 1.68
C ALA A 71 8.01 -4.23 2.35
N ALA A 72 7.54 -3.25 3.12
CA ALA A 72 6.27 -3.37 3.81
C ALA A 72 5.23 -4.06 2.93
N ILE A 73 5.25 -3.75 1.64
CA ILE A 73 4.32 -4.34 0.68
C ILE A 73 4.48 -5.85 0.62
N HIS A 74 5.59 -6.29 0.03
CA HIS A 74 5.88 -7.72 -0.11
C HIS A 74 5.88 -8.40 1.27
N ALA A 75 5.91 -7.59 2.31
CA ALA A 75 5.92 -8.12 3.68
C ALA A 75 4.51 -8.26 4.22
N LEU A 76 3.62 -7.38 3.79
CA LEU A 76 2.23 -7.40 4.24
C LEU A 76 1.28 -7.53 3.04
N HIS A 77 1.81 -8.00 1.92
CA HIS A 77 1.01 -8.18 0.71
C HIS A 77 0.31 -9.54 0.72
N GLY A 78 -1.02 -9.51 0.58
CA GLY A 78 -1.78 -10.75 0.58
C GLY A 78 -1.29 -11.74 1.61
N SER A 79 -0.71 -11.23 2.70
CA SER A 79 -0.20 -12.08 3.76
C SER A 79 -1.18 -12.15 4.92
N GLN A 80 -1.81 -11.02 5.23
CA GLN A 80 -2.77 -10.95 6.32
C GLN A 80 -4.20 -11.00 5.80
N THR A 81 -5.09 -11.62 6.56
CA THR A 81 -6.49 -11.75 6.18
C THR A 81 -7.41 -11.18 7.24
N MET A 82 -7.55 -9.85 7.24
CA MET A 82 -8.40 -9.17 8.21
C MET A 82 -9.63 -10.02 8.54
N PRO A 83 -9.99 -10.07 9.84
CA PRO A 83 -11.14 -10.84 10.31
C PRO A 83 -12.39 -10.57 9.50
N GLY A 84 -13.28 -11.55 9.43
CA GLY A 84 -14.52 -11.40 8.68
C GLY A 84 -14.31 -11.53 7.18
N ALA A 85 -13.25 -10.91 6.67
CA ALA A 85 -12.94 -10.96 5.25
C ALA A 85 -12.26 -12.28 4.89
N SER A 86 -12.70 -12.86 3.78
CA SER A 86 -12.13 -14.13 3.32
C SER A 86 -10.89 -13.90 2.46
N SER A 87 -10.69 -12.65 2.06
CA SER A 87 -9.54 -12.29 1.23
C SER A 87 -8.43 -11.66 2.08
N SER A 88 -7.21 -11.66 1.54
CA SER A 88 -6.07 -11.10 2.25
C SER A 88 -5.99 -9.59 2.02
N LEU A 89 -4.95 -8.97 2.60
CA LEU A 89 -4.75 -7.54 2.46
C LEU A 89 -4.05 -7.21 1.15
N VAL A 90 -4.67 -6.35 0.35
CA VAL A 90 -4.10 -5.96 -0.94
C VAL A 90 -3.28 -4.69 -0.80
N VAL A 91 -1.96 -4.84 -0.85
CA VAL A 91 -1.05 -3.71 -0.73
C VAL A 91 -0.30 -3.46 -2.03
N LYS A 92 -0.52 -2.30 -2.62
CA LYS A 92 0.13 -1.93 -3.88
C LYS A 92 0.16 -0.41 -4.06
N PHE A 93 1.19 0.06 -4.76
CA PHE A 93 1.34 1.49 -5.01
C PHE A 93 0.08 2.07 -5.65
N ALA A 94 -0.15 3.36 -5.42
CA ALA A 94 -1.32 4.04 -5.97
C ALA A 94 -0.99 4.72 -7.29
N ASP A 95 0.18 5.35 -7.34
CA ASP A 95 0.63 6.03 -8.54
C ASP A 95 1.87 5.38 -9.13
N THR A 96 1.75 4.90 -10.37
CA THR A 96 2.86 4.23 -11.05
C THR A 96 3.58 5.20 -11.98
N ASP A 97 4.81 5.55 -11.62
CA ASP A 97 5.62 6.45 -12.43
C ASP A 97 7.03 5.91 -12.63
N LYS A 98 7.55 6.07 -13.84
CA LYS A 98 8.89 5.60 -14.15
C LYS A 98 9.44 6.29 -15.40
N GLU A 99 10.72 6.09 -15.67
CA GLU A 99 11.37 6.70 -16.83
C GLU A 99 10.66 6.28 -18.12
N SER A 100 10.08 7.25 -18.81
CA SER A 100 9.37 6.97 -20.06
C SER A 100 10.34 6.51 -21.15
N GLY A 101 11.41 7.28 -21.34
CA GLY A 101 12.38 6.94 -22.35
C GLY A 101 12.70 8.09 -23.29
N PRO A 102 13.74 8.87 -22.96
CA PRO A 102 14.16 10.02 -23.75
C PRO A 102 14.93 9.61 -25.00
N SER A 103 14.35 9.92 -26.17
CA SER A 103 14.99 9.57 -27.44
C SER A 103 16.46 9.98 -27.45
N SER A 104 17.34 9.02 -27.26
CA SER A 104 18.77 9.27 -27.24
C SER A 104 19.42 8.84 -28.56
N GLY A 105 19.66 9.80 -29.44
CA GLY A 105 20.27 9.50 -30.72
C GLY A 105 21.34 10.51 -31.11
N GLY A 1 -1.81 -23.95 -12.62
CA GLY A 1 -1.59 -22.52 -12.39
C GLY A 1 -1.18 -21.80 -13.66
N SER A 2 -0.41 -20.73 -13.50
CA SER A 2 0.06 -19.94 -14.64
C SER A 2 1.08 -18.90 -14.20
N SER A 3 1.95 -18.52 -15.12
CA SER A 3 2.99 -17.53 -14.83
C SER A 3 2.51 -16.12 -15.16
N GLY A 4 2.94 -15.15 -14.35
CA GLY A 4 2.54 -13.77 -14.58
C GLY A 4 3.72 -12.88 -14.91
N SER A 5 4.29 -13.06 -16.11
CA SER A 5 5.43 -12.27 -16.54
C SER A 5 4.98 -10.92 -17.08
N SER A 6 5.34 -9.85 -16.38
CA SER A 6 4.98 -8.51 -16.79
C SER A 6 5.98 -7.48 -16.26
N GLY A 7 6.15 -6.39 -17.00
CA GLY A 7 7.08 -5.35 -16.60
C GLY A 7 6.70 -3.99 -17.14
N SER A 8 6.80 -2.97 -16.30
CA SER A 8 6.46 -1.61 -16.69
C SER A 8 7.59 -0.99 -17.52
N GLU A 9 7.24 -0.49 -18.70
CA GLU A 9 8.23 0.13 -19.59
C GLU A 9 8.47 1.58 -19.20
N SER A 10 7.39 2.37 -19.15
CA SER A 10 7.49 3.78 -18.80
C SER A 10 8.00 3.94 -17.37
N ARG A 11 9.24 4.41 -17.24
CA ARG A 11 9.85 4.62 -15.93
C ARG A 11 9.95 6.11 -15.60
N GLY A 12 9.56 6.48 -14.38
CA GLY A 12 9.61 7.87 -13.98
C GLY A 12 8.69 8.16 -12.81
N GLY A 13 9.00 9.21 -12.06
CA GLY A 13 8.19 9.58 -10.93
C GLY A 13 8.64 8.93 -9.64
N ARG A 14 9.00 9.74 -8.65
CA ARG A 14 9.46 9.23 -7.36
C ARG A 14 8.36 9.35 -6.31
N ASP A 15 7.46 8.38 -6.29
CA ASP A 15 6.36 8.37 -5.34
C ASP A 15 6.51 7.22 -4.35
N ARG A 16 6.47 7.53 -3.06
CA ARG A 16 6.60 6.53 -2.02
C ARG A 16 5.28 6.31 -1.30
N LYS A 17 4.18 6.44 -2.04
CA LYS A 17 2.86 6.25 -1.48
C LYS A 17 2.34 4.84 -1.73
N LEU A 18 1.73 4.24 -0.71
CA LEU A 18 1.20 2.89 -0.83
C LEU A 18 -0.32 2.89 -0.67
N PHE A 19 -0.97 1.90 -1.27
CA PHE A 19 -2.42 1.79 -1.19
C PHE A 19 -2.84 0.44 -0.62
N VAL A 20 -3.44 0.46 0.56
CA VAL A 20 -3.89 -0.77 1.22
C VAL A 20 -5.38 -0.98 1.04
N GLY A 21 -5.79 -2.24 0.88
CA GLY A 21 -7.20 -2.54 0.71
C GLY A 21 -7.61 -3.79 1.47
N MET A 22 -8.85 -4.22 1.26
CA MET A 22 -9.37 -5.40 1.93
C MET A 22 -9.29 -5.25 3.45
N LEU A 23 -9.53 -4.04 3.93
CA LEU A 23 -9.49 -3.77 5.36
C LEU A 23 -10.88 -3.86 5.99
N ASN A 24 -10.92 -4.13 7.28
CA ASN A 24 -12.19 -4.26 8.00
C ASN A 24 -12.39 -3.07 8.94
N LYS A 25 -13.57 -3.01 9.55
CA LYS A 25 -13.89 -1.93 10.48
C LYS A 25 -13.27 -2.19 11.84
N GLN A 26 -12.36 -3.15 11.91
CA GLN A 26 -11.69 -3.49 13.16
C GLN A 26 -10.30 -2.86 13.23
N GLN A 27 -9.75 -2.55 12.06
CA GLN A 27 -8.43 -1.94 11.98
C GLN A 27 -8.52 -0.43 11.84
N SER A 28 -7.54 0.28 12.37
CA SER A 28 -7.52 1.74 12.31
C SER A 28 -6.16 2.24 11.81
N GLU A 29 -6.04 3.56 11.68
CA GLU A 29 -4.81 4.16 11.21
C GLU A 29 -3.63 3.77 12.10
N GLU A 30 -3.82 3.91 13.41
CA GLU A 30 -2.78 3.57 14.36
C GLU A 30 -2.26 2.15 14.13
N ASP A 31 -3.16 1.18 14.22
CA ASP A 31 -2.79 -0.22 14.01
C ASP A 31 -1.80 -0.35 12.87
N VAL A 32 -2.25 -0.06 11.66
CA VAL A 32 -1.40 -0.15 10.47
C VAL A 32 -0.03 0.48 10.74
N LEU A 33 -0.03 1.77 11.04
CA LEU A 33 1.21 2.49 11.32
C LEU A 33 2.09 1.72 12.29
N ARG A 34 1.46 1.12 13.30
CA ARG A 34 2.18 0.34 14.31
C ARG A 34 2.73 -0.94 13.70
N LEU A 35 1.94 -1.57 12.84
CA LEU A 35 2.35 -2.81 12.20
C LEU A 35 3.19 -2.53 10.96
N PHE A 36 3.25 -1.26 10.56
CA PHE A 36 4.02 -0.87 9.38
C PHE A 36 5.37 -0.27 9.81
N GLN A 37 5.36 0.46 10.92
CA GLN A 37 6.57 1.08 11.42
C GLN A 37 7.74 0.10 11.43
N PRO A 38 7.48 -1.12 11.94
CA PRO A 38 8.49 -2.18 12.02
C PRO A 38 9.23 -2.37 10.70
N PHE A 39 8.66 -1.83 9.62
CA PHE A 39 9.26 -1.94 8.31
C PHE A 39 9.97 -0.64 7.92
N GLY A 40 9.27 0.47 8.09
CA GLY A 40 9.84 1.76 7.76
C GLY A 40 9.18 2.90 8.52
N VAL A 41 9.88 4.03 8.60
CA VAL A 41 9.35 5.20 9.31
C VAL A 41 8.28 5.90 8.48
N ILE A 42 7.02 5.54 8.73
CA ILE A 42 5.91 6.14 8.03
C ILE A 42 5.81 7.63 8.31
N ASP A 43 5.52 8.40 7.26
CA ASP A 43 5.40 9.86 7.40
C ASP A 43 3.94 10.26 7.60
N GLU A 44 3.11 9.97 6.60
CA GLU A 44 1.70 10.31 6.67
C GLU A 44 0.83 9.08 6.39
N CYS A 45 -0.18 8.87 7.23
CA CYS A 45 -1.08 7.73 7.07
C CYS A 45 -2.53 8.17 7.22
N THR A 46 -3.39 7.66 6.33
CA THR A 46 -4.81 8.00 6.36
C THR A 46 -5.65 6.89 5.76
N VAL A 47 -6.79 6.61 6.38
CA VAL A 47 -7.69 5.57 5.90
C VAL A 47 -8.90 6.16 5.20
N LEU A 48 -9.38 5.48 4.17
CA LEU A 48 -10.53 5.94 3.40
C LEU A 48 -11.83 5.50 4.07
N ARG A 49 -12.85 6.35 3.98
CA ARG A 49 -14.14 6.05 4.57
C ARG A 49 -15.28 6.52 3.66
N GLY A 50 -16.52 6.27 4.08
CA GLY A 50 -17.67 6.67 3.31
C GLY A 50 -18.35 7.90 3.87
N PRO A 51 -19.66 8.04 3.60
CA PRO A 51 -20.45 9.16 4.08
C PRO A 51 -20.83 9.03 5.55
N ASP A 52 -21.30 7.85 5.93
CA ASP A 52 -21.69 7.59 7.31
C ASP A 52 -20.61 6.81 8.05
N GLY A 53 -19.44 7.42 8.18
CA GLY A 53 -18.34 6.77 8.87
C GLY A 53 -18.27 5.28 8.57
N SER A 54 -18.40 4.93 7.29
CA SER A 54 -18.36 3.54 6.87
C SER A 54 -17.06 3.24 6.11
N SER A 55 -16.10 2.66 6.82
CA SER A 55 -14.81 2.32 6.23
C SER A 55 -15.00 1.63 4.88
N LYS A 56 -14.17 1.99 3.91
CA LYS A 56 -14.23 1.41 2.58
C LYS A 56 -13.27 0.24 2.44
N GLY A 57 -12.53 -0.04 3.51
CA GLY A 57 -11.58 -1.14 3.50
C GLY A 57 -10.30 -0.78 2.76
N CYS A 58 -10.14 0.50 2.45
CA CYS A 58 -8.96 0.97 1.75
C CYS A 58 -8.31 2.15 2.48
N ALA A 59 -6.98 2.25 2.39
CA ALA A 59 -6.26 3.32 3.04
C ALA A 59 -4.95 3.63 2.31
N PHE A 60 -4.34 4.76 2.63
CA PHE A 60 -3.09 5.17 2.01
C PHE A 60 -1.99 5.34 3.04
N VAL A 61 -0.81 4.83 2.72
CA VAL A 61 0.34 4.93 3.62
C VAL A 61 1.58 5.45 2.90
N LYS A 62 2.14 6.53 3.42
CA LYS A 62 3.33 7.13 2.83
C LYS A 62 4.56 6.87 3.69
N PHE A 63 5.63 6.38 3.07
CA PHE A 63 6.86 6.10 3.78
C PHE A 63 7.91 7.17 3.51
N SER A 64 8.99 7.15 4.29
CA SER A 64 10.06 8.13 4.14
C SER A 64 10.76 7.96 2.79
N SER A 65 10.82 6.72 2.32
CA SER A 65 11.47 6.43 1.04
C SER A 65 10.71 5.32 0.30
N HIS A 66 11.16 5.03 -0.92
CA HIS A 66 10.53 4.00 -1.74
C HIS A 66 10.84 2.61 -1.19
N THR A 67 12.12 2.35 -0.93
CA THR A 67 12.55 1.06 -0.40
C THR A 67 11.61 0.59 0.71
N GLU A 68 11.53 1.36 1.79
CA GLU A 68 10.68 1.01 2.91
C GLU A 68 9.34 0.47 2.44
N ALA A 69 8.69 1.21 1.55
CA ALA A 69 7.39 0.80 1.00
C ALA A 69 7.49 -0.59 0.37
N GLN A 70 8.37 -0.73 -0.62
CA GLN A 70 8.55 -2.00 -1.31
C GLN A 70 8.47 -3.16 -0.34
N ALA A 71 9.19 -3.05 0.78
CA ALA A 71 9.20 -4.09 1.79
C ALA A 71 7.80 -4.31 2.37
N ALA A 72 7.30 -3.31 3.09
CA ALA A 72 5.98 -3.39 3.70
C ALA A 72 5.01 -4.14 2.79
N ILE A 73 5.06 -3.83 1.50
CA ILE A 73 4.18 -4.47 0.53
C ILE A 73 4.34 -5.98 0.56
N HIS A 74 5.46 -6.46 0.01
CA HIS A 74 5.74 -7.90 -0.04
C HIS A 74 5.73 -8.49 1.37
N ALA A 75 5.74 -7.62 2.38
CA ALA A 75 5.73 -8.06 3.76
C ALA A 75 4.31 -8.27 4.27
N LEU A 76 3.39 -7.41 3.81
CA LEU A 76 2.00 -7.50 4.21
C LEU A 76 1.08 -7.57 2.99
N HIS A 77 1.62 -8.08 1.87
CA HIS A 77 0.86 -8.20 0.65
C HIS A 77 0.07 -9.51 0.61
N GLY A 78 -1.25 -9.42 0.49
CA GLY A 78 -2.08 -10.60 0.46
C GLY A 78 -1.54 -11.71 1.34
N SER A 79 -0.90 -11.34 2.44
CA SER A 79 -0.33 -12.32 3.36
C SER A 79 -1.24 -12.53 4.56
N GLN A 80 -1.84 -11.45 5.04
CA GLN A 80 -2.74 -11.52 6.18
C GLN A 80 -4.20 -11.50 5.74
N THR A 81 -5.09 -11.96 6.62
CA THR A 81 -6.51 -12.00 6.31
C THR A 81 -7.33 -11.38 7.44
N MET A 82 -7.52 -10.07 7.39
CA MET A 82 -8.29 -9.36 8.40
C MET A 82 -9.51 -10.18 8.82
N PRO A 83 -9.98 -9.93 10.06
CA PRO A 83 -11.15 -10.64 10.61
C PRO A 83 -12.45 -10.25 9.90
N GLY A 84 -13.13 -11.26 9.36
CA GLY A 84 -14.38 -11.01 8.67
C GLY A 84 -14.27 -11.26 7.17
N ALA A 85 -13.19 -10.80 6.57
CA ALA A 85 -12.97 -10.99 5.14
C ALA A 85 -12.37 -12.36 4.85
N SER A 86 -12.63 -12.87 3.65
CA SER A 86 -12.13 -14.18 3.25
C SER A 86 -10.87 -14.03 2.39
N SER A 87 -10.59 -12.81 1.95
CA SER A 87 -9.42 -12.53 1.13
C SER A 87 -8.30 -11.94 1.97
N SER A 88 -7.09 -11.94 1.41
CA SER A 88 -5.94 -11.39 2.10
C SER A 88 -5.79 -9.89 1.85
N LEU A 89 -5.04 -9.22 2.71
CA LEU A 89 -4.82 -7.78 2.57
C LEU A 89 -4.25 -7.44 1.21
N VAL A 90 -4.69 -6.33 0.64
CA VAL A 90 -4.21 -5.88 -0.66
C VAL A 90 -3.35 -4.62 -0.53
N VAL A 91 -2.05 -4.79 -0.71
CA VAL A 91 -1.12 -3.67 -0.61
C VAL A 91 -0.39 -3.44 -1.94
N LYS A 92 -0.66 -2.30 -2.56
CA LYS A 92 -0.03 -1.95 -3.83
C LYS A 92 0.17 -0.46 -3.96
N PHE A 93 1.14 -0.05 -4.78
CA PHE A 93 1.42 1.37 -4.98
C PHE A 93 0.18 2.11 -5.45
N ALA A 94 0.10 3.39 -5.11
CA ALA A 94 -1.04 4.22 -5.50
C ALA A 94 -0.95 4.60 -6.97
N ASP A 95 -2.08 4.51 -7.67
CA ASP A 95 -2.13 4.85 -9.08
C ASP A 95 -1.27 6.06 -9.38
N THR A 96 -0.81 6.16 -10.63
CA THR A 96 0.03 7.28 -11.04
C THR A 96 -0.42 7.84 -12.39
N ASP A 97 -0.19 9.13 -12.59
CA ASP A 97 -0.56 9.78 -13.84
C ASP A 97 0.66 10.01 -14.73
N LYS A 98 0.53 9.68 -16.01
CA LYS A 98 1.62 9.85 -16.95
C LYS A 98 1.34 11.02 -17.90
N GLU A 99 2.38 11.81 -18.17
CA GLU A 99 2.24 12.96 -19.05
C GLU A 99 3.16 12.82 -20.27
N SER A 100 4.39 12.38 -20.03
CA SER A 100 5.35 12.21 -21.10
C SER A 100 4.88 11.17 -22.10
N GLY A 101 3.89 10.36 -21.69
CA GLY A 101 3.37 9.33 -22.57
C GLY A 101 4.36 8.21 -22.79
N PRO A 102 3.83 7.01 -23.10
CA PRO A 102 4.66 5.83 -23.35
C PRO A 102 5.30 5.85 -24.74
N SER A 103 6.55 5.40 -24.82
CA SER A 103 7.28 5.38 -26.08
C SER A 103 6.67 4.35 -27.03
N SER A 104 5.71 4.80 -27.85
CA SER A 104 5.06 3.92 -28.80
C SER A 104 5.95 3.65 -30.01
N GLY A 105 5.52 2.75 -30.88
CA GLY A 105 6.28 2.43 -32.06
C GLY A 105 6.44 0.93 -32.25
N GLY A 1 -2.90 -21.71 -10.74
CA GLY A 1 -2.38 -21.27 -12.02
C GLY A 1 -1.61 -19.97 -11.93
N SER A 2 -0.52 -19.86 -12.69
CA SER A 2 0.31 -18.66 -12.67
C SER A 2 -0.40 -17.51 -13.37
N SER A 3 -0.77 -16.49 -12.59
CA SER A 3 -1.46 -15.32 -13.13
C SER A 3 -1.11 -14.07 -12.35
N GLY A 4 -0.94 -12.95 -13.06
CA GLY A 4 -0.60 -11.70 -12.41
C GLY A 4 0.90 -11.45 -12.38
N SER A 5 1.47 -11.20 -13.55
CA SER A 5 2.91 -10.94 -13.66
C SER A 5 3.22 -9.48 -13.38
N SER A 6 2.55 -8.90 -12.39
CA SER A 6 2.75 -7.51 -12.02
C SER A 6 3.05 -7.36 -10.53
N GLY A 7 3.72 -6.27 -10.17
CA GLY A 7 4.05 -6.04 -8.78
C GLY A 7 4.66 -4.68 -8.55
N SER A 8 5.94 -4.53 -8.89
CA SER A 8 6.64 -3.27 -8.71
C SER A 8 7.00 -2.66 -10.07
N GLU A 9 6.01 -2.49 -10.92
CA GLU A 9 6.22 -1.91 -12.24
C GLU A 9 6.05 -0.39 -12.22
N SER A 10 6.72 0.25 -11.26
CA SER A 10 6.63 1.70 -11.12
C SER A 10 7.85 2.37 -11.74
N ARG A 11 7.67 2.95 -12.92
CA ARG A 11 8.75 3.62 -13.62
C ARG A 11 8.31 5.00 -14.12
N GLY A 12 9.25 5.94 -14.20
CA GLY A 12 8.92 7.27 -14.66
C GLY A 12 8.85 8.28 -13.53
N GLY A 13 9.88 8.29 -12.68
CA GLY A 13 9.91 9.22 -11.56
C GLY A 13 10.09 8.51 -10.24
N ARG A 14 9.22 8.85 -9.27
CA ARG A 14 9.31 8.23 -7.94
C ARG A 14 7.91 8.16 -7.31
N ASP A 15 7.83 7.46 -6.18
CA ASP A 15 6.55 7.31 -5.48
C ASP A 15 6.79 6.80 -4.05
N ARG A 16 6.20 7.48 -3.09
CA ARG A 16 6.34 7.10 -1.69
C ARG A 16 4.97 6.91 -1.04
N LYS A 17 4.03 6.36 -1.81
CA LYS A 17 2.68 6.12 -1.30
C LYS A 17 2.26 4.68 -1.54
N LEU A 18 1.51 4.12 -0.61
CA LEU A 18 1.03 2.74 -0.73
C LEU A 18 -0.49 2.67 -0.60
N PHE A 19 -1.09 1.75 -1.35
CA PHE A 19 -2.55 1.59 -1.31
C PHE A 19 -2.93 0.24 -0.69
N VAL A 20 -3.59 0.30 0.46
CA VAL A 20 -4.00 -0.91 1.16
C VAL A 20 -5.51 -1.16 0.98
N GLY A 21 -5.89 -2.43 0.91
CA GLY A 21 -7.28 -2.78 0.75
C GLY A 21 -7.67 -4.00 1.55
N MET A 22 -8.90 -4.47 1.35
CA MET A 22 -9.40 -5.64 2.06
C MET A 22 -9.29 -5.45 3.57
N LEU A 23 -9.64 -4.25 4.03
CA LEU A 23 -9.58 -3.94 5.45
C LEU A 23 -10.97 -3.97 6.08
N ASN A 24 -11.02 -4.21 7.38
CA ASN A 24 -12.29 -4.26 8.10
C ASN A 24 -12.56 -2.93 8.80
N LYS A 25 -13.80 -2.75 9.24
CA LYS A 25 -14.20 -1.52 9.93
C LYS A 25 -13.82 -1.59 11.42
N GLN A 26 -12.65 -2.14 11.69
CA GLN A 26 -12.18 -2.27 13.07
C GLN A 26 -10.77 -1.71 13.21
N GLN A 27 -9.93 -1.95 12.21
CA GLN A 27 -8.55 -1.46 12.22
C GLN A 27 -8.51 0.05 12.08
N SER A 28 -7.47 0.66 12.64
CA SER A 28 -7.32 2.12 12.58
C SER A 28 -5.92 2.49 12.08
N GLU A 29 -5.69 3.79 11.91
CA GLU A 29 -4.40 4.27 11.43
C GLU A 29 -3.26 3.77 12.31
N GLU A 30 -3.46 3.83 13.62
CA GLU A 30 -2.45 3.38 14.57
C GLU A 30 -2.07 1.92 14.31
N ASP A 31 -3.07 1.07 14.16
CA ASP A 31 -2.84 -0.35 13.90
C ASP A 31 -1.83 -0.53 12.77
N VAL A 32 -2.24 -0.18 11.56
CA VAL A 32 -1.38 -0.32 10.39
C VAL A 32 -0.01 0.31 10.64
N LEU A 33 -0.02 1.62 10.94
CA LEU A 33 1.22 2.34 11.21
C LEU A 33 2.11 1.57 12.18
N ARG A 34 1.48 0.95 13.17
CA ARG A 34 2.21 0.18 14.17
C ARG A 34 2.80 -1.09 13.56
N LEU A 35 2.02 -1.73 12.68
CA LEU A 35 2.47 -2.96 12.03
C LEU A 35 3.31 -2.64 10.79
N PHE A 36 3.34 -1.36 10.42
CA PHE A 36 4.11 -0.93 9.26
C PHE A 36 5.44 -0.31 9.69
N GLN A 37 5.42 0.42 10.79
CA GLN A 37 6.62 1.06 11.31
C GLN A 37 7.80 0.09 11.32
N PRO A 38 7.56 -1.13 11.84
CA PRO A 38 8.57 -2.17 11.91
C PRO A 38 9.33 -2.35 10.60
N PHE A 39 8.76 -1.83 9.52
CA PHE A 39 9.38 -1.93 8.20
C PHE A 39 10.09 -0.63 7.84
N GLY A 40 9.53 0.49 8.30
CA GLY A 40 10.13 1.78 8.01
C GLY A 40 9.40 2.92 8.70
N VAL A 41 10.05 4.08 8.76
CA VAL A 41 9.46 5.25 9.39
C VAL A 41 8.41 5.89 8.50
N ILE A 42 7.14 5.66 8.82
CA ILE A 42 6.04 6.22 8.04
C ILE A 42 5.91 7.72 8.28
N ASP A 43 5.75 8.47 7.18
CA ASP A 43 5.61 9.92 7.28
C ASP A 43 4.18 10.31 7.62
N GLU A 44 3.24 9.97 6.73
CA GLU A 44 1.84 10.28 6.94
C GLU A 44 0.95 9.15 6.45
N CYS A 45 -0.09 8.86 7.20
CA CYS A 45 -1.02 7.79 6.85
C CYS A 45 -2.47 8.25 7.01
N THR A 46 -3.32 7.83 6.07
CA THR A 46 -4.74 8.21 6.11
C THR A 46 -5.61 7.09 5.56
N VAL A 47 -6.75 6.86 6.21
CA VAL A 47 -7.67 5.82 5.78
C VAL A 47 -8.90 6.42 5.10
N LEU A 48 -9.31 5.82 3.99
CA LEU A 48 -10.47 6.29 3.25
C LEU A 48 -11.77 5.99 4.00
N ARG A 49 -12.68 6.96 4.00
CA ARG A 49 -13.96 6.80 4.69
C ARG A 49 -15.04 7.64 4.02
N GLY A 50 -16.25 7.09 3.93
CA GLY A 50 -17.35 7.81 3.32
C GLY A 50 -17.80 9.00 4.14
N PRO A 51 -18.49 9.94 3.49
CA PRO A 51 -18.99 11.15 4.16
C PRO A 51 -19.67 10.84 5.49
N ASP A 52 -20.35 9.70 5.56
CA ASP A 52 -21.04 9.28 6.77
C ASP A 52 -20.04 8.83 7.83
N GLY A 53 -19.00 8.13 7.39
CA GLY A 53 -18.00 7.64 8.31
C GLY A 53 -17.85 6.13 8.28
N SER A 54 -17.92 5.56 7.08
CA SER A 54 -17.81 4.11 6.91
C SER A 54 -16.57 3.76 6.09
N SER A 55 -15.60 3.13 6.74
CA SER A 55 -14.37 2.73 6.08
C SER A 55 -14.65 1.86 4.86
N LYS A 56 -14.04 2.21 3.73
CA LYS A 56 -14.24 1.46 2.50
C LYS A 56 -13.20 0.35 2.37
N GLY A 57 -12.70 -0.13 3.50
CA GLY A 57 -11.72 -1.19 3.49
C GLY A 57 -10.50 -0.84 2.66
N CYS A 58 -10.07 0.42 2.74
CA CYS A 58 -8.92 0.88 1.98
C CYS A 58 -8.28 2.10 2.65
N ALA A 59 -6.97 2.24 2.48
CA ALA A 59 -6.26 3.37 3.06
C ALA A 59 -4.92 3.59 2.35
N PHE A 60 -4.31 4.74 2.61
CA PHE A 60 -3.03 5.08 1.98
C PHE A 60 -1.95 5.29 3.05
N VAL A 61 -0.77 4.74 2.80
CA VAL A 61 0.35 4.86 3.73
C VAL A 61 1.59 5.39 3.03
N LYS A 62 2.14 6.47 3.56
CA LYS A 62 3.34 7.08 2.98
C LYS A 62 4.57 6.79 3.84
N PHE A 63 5.63 6.32 3.21
CA PHE A 63 6.86 6.01 3.92
C PHE A 63 7.94 7.05 3.64
N SER A 64 8.92 7.14 4.54
CA SER A 64 10.00 8.10 4.39
C SER A 64 10.67 7.99 3.01
N SER A 65 10.90 6.74 2.58
CA SER A 65 11.52 6.50 1.29
C SER A 65 10.70 5.51 0.47
N HIS A 66 11.09 5.31 -0.78
CA HIS A 66 10.39 4.39 -1.67
C HIS A 66 10.64 2.94 -1.25
N THR A 67 11.90 2.59 -1.06
CA THR A 67 12.28 1.23 -0.66
C THR A 67 11.41 0.75 0.49
N GLU A 68 11.53 1.42 1.64
CA GLU A 68 10.76 1.05 2.81
C GLU A 68 9.34 0.67 2.44
N ALA A 69 8.76 1.40 1.49
CA ALA A 69 7.40 1.14 1.04
C ALA A 69 7.30 -0.24 0.40
N GLN A 70 7.97 -0.42 -0.73
CA GLN A 70 7.94 -1.70 -1.44
C GLN A 70 8.09 -2.86 -0.46
N ALA A 71 8.91 -2.67 0.57
CA ALA A 71 9.12 -3.70 1.57
C ALA A 71 7.82 -4.05 2.30
N ALA A 72 7.26 -3.07 2.99
CA ALA A 72 6.01 -3.26 3.72
C ALA A 72 4.99 -4.00 2.88
N ILE A 73 5.00 -3.73 1.58
CA ILE A 73 4.06 -4.39 0.66
C ILE A 73 4.23 -5.90 0.67
N HIS A 74 5.34 -6.37 0.09
CA HIS A 74 5.63 -7.79 0.04
C HIS A 74 5.62 -8.41 1.44
N ALA A 75 5.74 -7.55 2.45
CA ALA A 75 5.75 -8.01 3.84
C ALA A 75 4.33 -8.28 4.33
N LEU A 76 3.38 -7.46 3.89
CA LEU A 76 1.98 -7.61 4.28
C LEU A 76 1.08 -7.66 3.06
N HIS A 77 1.62 -8.15 1.95
CA HIS A 77 0.87 -8.26 0.70
C HIS A 77 0.07 -9.56 0.67
N GLY A 78 -1.24 -9.45 0.55
CA GLY A 78 -2.10 -10.63 0.51
C GLY A 78 -1.56 -11.76 1.36
N SER A 79 -0.93 -11.41 2.47
CA SER A 79 -0.36 -12.41 3.37
C SER A 79 -1.28 -12.65 4.57
N GLN A 80 -1.88 -11.58 5.07
CA GLN A 80 -2.79 -11.68 6.21
C GLN A 80 -4.24 -11.66 5.75
N THR A 81 -5.12 -12.28 6.54
CA THR A 81 -6.53 -12.33 6.22
C THR A 81 -7.38 -11.74 7.34
N MET A 82 -7.56 -10.42 7.30
CA MET A 82 -8.35 -9.74 8.32
C MET A 82 -9.55 -10.58 8.74
N PRO A 83 -10.03 -10.34 9.97
CA PRO A 83 -11.18 -11.06 10.52
C PRO A 83 -12.48 -10.71 9.81
N GLY A 84 -13.20 -11.74 9.37
CA GLY A 84 -14.46 -11.52 8.68
C GLY A 84 -14.34 -11.70 7.18
N ALA A 85 -13.24 -11.23 6.61
CA ALA A 85 -13.01 -11.34 5.18
C ALA A 85 -12.37 -12.69 4.83
N SER A 86 -12.58 -13.13 3.59
CA SER A 86 -12.05 -14.41 3.13
C SER A 86 -10.77 -14.19 2.31
N SER A 87 -10.55 -12.94 1.89
CA SER A 87 -9.39 -12.61 1.09
C SER A 87 -8.30 -11.97 1.96
N SER A 88 -7.07 -11.97 1.45
CA SER A 88 -5.94 -11.40 2.18
C SER A 88 -5.80 -9.91 1.88
N LEU A 89 -5.13 -9.19 2.77
CA LEU A 89 -4.92 -7.76 2.59
C LEU A 89 -4.31 -7.46 1.23
N VAL A 90 -4.75 -6.36 0.62
CA VAL A 90 -4.25 -5.96 -0.69
C VAL A 90 -3.39 -4.70 -0.59
N VAL A 91 -2.09 -4.86 -0.76
CA VAL A 91 -1.16 -3.75 -0.69
C VAL A 91 -0.43 -3.55 -2.01
N LYS A 92 -0.52 -2.34 -2.57
CA LYS A 92 0.13 -2.02 -3.82
C LYS A 92 0.31 -0.52 -3.98
N PHE A 93 1.38 -0.12 -4.66
CA PHE A 93 1.66 1.29 -4.88
C PHE A 93 0.49 2.00 -5.54
N ALA A 94 0.33 3.28 -5.25
CA ALA A 94 -0.75 4.08 -5.81
C ALA A 94 -0.40 4.60 -7.19
N ASP A 95 -1.41 4.86 -8.01
CA ASP A 95 -1.21 5.37 -9.36
C ASP A 95 -0.12 6.43 -9.38
N THR A 96 0.94 6.18 -10.13
CA THR A 96 2.05 7.13 -10.24
C THR A 96 1.68 8.31 -11.13
N ASP A 97 0.90 8.03 -12.16
CA ASP A 97 0.48 9.08 -13.10
C ASP A 97 -0.54 8.53 -14.09
N LYS A 98 -1.05 9.41 -14.95
CA LYS A 98 -2.03 9.02 -15.96
C LYS A 98 -1.35 8.43 -17.18
N GLU A 99 -0.42 9.18 -17.77
CA GLU A 99 0.30 8.72 -18.95
C GLU A 99 1.80 8.88 -18.76
N SER A 100 2.47 7.79 -18.41
CA SER A 100 3.92 7.82 -18.19
C SER A 100 4.63 8.54 -19.33
N GLY A 101 4.40 8.08 -20.55
CA GLY A 101 5.02 8.69 -21.72
C GLY A 101 4.00 9.25 -22.69
N PRO A 102 4.36 10.36 -23.35
CA PRO A 102 3.48 11.02 -24.32
C PRO A 102 3.47 10.30 -25.67
N SER A 103 4.24 9.22 -25.77
CA SER A 103 4.33 8.45 -26.99
C SER A 103 2.94 8.04 -27.48
N SER A 104 2.87 7.51 -28.69
CA SER A 104 1.60 7.09 -29.28
C SER A 104 1.26 5.66 -28.84
N GLY A 105 2.23 4.76 -29.00
CA GLY A 105 2.00 3.37 -28.63
C GLY A 105 1.99 2.45 -29.82
N GLY A 1 4.07 -22.85 -9.19
CA GLY A 1 2.78 -22.22 -9.40
C GLY A 1 2.82 -21.16 -10.48
N SER A 2 1.70 -20.48 -10.68
CA SER A 2 1.61 -19.44 -11.70
C SER A 2 2.35 -18.18 -11.25
N SER A 3 2.48 -17.22 -12.16
CA SER A 3 3.17 -15.97 -11.87
C SER A 3 2.18 -14.87 -11.52
N GLY A 4 2.56 -14.00 -10.60
CA GLY A 4 1.70 -12.91 -10.19
C GLY A 4 2.46 -11.62 -9.95
N SER A 5 3.31 -11.24 -10.90
CA SER A 5 4.11 -10.03 -10.78
C SER A 5 3.26 -8.79 -11.08
N SER A 6 2.72 -8.18 -10.03
CA SER A 6 1.90 -6.99 -10.19
C SER A 6 2.46 -6.07 -11.26
N GLY A 7 1.59 -5.28 -11.90
CA GLY A 7 2.03 -4.37 -12.93
C GLY A 7 2.90 -3.26 -12.38
N SER A 8 3.31 -2.35 -13.27
CA SER A 8 4.17 -1.24 -12.87
C SER A 8 5.43 -1.74 -12.18
N GLU A 9 6.06 -2.76 -12.75
CA GLU A 9 7.27 -3.34 -12.18
C GLU A 9 8.51 -2.68 -12.79
N SER A 10 8.49 -2.48 -14.11
CA SER A 10 9.60 -1.86 -14.80
C SER A 10 9.27 -0.43 -15.21
N ARG A 11 10.25 0.47 -15.09
CA ARG A 11 10.05 1.87 -15.44
C ARG A 11 8.69 2.36 -14.99
N GLY A 12 8.27 1.92 -13.81
CA GLY A 12 6.98 2.33 -13.27
C GLY A 12 6.98 3.76 -12.79
N GLY A 13 8.04 4.15 -12.07
CA GLY A 13 8.13 5.50 -11.56
C GLY A 13 8.66 5.56 -10.14
N ARG A 14 8.44 6.69 -9.48
CA ARG A 14 8.90 6.85 -8.11
C ARG A 14 7.79 7.44 -7.23
N ASP A 15 7.38 6.69 -6.22
CA ASP A 15 6.33 7.12 -5.31
C ASP A 15 6.53 6.54 -3.92
N ARG A 16 6.52 7.40 -2.91
CA ARG A 16 6.70 6.97 -1.53
C ARG A 16 5.36 6.75 -0.84
N LYS A 17 4.38 6.32 -1.61
CA LYS A 17 3.04 6.07 -1.08
C LYS A 17 2.58 4.65 -1.41
N LEU A 18 1.63 4.16 -0.62
CA LEU A 18 1.10 2.81 -0.82
C LEU A 18 -0.41 2.79 -0.60
N PHE A 19 -1.09 1.87 -1.30
CA PHE A 19 -2.54 1.74 -1.17
C PHE A 19 -2.91 0.37 -0.63
N VAL A 20 -3.54 0.36 0.54
CA VAL A 20 -3.96 -0.88 1.18
C VAL A 20 -5.46 -1.10 1.03
N GLY A 21 -5.86 -2.36 0.93
CA GLY A 21 -7.27 -2.69 0.78
C GLY A 21 -7.67 -3.90 1.60
N MET A 22 -8.89 -4.38 1.37
CA MET A 22 -9.39 -5.55 2.08
C MET A 22 -9.23 -5.36 3.59
N LEU A 23 -9.71 -4.23 4.11
CA LEU A 23 -9.61 -3.94 5.52
C LEU A 23 -10.99 -3.95 6.18
N ASN A 24 -11.02 -4.21 7.48
CA ASN A 24 -12.28 -4.25 8.22
C ASN A 24 -12.54 -2.92 8.92
N LYS A 25 -13.78 -2.72 9.37
CA LYS A 25 -14.16 -1.50 10.05
C LYS A 25 -13.78 -1.56 11.53
N GLN A 26 -12.60 -2.09 11.81
CA GLN A 26 -12.11 -2.20 13.18
C GLN A 26 -10.70 -1.63 13.30
N GLN A 27 -9.87 -1.90 12.30
CA GLN A 27 -8.49 -1.40 12.30
C GLN A 27 -8.45 0.10 12.12
N SER A 28 -7.50 0.75 12.78
CA SER A 28 -7.35 2.19 12.69
C SER A 28 -5.95 2.58 12.20
N GLU A 29 -5.76 3.86 11.91
CA GLU A 29 -4.47 4.35 11.43
C GLU A 29 -3.34 3.84 12.31
N GLU A 30 -3.50 3.97 13.62
CA GLU A 30 -2.48 3.53 14.57
C GLU A 30 -2.09 2.08 14.30
N ASP A 31 -3.09 1.21 14.21
CA ASP A 31 -2.85 -0.21 13.95
C ASP A 31 -1.85 -0.39 12.81
N VAL A 32 -2.27 -0.02 11.61
CA VAL A 32 -1.42 -0.14 10.43
C VAL A 32 -0.03 0.45 10.69
N LEU A 33 0.01 1.75 10.96
CA LEU A 33 1.27 2.44 11.23
C LEU A 33 2.12 1.64 12.21
N ARG A 34 1.47 1.03 13.19
CA ARG A 34 2.17 0.24 14.19
C ARG A 34 2.73 -1.04 13.58
N LEU A 35 1.94 -1.66 12.71
CA LEU A 35 2.36 -2.90 12.05
C LEU A 35 3.22 -2.60 10.83
N PHE A 36 3.28 -1.34 10.45
CA PHE A 36 4.08 -0.92 9.30
C PHE A 36 5.42 -0.34 9.75
N GLN A 37 5.41 0.37 10.87
CA GLN A 37 6.61 0.98 11.40
C GLN A 37 7.78 -0.01 11.40
N PRO A 38 7.51 -1.23 11.89
CA PRO A 38 8.52 -2.30 11.95
C PRO A 38 9.26 -2.46 10.64
N PHE A 39 8.71 -1.92 9.57
CA PHE A 39 9.33 -2.00 8.25
C PHE A 39 10.04 -0.69 7.90
N GLY A 40 9.34 0.42 8.11
CA GLY A 40 9.92 1.72 7.80
C GLY A 40 9.21 2.85 8.54
N VAL A 41 9.84 4.02 8.55
CA VAL A 41 9.27 5.19 9.21
C VAL A 41 8.21 5.86 8.34
N ILE A 42 6.95 5.60 8.65
CA ILE A 42 5.85 6.19 7.90
C ILE A 42 5.70 7.68 8.20
N ASP A 43 5.59 8.48 7.16
CA ASP A 43 5.44 9.92 7.31
C ASP A 43 3.99 10.29 7.60
N GLU A 44 3.11 10.02 6.64
CA GLU A 44 1.70 10.32 6.78
C GLU A 44 0.85 9.12 6.41
N CYS A 45 -0.23 8.90 7.17
CA CYS A 45 -1.13 7.78 6.91
C CYS A 45 -2.58 8.23 6.97
N THR A 46 -3.36 7.84 5.96
CA THR A 46 -4.76 8.21 5.88
C THR A 46 -5.62 7.02 5.46
N VAL A 47 -6.77 6.87 6.11
CA VAL A 47 -7.68 5.77 5.80
C VAL A 47 -8.93 6.28 5.09
N LEU A 48 -9.32 5.57 4.03
CA LEU A 48 -10.51 5.95 3.26
C LEU A 48 -11.78 5.77 4.08
N ARG A 49 -12.77 6.63 3.85
CA ARG A 49 -14.03 6.56 4.57
C ARG A 49 -15.14 7.25 3.77
N GLY A 50 -16.37 6.75 3.92
CA GLY A 50 -17.49 7.33 3.22
C GLY A 50 -18.11 8.48 3.98
N PRO A 51 -18.99 9.24 3.29
CA PRO A 51 -19.66 10.40 3.89
C PRO A 51 -20.22 10.10 5.28
N ASP A 52 -20.74 8.89 5.45
CA ASP A 52 -21.30 8.47 6.73
C ASP A 52 -20.32 7.57 7.49
N GLY A 53 -19.04 7.95 7.46
CA GLY A 53 -18.03 7.16 8.14
C GLY A 53 -18.13 5.68 7.82
N SER A 54 -18.04 5.34 6.55
CA SER A 54 -18.12 3.95 6.11
C SER A 54 -16.80 3.49 5.51
N SER A 55 -15.91 2.98 6.35
CA SER A 55 -14.61 2.50 5.90
C SER A 55 -14.73 1.72 4.59
N LYS A 56 -14.04 2.19 3.56
CA LYS A 56 -14.08 1.53 2.26
C LYS A 56 -13.15 0.32 2.24
N GLY A 57 -12.65 -0.06 3.41
CA GLY A 57 -11.77 -1.20 3.50
C GLY A 57 -10.44 -0.96 2.83
N CYS A 58 -10.08 0.30 2.64
CA CYS A 58 -8.83 0.67 1.99
C CYS A 58 -8.23 1.93 2.63
N ALA A 59 -6.96 2.17 2.36
CA ALA A 59 -6.27 3.33 2.90
C ALA A 59 -4.97 3.61 2.15
N PHE A 60 -4.36 4.74 2.44
CA PHE A 60 -3.11 5.12 1.78
C PHE A 60 -2.02 5.40 2.82
N VAL A 61 -0.91 4.67 2.72
CA VAL A 61 0.21 4.83 3.64
C VAL A 61 1.44 5.36 2.93
N LYS A 62 2.04 6.39 3.50
CA LYS A 62 3.25 7.00 2.92
C LYS A 62 4.47 6.71 3.77
N PHE A 63 5.53 6.21 3.14
CA PHE A 63 6.77 5.90 3.84
C PHE A 63 7.82 6.99 3.60
N SER A 64 8.87 6.97 4.42
CA SER A 64 9.94 7.96 4.32
C SER A 64 10.71 7.76 3.02
N SER A 65 10.94 6.51 2.64
CA SER A 65 11.67 6.19 1.43
C SER A 65 10.94 5.13 0.62
N HIS A 66 11.04 5.23 -0.70
CA HIS A 66 10.39 4.28 -1.60
C HIS A 66 10.71 2.85 -1.19
N THR A 67 11.99 2.56 -1.00
CA THR A 67 12.42 1.22 -0.62
C THR A 67 11.61 0.70 0.55
N GLU A 68 11.55 1.48 1.63
CA GLU A 68 10.80 1.10 2.82
C GLU A 68 9.43 0.55 2.44
N ALA A 69 8.70 1.30 1.62
CA ALA A 69 7.37 0.89 1.18
C ALA A 69 7.42 -0.43 0.44
N GLN A 70 8.35 -0.54 -0.51
CA GLN A 70 8.50 -1.77 -1.30
C GLN A 70 8.49 -3.00 -0.40
N ALA A 71 9.21 -2.91 0.72
CA ALA A 71 9.29 -4.01 1.67
C ALA A 71 7.93 -4.27 2.32
N ALA A 72 7.41 -3.26 3.00
CA ALA A 72 6.12 -3.37 3.67
C ALA A 72 5.10 -4.07 2.78
N ILE A 73 5.17 -3.80 1.48
CA ILE A 73 4.25 -4.41 0.53
C ILE A 73 4.39 -5.93 0.52
N HIS A 74 5.48 -6.41 -0.08
CA HIS A 74 5.74 -7.84 -0.14
C HIS A 74 5.76 -8.47 1.24
N ALA A 75 5.80 -7.61 2.27
CA ALA A 75 5.83 -8.08 3.65
C ALA A 75 4.41 -8.35 4.16
N LEU A 76 3.48 -7.48 3.80
CA LEU A 76 2.09 -7.61 4.23
C LEU A 76 1.17 -7.71 3.02
N HIS A 77 1.73 -8.07 1.88
CA HIS A 77 0.95 -8.21 0.65
C HIS A 77 0.23 -9.56 0.62
N GLY A 78 -1.09 -9.52 0.44
CA GLY A 78 -1.87 -10.73 0.39
C GLY A 78 -1.33 -11.80 1.31
N SER A 79 -0.74 -11.38 2.43
CA SER A 79 -0.17 -12.32 3.40
C SER A 79 -1.12 -12.53 4.57
N GLN A 80 -1.76 -11.45 5.01
CA GLN A 80 -2.69 -11.51 6.13
C GLN A 80 -4.14 -11.54 5.63
N THR A 81 -5.04 -12.00 6.49
CA THR A 81 -6.45 -12.08 6.15
C THR A 81 -7.33 -11.54 7.27
N MET A 82 -7.56 -10.23 7.27
CA MET A 82 -8.38 -9.60 8.29
C MET A 82 -9.54 -10.51 8.70
N PRO A 83 -10.03 -10.32 9.93
CA PRO A 83 -11.15 -11.11 10.46
C PRO A 83 -12.46 -10.79 9.77
N GLY A 84 -13.15 -11.84 9.31
CA GLY A 84 -14.42 -11.65 8.64
C GLY A 84 -14.30 -11.77 7.13
N ALA A 85 -13.22 -11.25 6.59
CA ALA A 85 -12.98 -11.29 5.15
C ALA A 85 -12.32 -12.60 4.74
N SER A 86 -12.64 -13.08 3.55
CA SER A 86 -12.07 -14.33 3.05
C SER A 86 -10.84 -14.07 2.20
N SER A 87 -10.62 -12.80 1.86
CA SER A 87 -9.47 -12.41 1.05
C SER A 87 -8.37 -11.83 1.93
N SER A 88 -7.13 -11.85 1.41
CA SER A 88 -5.99 -11.34 2.15
C SER A 88 -5.85 -9.83 1.95
N LEU A 89 -4.98 -9.21 2.74
CA LEU A 89 -4.74 -7.78 2.65
C LEU A 89 -4.11 -7.41 1.32
N VAL A 90 -4.71 -6.44 0.62
CA VAL A 90 -4.21 -6.00 -0.67
C VAL A 90 -3.37 -4.74 -0.52
N VAL A 91 -2.07 -4.85 -0.80
CA VAL A 91 -1.16 -3.72 -0.70
C VAL A 91 -0.45 -3.47 -2.03
N LYS A 92 -0.57 -2.25 -2.54
CA LYS A 92 0.06 -1.88 -3.79
C LYS A 92 0.13 -0.37 -3.94
N PHE A 93 1.17 0.11 -4.62
CA PHE A 93 1.36 1.54 -4.83
C PHE A 93 0.08 2.20 -5.32
N ALA A 94 -0.19 3.40 -4.83
CA ALA A 94 -1.39 4.14 -5.21
C ALA A 94 -1.38 4.46 -6.70
N ASP A 95 -2.54 4.84 -7.23
CA ASP A 95 -2.67 5.18 -8.64
C ASP A 95 -1.53 6.08 -9.09
N THR A 96 -0.57 5.51 -9.80
CA THR A 96 0.57 6.27 -10.29
C THR A 96 0.29 6.88 -11.65
N ASP A 97 0.14 8.19 -11.70
CA ASP A 97 -0.14 8.91 -12.94
C ASP A 97 1.06 9.74 -13.37
N LYS A 98 0.97 10.33 -14.55
CA LYS A 98 2.05 11.16 -15.08
C LYS A 98 1.50 12.35 -15.86
N GLU A 99 2.16 13.49 -15.73
CA GLU A 99 1.73 14.70 -16.42
C GLU A 99 2.75 15.13 -17.46
N SER A 100 4.01 15.25 -17.03
CA SER A 100 5.09 15.65 -17.94
C SER A 100 5.74 14.43 -18.58
N GLY A 101 6.52 14.68 -19.62
CA GLY A 101 7.20 13.58 -20.31
C GLY A 101 8.70 13.77 -20.36
N PRO A 102 9.41 13.15 -19.39
CA PRO A 102 10.86 13.23 -19.31
C PRO A 102 11.57 12.38 -20.37
N SER A 103 12.79 12.75 -20.70
CA SER A 103 13.57 12.02 -21.70
C SER A 103 15.06 12.31 -21.55
N SER A 104 15.86 11.25 -21.59
CA SER A 104 17.31 11.38 -21.46
C SER A 104 18.03 10.33 -22.29
N GLY A 105 19.06 10.76 -23.01
CA GLY A 105 19.82 9.86 -23.85
C GLY A 105 21.17 9.53 -23.26
N GLY A 1 19.68 -21.97 -15.20
CA GLY A 1 19.24 -21.08 -14.15
C GLY A 1 19.38 -19.62 -14.51
N SER A 2 18.30 -18.86 -14.36
CA SER A 2 18.31 -17.44 -14.69
C SER A 2 17.54 -16.64 -13.65
N SER A 3 18.18 -15.60 -13.11
CA SER A 3 17.56 -14.75 -12.11
C SER A 3 17.57 -13.29 -12.55
N GLY A 4 16.69 -12.49 -11.94
CA GLY A 4 16.60 -11.08 -12.28
C GLY A 4 15.17 -10.60 -12.40
N SER A 5 14.96 -9.59 -13.23
CA SER A 5 13.63 -9.04 -13.44
C SER A 5 12.76 -10.00 -14.24
N SER A 6 11.68 -10.46 -13.61
CA SER A 6 10.76 -11.38 -14.25
C SER A 6 9.34 -10.82 -14.28
N GLY A 7 8.76 -10.73 -15.47
CA GLY A 7 7.42 -10.20 -15.61
C GLY A 7 7.17 -8.99 -14.72
N SER A 8 7.40 -7.80 -15.25
CA SER A 8 7.21 -6.57 -14.50
C SER A 8 5.72 -6.30 -14.28
N GLU A 9 5.23 -6.61 -13.08
CA GLU A 9 3.83 -6.39 -12.75
C GLU A 9 3.56 -4.93 -12.44
N SER A 10 3.37 -4.13 -13.49
CA SER A 10 3.11 -2.70 -13.33
C SER A 10 4.23 -2.03 -12.56
N ARG A 11 5.47 -2.34 -12.91
CA ARG A 11 6.64 -1.78 -12.25
C ARG A 11 7.14 -0.55 -13.01
N GLY A 12 6.70 0.63 -12.57
CA GLY A 12 7.12 1.85 -13.21
C GLY A 12 6.73 3.09 -12.42
N GLY A 13 7.71 3.94 -12.14
CA GLY A 13 7.44 5.15 -11.38
C GLY A 13 7.97 5.08 -9.97
N ARG A 14 8.67 6.12 -9.54
CA ARG A 14 9.24 6.16 -8.20
C ARG A 14 8.33 6.96 -7.25
N ASP A 15 7.47 6.24 -6.52
CA ASP A 15 6.55 6.87 -5.58
C ASP A 15 6.71 6.28 -4.19
N ARG A 16 6.43 7.08 -3.18
CA ARG A 16 6.54 6.65 -1.79
C ARG A 16 5.17 6.45 -1.16
N LYS A 17 4.14 6.48 -2.01
CA LYS A 17 2.77 6.29 -1.54
C LYS A 17 2.29 4.86 -1.79
N LEU A 18 1.57 4.32 -0.81
CA LEU A 18 1.05 2.96 -0.93
C LEU A 18 -0.47 2.93 -0.79
N PHE A 19 -1.09 1.92 -1.36
CA PHE A 19 -2.54 1.78 -1.30
C PHE A 19 -2.94 0.43 -0.72
N VAL A 20 -3.55 0.47 0.47
CA VAL A 20 -3.97 -0.76 1.14
C VAL A 20 -5.43 -1.07 0.82
N GLY A 21 -5.78 -2.36 0.88
CA GLY A 21 -7.14 -2.78 0.59
C GLY A 21 -7.56 -3.96 1.42
N MET A 22 -8.84 -4.34 1.30
CA MET A 22 -9.37 -5.48 2.04
C MET A 22 -9.19 -5.27 3.54
N LEU A 23 -9.53 -4.08 4.01
CA LEU A 23 -9.41 -3.75 5.43
C LEU A 23 -10.76 -3.85 6.13
N ASN A 24 -10.73 -4.24 7.40
CA ASN A 24 -11.96 -4.39 8.18
C ASN A 24 -12.30 -3.08 8.89
N LYS A 25 -13.53 -2.97 9.37
CA LYS A 25 -13.99 -1.78 10.07
C LYS A 25 -13.26 -1.62 11.40
N GLN A 26 -12.41 -2.60 11.73
CA GLN A 26 -11.64 -2.56 12.97
C GLN A 26 -10.17 -2.32 12.70
N GLN A 27 -9.88 -1.37 11.79
CA GLN A 27 -8.51 -1.04 11.44
C GLN A 27 -8.32 0.47 11.38
N SER A 28 -7.58 1.00 12.36
CA SER A 28 -7.33 2.44 12.42
C SER A 28 -5.90 2.75 11.97
N GLU A 29 -5.61 4.03 11.80
CA GLU A 29 -4.29 4.47 11.37
C GLU A 29 -3.20 3.88 12.26
N GLU A 30 -3.45 3.87 13.57
CA GLU A 30 -2.50 3.33 14.54
C GLU A 30 -2.22 1.86 14.26
N ASP A 31 -3.29 1.09 14.06
CA ASP A 31 -3.16 -0.34 13.78
C ASP A 31 -2.12 -0.59 12.70
N VAL A 32 -2.39 -0.10 11.49
CA VAL A 32 -1.47 -0.27 10.37
C VAL A 32 -0.10 0.31 10.68
N LEU A 33 -0.07 1.62 10.95
CA LEU A 33 1.17 2.30 11.26
C LEU A 33 2.01 1.49 12.25
N ARG A 34 1.34 0.87 13.21
CA ARG A 34 2.02 0.05 14.21
C ARG A 34 2.60 -1.21 13.58
N LEU A 35 1.85 -1.82 12.69
CA LEU A 35 2.28 -3.04 12.01
C LEU A 35 3.16 -2.71 10.80
N PHE A 36 3.21 -1.43 10.46
CA PHE A 36 4.01 -0.99 9.32
C PHE A 36 5.34 -0.41 9.80
N GLN A 37 5.31 0.26 10.93
CA GLN A 37 6.52 0.86 11.49
C GLN A 37 7.69 -0.12 11.47
N PRO A 38 7.42 -1.36 11.93
CA PRO A 38 8.43 -2.42 11.97
C PRO A 38 9.19 -2.54 10.66
N PHE A 39 8.65 -1.96 9.61
CA PHE A 39 9.29 -2.01 8.30
C PHE A 39 10.02 -0.71 8.00
N GLY A 40 9.41 0.41 8.34
CA GLY A 40 10.03 1.71 8.12
C GLY A 40 9.29 2.83 8.82
N VAL A 41 9.89 4.02 8.81
CA VAL A 41 9.29 5.18 9.45
C VAL A 41 8.23 5.80 8.56
N ILE A 42 6.96 5.54 8.87
CA ILE A 42 5.85 6.08 8.09
C ILE A 42 5.69 7.58 8.35
N ASP A 43 5.17 8.29 7.34
CA ASP A 43 4.96 9.73 7.45
C ASP A 43 3.48 10.04 7.69
N GLU A 44 2.63 9.58 6.78
CA GLU A 44 1.19 9.82 6.90
C GLU A 44 0.41 8.57 6.51
N CYS A 45 -0.63 8.27 7.29
CA CYS A 45 -1.47 7.10 7.03
C CYS A 45 -2.95 7.47 7.11
N THR A 46 -3.57 7.61 5.95
CA THR A 46 -4.99 7.96 5.89
C THR A 46 -5.83 6.77 5.45
N VAL A 47 -6.76 6.35 6.30
CA VAL A 47 -7.63 5.22 5.99
C VAL A 47 -9.00 5.70 5.52
N LEU A 48 -9.46 5.13 4.41
CA LEU A 48 -10.76 5.49 3.85
C LEU A 48 -11.89 4.99 4.73
N ARG A 49 -12.93 5.81 4.88
CA ARG A 49 -14.08 5.46 5.69
C ARG A 49 -15.37 6.02 5.09
N GLY A 50 -16.50 5.70 5.73
CA GLY A 50 -17.78 6.18 5.24
C GLY A 50 -18.39 7.21 6.17
N PRO A 51 -19.71 7.43 6.02
CA PRO A 51 -20.44 8.40 6.85
C PRO A 51 -20.74 7.88 8.24
N ASP A 52 -21.30 6.68 8.32
CA ASP A 52 -21.63 6.07 9.61
C ASP A 52 -20.38 5.89 10.45
N GLY A 53 -19.27 5.55 9.80
CA GLY A 53 -18.01 5.35 10.51
C GLY A 53 -17.48 3.93 10.36
N SER A 54 -17.67 3.36 9.18
CA SER A 54 -17.21 2.00 8.92
C SER A 54 -16.12 2.00 7.84
N SER A 55 -14.93 1.55 8.20
CA SER A 55 -13.81 1.49 7.28
C SER A 55 -14.29 1.16 5.87
N LYS A 56 -13.68 1.80 4.88
CA LYS A 56 -14.04 1.57 3.49
C LYS A 56 -13.37 0.31 2.95
N GLY A 57 -12.33 -0.14 3.63
CA GLY A 57 -11.61 -1.33 3.21
C GLY A 57 -10.27 -1.02 2.57
N CYS A 58 -10.09 0.24 2.18
CA CYS A 58 -8.84 0.67 1.56
C CYS A 58 -8.26 1.86 2.30
N ALA A 59 -6.96 2.09 2.10
CA ALA A 59 -6.27 3.20 2.74
C ALA A 59 -4.99 3.57 1.98
N PHE A 60 -4.32 4.62 2.44
CA PHE A 60 -3.09 5.07 1.81
C PHE A 60 -2.03 5.42 2.85
N VAL A 61 -0.85 4.81 2.71
CA VAL A 61 0.24 5.05 3.65
C VAL A 61 1.47 5.57 2.92
N LYS A 62 2.03 6.67 3.43
CA LYS A 62 3.23 7.26 2.83
C LYS A 62 4.46 6.99 3.69
N PHE A 63 5.53 6.51 3.04
CA PHE A 63 6.76 6.22 3.74
C PHE A 63 7.81 7.29 3.47
N SER A 64 8.82 7.36 4.35
CA SER A 64 9.88 8.34 4.21
C SER A 64 10.80 8.00 3.04
N SER A 65 10.77 6.73 2.63
CA SER A 65 11.60 6.27 1.53
C SER A 65 10.85 5.27 0.66
N HIS A 66 11.37 5.01 -0.53
CA HIS A 66 10.75 4.06 -1.46
C HIS A 66 11.00 2.63 -1.01
N THR A 67 12.22 2.35 -0.58
CA THR A 67 12.59 1.02 -0.13
C THR A 67 11.64 0.52 0.96
N GLU A 68 11.58 1.25 2.06
CA GLU A 68 10.71 0.89 3.18
C GLU A 68 9.36 0.39 2.67
N ALA A 69 8.77 1.15 1.75
CA ALA A 69 7.48 0.79 1.18
C ALA A 69 7.54 -0.56 0.48
N GLN A 70 8.36 -0.64 -0.56
CA GLN A 70 8.52 -1.88 -1.32
C GLN A 70 8.42 -3.09 -0.41
N ALA A 71 9.09 -3.02 0.74
CA ALA A 71 9.07 -4.12 1.70
C ALA A 71 7.68 -4.30 2.30
N ALA A 72 7.22 -3.29 3.02
CA ALA A 72 5.91 -3.34 3.65
C ALA A 72 4.87 -3.95 2.71
N ILE A 73 5.09 -3.80 1.41
CA ILE A 73 4.17 -4.34 0.42
C ILE A 73 4.26 -5.86 0.36
N HIS A 74 5.37 -6.37 -0.19
CA HIS A 74 5.57 -7.80 -0.30
C HIS A 74 5.57 -8.46 1.08
N ALA A 75 5.73 -7.65 2.11
CA ALA A 75 5.75 -8.15 3.49
C ALA A 75 4.33 -8.28 4.04
N LEU A 76 3.42 -7.47 3.50
CA LEU A 76 2.03 -7.49 3.94
C LEU A 76 1.08 -7.53 2.75
N HIS A 77 1.58 -8.06 1.62
CA HIS A 77 0.77 -8.16 0.41
C HIS A 77 0.02 -9.49 0.37
N GLY A 78 -1.30 -9.41 0.29
CA GLY A 78 -2.11 -10.62 0.25
C GLY A 78 -1.54 -11.74 1.09
N SER A 79 -0.86 -11.38 2.17
CA SER A 79 -0.24 -12.36 3.06
C SER A 79 -1.11 -12.58 4.30
N GLN A 80 -1.68 -11.50 4.82
CA GLN A 80 -2.53 -11.57 6.00
C GLN A 80 -4.00 -11.54 5.61
N THR A 81 -4.86 -11.94 6.54
CA THR A 81 -6.30 -11.95 6.31
C THR A 81 -7.07 -11.35 7.47
N MET A 82 -7.14 -10.03 7.52
CA MET A 82 -7.84 -9.33 8.58
C MET A 82 -9.09 -10.09 9.00
N PRO A 83 -9.54 -9.86 10.24
CA PRO A 83 -10.74 -10.51 10.78
C PRO A 83 -12.02 -10.05 10.09
N GLY A 84 -12.89 -11.01 9.78
CA GLY A 84 -14.14 -10.68 9.12
C GLY A 84 -14.07 -10.87 7.62
N ALA A 85 -12.92 -10.58 7.04
CA ALA A 85 -12.74 -10.73 5.60
C ALA A 85 -12.23 -12.13 5.26
N SER A 86 -12.57 -12.60 4.05
CA SER A 86 -12.16 -13.92 3.61
C SER A 86 -10.95 -13.83 2.68
N SER A 87 -10.65 -12.61 2.23
CA SER A 87 -9.52 -12.39 1.33
C SER A 87 -8.32 -11.86 2.09
N SER A 88 -7.17 -11.82 1.42
CA SER A 88 -5.94 -11.34 2.04
C SER A 88 -5.73 -9.85 1.76
N LEU A 89 -5.10 -9.17 2.69
CA LEU A 89 -4.83 -7.74 2.54
C LEU A 89 -4.29 -7.42 1.16
N VAL A 90 -4.56 -6.20 0.69
CA VAL A 90 -4.10 -5.78 -0.63
C VAL A 90 -3.23 -4.53 -0.53
N VAL A 91 -1.93 -4.71 -0.67
CA VAL A 91 -0.98 -3.60 -0.60
C VAL A 91 -0.27 -3.40 -1.94
N LYS A 92 -0.49 -2.24 -2.54
CA LYS A 92 0.13 -1.92 -3.83
C LYS A 92 0.22 -0.41 -4.02
N PHE A 93 1.27 0.02 -4.72
CA PHE A 93 1.47 1.45 -4.98
C PHE A 93 0.19 2.10 -5.49
N ALA A 94 -0.06 3.32 -5.04
CA ALA A 94 -1.25 4.05 -5.45
C ALA A 94 -1.15 4.48 -6.92
N ASP A 95 -2.20 5.11 -7.42
CA ASP A 95 -2.23 5.58 -8.80
C ASP A 95 -0.85 6.08 -9.23
N THR A 96 -0.28 5.42 -10.23
CA THR A 96 1.03 5.79 -10.73
C THR A 96 0.96 6.21 -12.20
N ASP A 97 1.26 7.47 -12.46
CA ASP A 97 1.22 8.00 -13.82
C ASP A 97 2.55 8.66 -14.19
N LYS A 98 3.35 7.96 -14.97
CA LYS A 98 4.65 8.48 -15.39
C LYS A 98 4.81 8.42 -16.90
N GLU A 99 4.89 9.59 -17.54
CA GLU A 99 5.04 9.66 -18.99
C GLU A 99 6.51 9.64 -19.39
N SER A 100 7.00 8.46 -19.74
CA SER A 100 8.39 8.31 -20.15
C SER A 100 8.66 8.99 -21.48
N GLY A 101 7.95 8.54 -22.52
CA GLY A 101 8.12 9.13 -23.84
C GLY A 101 6.84 9.70 -24.38
N PRO A 102 6.68 11.02 -24.29
CA PRO A 102 5.48 11.72 -24.78
C PRO A 102 5.05 11.23 -26.15
N SER A 103 3.82 10.72 -26.23
CA SER A 103 3.29 10.22 -27.49
C SER A 103 3.69 11.12 -28.65
N SER A 104 4.37 10.53 -29.63
CA SER A 104 4.83 11.27 -30.80
C SER A 104 3.65 11.63 -31.70
N GLY A 105 2.83 10.65 -32.01
CA GLY A 105 1.66 10.88 -32.87
C GLY A 105 0.64 9.77 -32.77
#